data_1QFP
# 
_entry.id   1QFP 
# 
_audit_conform.dict_name       mmcif_pdbx.dic 
_audit_conform.dict_version    5.398 
_audit_conform.dict_location   http://mmcif.pdb.org/dictionaries/ascii/mmcif_pdbx.dic 
# 
loop_
_database_2.database_id 
_database_2.database_code 
_database_2.pdbx_database_accession 
_database_2.pdbx_DOI 
PDB   1QFP         pdb_00001qfp 10.2210/pdb1qfp/pdb 
RCSB  RCSB000834   ?            ?                   
WWPDB D_1000000834 ?            ?                   
# 
loop_
_pdbx_audit_revision_history.ordinal 
_pdbx_audit_revision_history.data_content_type 
_pdbx_audit_revision_history.major_revision 
_pdbx_audit_revision_history.minor_revision 
_pdbx_audit_revision_history.revision_date 
1 'Structure model' 1 0 1999-04-16 
2 'Structure model' 1 1 2008-04-26 
3 'Structure model' 1 2 2011-07-13 
4 'Structure model' 1 3 2023-12-27 
5 'Structure model' 1 4 2024-11-06 
# 
_pdbx_audit_revision_details.ordinal             1 
_pdbx_audit_revision_details.revision_ordinal    1 
_pdbx_audit_revision_details.data_content_type   'Structure model' 
_pdbx_audit_revision_details.provider            repository 
_pdbx_audit_revision_details.type                'Initial release' 
_pdbx_audit_revision_details.description         ? 
_pdbx_audit_revision_details.details             ? 
# 
loop_
_pdbx_audit_revision_group.ordinal 
_pdbx_audit_revision_group.revision_ordinal 
_pdbx_audit_revision_group.data_content_type 
_pdbx_audit_revision_group.group 
1 2 'Structure model' 'Version format compliance' 
2 3 'Structure model' 'Version format compliance' 
3 4 'Structure model' 'Data collection'           
4 4 'Structure model' 'Database references'       
5 5 'Structure model' 'Structure summary'         
# 
loop_
_pdbx_audit_revision_category.ordinal 
_pdbx_audit_revision_category.revision_ordinal 
_pdbx_audit_revision_category.data_content_type 
_pdbx_audit_revision_category.category 
1 4 'Structure model' chem_comp_atom            
2 4 'Structure model' chem_comp_bond            
3 4 'Structure model' database_2                
4 5 'Structure model' pdbx_entry_details        
5 5 'Structure model' pdbx_modification_feature 
# 
loop_
_pdbx_audit_revision_item.ordinal 
_pdbx_audit_revision_item.revision_ordinal 
_pdbx_audit_revision_item.data_content_type 
_pdbx_audit_revision_item.item 
1 4 'Structure model' '_database_2.pdbx_DOI'                
2 4 'Structure model' '_database_2.pdbx_database_accession' 
# 
_pdbx_database_status.status_code                     REL 
_pdbx_database_status.entry_id                        1QFP 
_pdbx_database_status.recvd_initial_deposition_date   1999-04-12 
_pdbx_database_status.deposit_site                    PDBE 
_pdbx_database_status.process_site                    RCSB 
_pdbx_database_status.status_code_sf                  REL 
_pdbx_database_status.SG_entry                        . 
_pdbx_database_status.pdb_format_compatible           Y 
_pdbx_database_status.status_code_mr                  ? 
_pdbx_database_status.status_code_cs                  ? 
_pdbx_database_status.status_code_nmr_data            ? 
_pdbx_database_status.methods_development_category    ? 
# 
loop_
_audit_author.name 
_audit_author.pdbx_ordinal 
'May, A.P.'      1 
'Robinson, R.C.' 2 
'Burtnick, L.'   3 
'Crocker, P.R.'  4 
'Jones, E.Y.'    5 
# 
_citation.id                        primary 
_citation.title                     
;Crystal structure of the N-terminal domain of sialoadhesin in complex with 3' sialyllactose at 1.85 A resolution.
;
_citation.journal_abbrev            Mol.Cell 
_citation.journal_volume            1 
_citation.page_first                719 
_citation.page_last                 728 
_citation.year                      1998 
_citation.journal_id_ASTM           MOCEFL 
_citation.country                   US 
_citation.journal_id_ISSN           1097-2765 
_citation.journal_id_CSD            2168 
_citation.book_publisher            ? 
_citation.pdbx_database_id_PubMed   9660955 
_citation.pdbx_database_id_DOI      '10.1016/S1097-2765(00)80071-4' 
# 
loop_
_citation_author.citation_id 
_citation_author.name 
_citation_author.ordinal 
_citation_author.identifier_ORCID 
primary 'May, A.P.'      1 ? 
primary 'Robinson, R.C.' 2 ? 
primary 'Vinson, M.'     3 ? 
primary 'Crocker, P.R.'  4 ? 
primary 'Jones, E.Y.'    5 ? 
# 
_entity.id                         1 
_entity.type                       polymer 
_entity.src_method                 man 
_entity.pdbx_description           'PROTEIN (SIALOADHESIN)' 
_entity.formula_weight             13319.107 
_entity.pdbx_number_of_molecules   1 
_entity.pdbx_ec                    ? 
_entity.pdbx_mutation              ? 
_entity.pdbx_fragment              'N-TERMINAL SIALIC ACID-BINDING DOMAIN' 
_entity.details                    ? 
# 
_entity_poly.entity_id                      1 
_entity_poly.type                           'polypeptide(L)' 
_entity_poly.nstd_linkage                   no 
_entity_poly.nstd_monomer                   no 
_entity_poly.pdbx_seq_one_letter_code       
;TWGVSSPKNVQGLSGSCLLIPCIFSYPADVPVSNGITAIWYYDYSGKRQVVIHSGDPKLVDKRFRGRAELMGNMDHKVCN
LLLKDLKPEDSGTYNFRFEISDSNRWLDVKGTTVTVTTD
;
_entity_poly.pdbx_seq_one_letter_code_can   
;TWGVSSPKNVQGLSGSCLLIPCIFSYPADVPVSNGITAIWYYDYSGKRQVVIHSGDPKLVDKRFRGRAELMGNMDHKVCN
LLLKDLKPEDSGTYNFRFEISDSNRWLDVKGTTVTVTTD
;
_entity_poly.pdbx_strand_id                 A 
_entity_poly.pdbx_target_identifier         ? 
# 
loop_
_entity_poly_seq.entity_id 
_entity_poly_seq.num 
_entity_poly_seq.mon_id 
_entity_poly_seq.hetero 
1 1   THR n 
1 2   TRP n 
1 3   GLY n 
1 4   VAL n 
1 5   SER n 
1 6   SER n 
1 7   PRO n 
1 8   LYS n 
1 9   ASN n 
1 10  VAL n 
1 11  GLN n 
1 12  GLY n 
1 13  LEU n 
1 14  SER n 
1 15  GLY n 
1 16  SER n 
1 17  CYS n 
1 18  LEU n 
1 19  LEU n 
1 20  ILE n 
1 21  PRO n 
1 22  CYS n 
1 23  ILE n 
1 24  PHE n 
1 25  SER n 
1 26  TYR n 
1 27  PRO n 
1 28  ALA n 
1 29  ASP n 
1 30  VAL n 
1 31  PRO n 
1 32  VAL n 
1 33  SER n 
1 34  ASN n 
1 35  GLY n 
1 36  ILE n 
1 37  THR n 
1 38  ALA n 
1 39  ILE n 
1 40  TRP n 
1 41  TYR n 
1 42  TYR n 
1 43  ASP n 
1 44  TYR n 
1 45  SER n 
1 46  GLY n 
1 47  LYS n 
1 48  ARG n 
1 49  GLN n 
1 50  VAL n 
1 51  VAL n 
1 52  ILE n 
1 53  HIS n 
1 54  SER n 
1 55  GLY n 
1 56  ASP n 
1 57  PRO n 
1 58  LYS n 
1 59  LEU n 
1 60  VAL n 
1 61  ASP n 
1 62  LYS n 
1 63  ARG n 
1 64  PHE n 
1 65  ARG n 
1 66  GLY n 
1 67  ARG n 
1 68  ALA n 
1 69  GLU n 
1 70  LEU n 
1 71  MET n 
1 72  GLY n 
1 73  ASN n 
1 74  MET n 
1 75  ASP n 
1 76  HIS n 
1 77  LYS n 
1 78  VAL n 
1 79  CYS n 
1 80  ASN n 
1 81  LEU n 
1 82  LEU n 
1 83  LEU n 
1 84  LYS n 
1 85  ASP n 
1 86  LEU n 
1 87  LYS n 
1 88  PRO n 
1 89  GLU n 
1 90  ASP n 
1 91  SER n 
1 92  GLY n 
1 93  THR n 
1 94  TYR n 
1 95  ASN n 
1 96  PHE n 
1 97  ARG n 
1 98  PHE n 
1 99  GLU n 
1 100 ILE n 
1 101 SER n 
1 102 ASP n 
1 103 SER n 
1 104 ASN n 
1 105 ARG n 
1 106 TRP n 
1 107 LEU n 
1 108 ASP n 
1 109 VAL n 
1 110 LYS n 
1 111 GLY n 
1 112 THR n 
1 113 THR n 
1 114 VAL n 
1 115 THR n 
1 116 VAL n 
1 117 THR n 
1 118 THR n 
1 119 ASP n 
# 
_entity_src_gen.entity_id                          1 
_entity_src_gen.pdbx_src_id                        1 
_entity_src_gen.pdbx_alt_source_flag               sample 
_entity_src_gen.pdbx_seq_type                      ? 
_entity_src_gen.pdbx_beg_seq_num                   ? 
_entity_src_gen.pdbx_end_seq_num                   ? 
_entity_src_gen.gene_src_common_name               'house mouse' 
_entity_src_gen.gene_src_genus                     Mus 
_entity_src_gen.pdbx_gene_src_gene                 ? 
_entity_src_gen.gene_src_species                   ? 
_entity_src_gen.gene_src_strain                    ? 
_entity_src_gen.gene_src_tissue                    ? 
_entity_src_gen.gene_src_tissue_fraction           ? 
_entity_src_gen.gene_src_details                   ? 
_entity_src_gen.pdbx_gene_src_fragment             ? 
_entity_src_gen.pdbx_gene_src_scientific_name      'Mus musculus' 
_entity_src_gen.pdbx_gene_src_ncbi_taxonomy_id     10090 
_entity_src_gen.pdbx_gene_src_variant              ? 
_entity_src_gen.pdbx_gene_src_cell_line            ? 
_entity_src_gen.pdbx_gene_src_atcc                 ? 
_entity_src_gen.pdbx_gene_src_organ                ? 
_entity_src_gen.pdbx_gene_src_organelle            ? 
_entity_src_gen.pdbx_gene_src_cell                 ? 
_entity_src_gen.pdbx_gene_src_cellular_location    ? 
_entity_src_gen.host_org_common_name               'Chinese hamster' 
_entity_src_gen.pdbx_host_org_scientific_name      'Cricetulus griseus' 
_entity_src_gen.pdbx_host_org_ncbi_taxonomy_id     10029 
_entity_src_gen.host_org_genus                     Cricetulus 
_entity_src_gen.pdbx_host_org_gene                 ? 
_entity_src_gen.pdbx_host_org_organ                ? 
_entity_src_gen.host_org_species                   ? 
_entity_src_gen.pdbx_host_org_tissue               ? 
_entity_src_gen.pdbx_host_org_tissue_fraction      ? 
_entity_src_gen.pdbx_host_org_strain               ? 
_entity_src_gen.pdbx_host_org_variant              ? 
_entity_src_gen.pdbx_host_org_cell_line            ? 
_entity_src_gen.pdbx_host_org_atcc                 ? 
_entity_src_gen.pdbx_host_org_culture_collection   ? 
_entity_src_gen.pdbx_host_org_cell                 ? 
_entity_src_gen.pdbx_host_org_organelle            ? 
_entity_src_gen.pdbx_host_org_cellular_location    ? 
_entity_src_gen.pdbx_host_org_vector_type          PLASMID 
_entity_src_gen.pdbx_host_org_vector               ? 
_entity_src_gen.host_org_details                   ? 
_entity_src_gen.expression_system_id               ? 
_entity_src_gen.plasmid_name                       PEE14 
_entity_src_gen.plasmid_details                    ? 
_entity_src_gen.pdbx_description                   ? 
# 
loop_
_chem_comp.id 
_chem_comp.type 
_chem_comp.mon_nstd_flag 
_chem_comp.name 
_chem_comp.pdbx_synonyms 
_chem_comp.formula 
_chem_comp.formula_weight 
ALA 'L-peptide linking' y ALANINE         ? 'C3 H7 N O2'     89.093  
ARG 'L-peptide linking' y ARGININE        ? 'C6 H15 N4 O2 1' 175.209 
ASN 'L-peptide linking' y ASPARAGINE      ? 'C4 H8 N2 O3'    132.118 
ASP 'L-peptide linking' y 'ASPARTIC ACID' ? 'C4 H7 N O4'     133.103 
CYS 'L-peptide linking' y CYSTEINE        ? 'C3 H7 N O2 S'   121.158 
GLN 'L-peptide linking' y GLUTAMINE       ? 'C5 H10 N2 O3'   146.144 
GLU 'L-peptide linking' y 'GLUTAMIC ACID' ? 'C5 H9 N O4'     147.129 
GLY 'peptide linking'   y GLYCINE         ? 'C2 H5 N O2'     75.067  
HIS 'L-peptide linking' y HISTIDINE       ? 'C6 H10 N3 O2 1' 156.162 
ILE 'L-peptide linking' y ISOLEUCINE      ? 'C6 H13 N O2'    131.173 
LEU 'L-peptide linking' y LEUCINE         ? 'C6 H13 N O2'    131.173 
LYS 'L-peptide linking' y LYSINE          ? 'C6 H15 N2 O2 1' 147.195 
MET 'L-peptide linking' y METHIONINE      ? 'C5 H11 N O2 S'  149.211 
PHE 'L-peptide linking' y PHENYLALANINE   ? 'C9 H11 N O2'    165.189 
PRO 'L-peptide linking' y PROLINE         ? 'C5 H9 N O2'     115.130 
SER 'L-peptide linking' y SERINE          ? 'C3 H7 N O3'     105.093 
THR 'L-peptide linking' y THREONINE       ? 'C4 H9 N O3'     119.119 
TRP 'L-peptide linking' y TRYPTOPHAN      ? 'C11 H12 N2 O2'  204.225 
TYR 'L-peptide linking' y TYROSINE        ? 'C9 H11 N O3'    181.189 
VAL 'L-peptide linking' y VALINE          ? 'C5 H11 N O2'    117.146 
# 
loop_
_pdbx_poly_seq_scheme.asym_id 
_pdbx_poly_seq_scheme.entity_id 
_pdbx_poly_seq_scheme.seq_id 
_pdbx_poly_seq_scheme.mon_id 
_pdbx_poly_seq_scheme.ndb_seq_num 
_pdbx_poly_seq_scheme.pdb_seq_num 
_pdbx_poly_seq_scheme.auth_seq_num 
_pdbx_poly_seq_scheme.pdb_mon_id 
_pdbx_poly_seq_scheme.auth_mon_id 
_pdbx_poly_seq_scheme.pdb_strand_id 
_pdbx_poly_seq_scheme.pdb_ins_code 
_pdbx_poly_seq_scheme.hetero 
A 1 1   THR 1   1   1   THR THR A . n 
A 1 2   TRP 2   2   2   TRP TRP A . n 
A 1 3   GLY 3   3   3   GLY GLY A . n 
A 1 4   VAL 4   4   4   VAL VAL A . n 
A 1 5   SER 5   5   5   SER SER A . n 
A 1 6   SER 6   6   6   SER SER A . n 
A 1 7   PRO 7   7   7   PRO PRO A . n 
A 1 8   LYS 8   8   8   LYS LYS A . n 
A 1 9   ASN 9   9   9   ASN ASN A . n 
A 1 10  VAL 10  10  10  VAL VAL A . n 
A 1 11  GLN 11  11  11  GLN GLN A . n 
A 1 12  GLY 12  12  12  GLY GLY A . n 
A 1 13  LEU 13  13  13  LEU LEU A . n 
A 1 14  SER 14  14  14  SER SER A . n 
A 1 15  GLY 15  15  15  GLY GLY A . n 
A 1 16  SER 16  16  16  SER SER A . n 
A 1 17  CYS 17  17  17  CYS CYS A . n 
A 1 18  LEU 18  18  18  LEU LEU A . n 
A 1 19  LEU 19  19  19  LEU LEU A . n 
A 1 20  ILE 20  20  20  ILE ILE A . n 
A 1 21  PRO 21  21  21  PRO PRO A . n 
A 1 22  CYS 22  22  22  CYS CYS A . n 
A 1 23  ILE 23  23  23  ILE ILE A . n 
A 1 24  PHE 24  24  24  PHE PHE A . n 
A 1 25  SER 25  25  25  SER SER A . n 
A 1 26  TYR 26  26  26  TYR TYR A . n 
A 1 27  PRO 27  27  27  PRO PRO A . n 
A 1 28  ALA 28  28  28  ALA ALA A . n 
A 1 29  ASP 29  29  29  ASP ASP A . n 
A 1 30  VAL 30  30  30  VAL VAL A . n 
A 1 31  PRO 31  31  31  PRO PRO A . n 
A 1 32  VAL 32  32  32  VAL VAL A . n 
A 1 33  SER 33  33  33  SER SER A . n 
A 1 34  ASN 34  34  34  ASN ASN A . n 
A 1 35  GLY 35  35  35  GLY GLY A . n 
A 1 36  ILE 36  36  36  ILE ILE A . n 
A 1 37  THR 37  37  37  THR THR A . n 
A 1 38  ALA 38  38  38  ALA ALA A . n 
A 1 39  ILE 39  39  39  ILE ILE A . n 
A 1 40  TRP 40  40  40  TRP TRP A . n 
A 1 41  TYR 41  41  41  TYR TYR A . n 
A 1 42  TYR 42  42  42  TYR TYR A . n 
A 1 43  ASP 43  43  43  ASP ASP A . n 
A 1 44  TYR 44  44  44  TYR TYR A . n 
A 1 45  SER 45  45  45  SER SER A . n 
A 1 46  GLY 46  46  46  GLY GLY A . n 
A 1 47  LYS 47  47  47  LYS LYS A . n 
A 1 48  ARG 48  48  48  ARG ARG A . n 
A 1 49  GLN 49  49  49  GLN GLN A . n 
A 1 50  VAL 50  50  50  VAL VAL A . n 
A 1 51  VAL 51  51  51  VAL VAL A . n 
A 1 52  ILE 52  52  52  ILE ILE A . n 
A 1 53  HIS 53  53  53  HIS HIS A . n 
A 1 54  SER 54  54  54  SER SER A . n 
A 1 55  GLY 55  55  55  GLY GLY A . n 
A 1 56  ASP 56  56  56  ASP ASP A . n 
A 1 57  PRO 57  57  57  PRO PRO A . n 
A 1 58  LYS 58  58  58  LYS LYS A . n 
A 1 59  LEU 59  59  59  LEU LEU A . n 
A 1 60  VAL 60  60  60  VAL VAL A . n 
A 1 61  ASP 61  61  61  ASP ASP A . n 
A 1 62  LYS 62  62  62  LYS LYS A . n 
A 1 63  ARG 63  63  63  ARG ARG A . n 
A 1 64  PHE 64  64  64  PHE PHE A . n 
A 1 65  ARG 65  65  65  ARG ARG A . n 
A 1 66  GLY 66  66  66  GLY GLY A . n 
A 1 67  ARG 67  67  67  ARG ARG A . n 
A 1 68  ALA 68  68  68  ALA ALA A . n 
A 1 69  GLU 69  69  69  GLU GLU A . n 
A 1 70  LEU 70  70  70  LEU LEU A . n 
A 1 71  MET 71  71  71  MET MET A . n 
A 1 72  GLY 72  72  72  GLY GLY A . n 
A 1 73  ASN 73  73  73  ASN ASN A . n 
A 1 74  MET 74  74  74  MET MET A . n 
A 1 75  ASP 75  75  75  ASP ASP A . n 
A 1 76  HIS 76  76  76  HIS HIS A . n 
A 1 77  LYS 77  77  77  LYS LYS A . n 
A 1 78  VAL 78  78  78  VAL VAL A . n 
A 1 79  CYS 79  79  79  CYS CYS A . n 
A 1 80  ASN 80  80  80  ASN ASN A . n 
A 1 81  LEU 81  81  81  LEU LEU A . n 
A 1 82  LEU 82  82  82  LEU LEU A . n 
A 1 83  LEU 83  83  83  LEU LEU A . n 
A 1 84  LYS 84  84  84  LYS LYS A . n 
A 1 85  ASP 85  85  85  ASP ASP A . n 
A 1 86  LEU 86  86  86  LEU LEU A . n 
A 1 87  LYS 87  87  87  LYS LYS A . n 
A 1 88  PRO 88  88  88  PRO PRO A . n 
A 1 89  GLU 89  89  89  GLU GLU A . n 
A 1 90  ASP 90  90  90  ASP ASP A . n 
A 1 91  SER 91  91  91  SER SER A . n 
A 1 92  GLY 92  92  92  GLY GLY A . n 
A 1 93  THR 93  93  93  THR THR A . n 
A 1 94  TYR 94  94  94  TYR TYR A . n 
A 1 95  ASN 95  95  95  ASN ASN A . n 
A 1 96  PHE 96  96  96  PHE PHE A . n 
A 1 97  ARG 97  97  97  ARG ARG A . n 
A 1 98  PHE 98  98  98  PHE PHE A . n 
A 1 99  GLU 99  99  99  GLU GLU A . n 
A 1 100 ILE 100 100 100 ILE ILE A . n 
A 1 101 SER 101 101 101 SER SER A . n 
A 1 102 ASP 102 102 102 ASP ASP A . n 
A 1 103 SER 103 103 103 SER SER A . n 
A 1 104 ASN 104 104 104 ASN ASN A . n 
A 1 105 ARG 105 105 105 ARG ARG A . n 
A 1 106 TRP 106 106 106 TRP TRP A . n 
A 1 107 LEU 107 107 107 LEU LEU A . n 
A 1 108 ASP 108 108 108 ASP ASP A . n 
A 1 109 VAL 109 109 109 VAL VAL A . n 
A 1 110 LYS 110 110 110 LYS LYS A . n 
A 1 111 GLY 111 111 111 GLY GLY A . n 
A 1 112 THR 112 112 112 THR THR A . n 
A 1 113 THR 113 113 113 THR THR A . n 
A 1 114 VAL 114 114 114 VAL VAL A . n 
A 1 115 THR 115 115 115 THR THR A . n 
A 1 116 VAL 116 116 116 VAL VAL A . n 
A 1 117 THR 117 117 117 THR THR A . n 
A 1 118 THR 118 118 118 THR THR A . n 
A 1 119 ASP 119 119 119 ASP ASP A . n 
# 
loop_
_pdbx_unobs_or_zero_occ_atoms.id 
_pdbx_unobs_or_zero_occ_atoms.PDB_model_num 
_pdbx_unobs_or_zero_occ_atoms.polymer_flag 
_pdbx_unobs_or_zero_occ_atoms.occupancy_flag 
_pdbx_unobs_or_zero_occ_atoms.auth_asym_id 
_pdbx_unobs_or_zero_occ_atoms.auth_comp_id 
_pdbx_unobs_or_zero_occ_atoms.auth_seq_id 
_pdbx_unobs_or_zero_occ_atoms.PDB_ins_code 
_pdbx_unobs_or_zero_occ_atoms.auth_atom_id 
_pdbx_unobs_or_zero_occ_atoms.label_alt_id 
_pdbx_unobs_or_zero_occ_atoms.label_asym_id 
_pdbx_unobs_or_zero_occ_atoms.label_comp_id 
_pdbx_unobs_or_zero_occ_atoms.label_seq_id 
_pdbx_unobs_or_zero_occ_atoms.label_atom_id 
1  1 Y 1 A LYS 8   ? CG  ? A LYS 8   CG  
2  1 Y 1 A LYS 8   ? CD  ? A LYS 8   CD  
3  1 Y 1 A LYS 8   ? CE  ? A LYS 8   CE  
4  1 Y 1 A LYS 8   ? NZ  ? A LYS 8   NZ  
5  1 Y 1 A GLN 11  ? CG  ? A GLN 11  CG  
6  1 Y 1 A GLN 11  ? CD  ? A GLN 11  CD  
7  1 Y 1 A GLN 11  ? OE1 ? A GLN 11  OE1 
8  1 Y 1 A GLN 11  ? NE2 ? A GLN 11  NE2 
9  1 Y 1 A LEU 13  ? CG  ? A LEU 13  CG  
10 1 Y 1 A LEU 13  ? CD1 ? A LEU 13  CD1 
11 1 Y 1 A LEU 13  ? CD2 ? A LEU 13  CD2 
12 1 Y 1 A LYS 47  ? CG  ? A LYS 47  CG  
13 1 Y 1 A LYS 47  ? CD  ? A LYS 47  CD  
14 1 Y 1 A LYS 47  ? CE  ? A LYS 47  CE  
15 1 Y 1 A LYS 47  ? NZ  ? A LYS 47  NZ  
16 1 Y 1 A LYS 58  ? CG  ? A LYS 58  CG  
17 1 Y 1 A LYS 58  ? CD  ? A LYS 58  CD  
18 1 Y 1 A LYS 58  ? CE  ? A LYS 58  CE  
19 1 Y 1 A LYS 58  ? NZ  ? A LYS 58  NZ  
20 1 Y 1 A ARG 65  ? CG  ? A ARG 65  CG  
21 1 Y 1 A ARG 65  ? CD  ? A ARG 65  CD  
22 1 Y 1 A ARG 65  ? NE  ? A ARG 65  NE  
23 1 Y 1 A ARG 65  ? CZ  ? A ARG 65  CZ  
24 1 Y 1 A ARG 65  ? NH1 ? A ARG 65  NH1 
25 1 Y 1 A ARG 65  ? NH2 ? A ARG 65  NH2 
26 1 Y 1 A LYS 110 ? CG  ? A LYS 110 CG  
27 1 Y 1 A LYS 110 ? CD  ? A LYS 110 CD  
28 1 Y 1 A LYS 110 ? CE  ? A LYS 110 CE  
29 1 Y 1 A LYS 110 ? NZ  ? A LYS 110 NZ  
30 1 Y 1 A ASP 119 ? CA  ? A ASP 119 CA  
31 1 Y 1 A ASP 119 ? C   ? A ASP 119 C   
32 1 Y 1 A ASP 119 ? O   ? A ASP 119 O   
33 1 Y 1 A ASP 119 ? CB  ? A ASP 119 CB  
34 1 Y 1 A ASP 119 ? CG  ? A ASP 119 CG  
35 1 Y 1 A ASP 119 ? OD1 ? A ASP 119 OD1 
36 1 Y 1 A ASP 119 ? OD2 ? A ASP 119 OD2 
# 
loop_
_software.name 
_software.classification 
_software.version 
_software.citation_id 
_software.pdbx_ordinal 
DENZO     'data reduction' .   ? 1 
SCALEPACK 'data scaling'   .   ? 2 
PHASES    phasing          .   ? 3 
CNS       refinement       0.5 ? 4 
# 
_cell.entry_id           1QFP 
_cell.length_a           38.900 
_cell.length_b           38.900 
_cell.length_c           152.500 
_cell.angle_alpha        90.00 
_cell.angle_beta         90.00 
_cell.angle_gamma        120.00 
_cell.Z_PDB              6 
_cell.pdbx_unique_axis   ? 
# 
_symmetry.entry_id                         1QFP 
_symmetry.space_group_name_H-M             'P 31 2 1' 
_symmetry.pdbx_full_space_group_name_H-M   ? 
_symmetry.cell_setting                     trigonal 
_symmetry.Int_Tables_number                152 
# 
_exptl.entry_id          1QFP 
_exptl.method            'X-RAY DIFFRACTION' 
_exptl.crystals_number   1 
# 
_exptl_crystal.id                    1 
_exptl_crystal.density_meas          ? 
_exptl_crystal.density_Matthews      2.9 
_exptl_crystal.density_percent_sol   58 
_exptl_crystal.description           ? 
# 
_exptl_crystal_grow.crystal_id      1 
_exptl_crystal_grow.method          ? 
_exptl_crystal_grow.temp            ? 
_exptl_crystal_grow.temp_details    ? 
_exptl_crystal_grow.pH              7.5 
_exptl_crystal_grow.pdbx_details    
'16 % (W/V) PEG 4000, 8% (V/V) PROPAN-2-OL, 10 MM DTT, 80MM SODIUM HEPES PH 7.5, 5MG/ML PROTEIN' 
_exptl_crystal_grow.pdbx_pH_range   ? 
# 
_diffrn.id                     1 
_diffrn.ambient_temp           287 
_diffrn.ambient_temp_details   ? 
_diffrn.crystal_id             1 
# 
_diffrn_detector.diffrn_id              1 
_diffrn_detector.detector               'IMAGE PLATE' 
_diffrn_detector.type                   MARRESEARCH 
_diffrn_detector.pdbx_collection_date   ? 
_diffrn_detector.details                ? 
# 
_diffrn_radiation.diffrn_id                        1 
_diffrn_radiation.wavelength_id                    1 
_diffrn_radiation.pdbx_monochromatic_or_laue_m_l   M 
_diffrn_radiation.monochromator                    ? 
_diffrn_radiation.pdbx_diffrn_protocol             'SINGLE WAVELENGTH' 
_diffrn_radiation.pdbx_scattering_type             x-ray 
# 
_diffrn_radiation_wavelength.id           1 
_diffrn_radiation_wavelength.wavelength   0.9700 
_diffrn_radiation_wavelength.wt           1.0 
# 
_diffrn_source.diffrn_id                   1 
_diffrn_source.source                      SYNCHROTRON 
_diffrn_source.type                        'SRS BEAMLINE PX7.2' 
_diffrn_source.pdbx_synchrotron_site       SRS 
_diffrn_source.pdbx_synchrotron_beamline   PX7.2 
_diffrn_source.pdbx_wavelength             0.9700 
_diffrn_source.pdbx_wavelength_list        ? 
# 
_reflns.entry_id                     1QFP 
_reflns.observed_criterion_sigma_I   0 
_reflns.observed_criterion_sigma_F   ? 
_reflns.d_resolution_low             20.0 
_reflns.d_resolution_high            2.8 
_reflns.number_obs                   3275 
_reflns.number_all                   3275 
_reflns.percent_possible_obs         89.7 
_reflns.pdbx_Rmerge_I_obs            0.067 
_reflns.pdbx_Rsym_value              ? 
_reflns.pdbx_netI_over_sigmaI        ? 
_reflns.B_iso_Wilson_estimate        60.3 
_reflns.pdbx_redundancy              ? 
_reflns.R_free_details               ? 
_reflns.limit_h_max                  ? 
_reflns.limit_h_min                  ? 
_reflns.limit_k_max                  ? 
_reflns.limit_k_min                  ? 
_reflns.limit_l_max                  ? 
_reflns.limit_l_min                  ? 
_reflns.observed_criterion_F_max     ? 
_reflns.observed_criterion_F_min     ? 
_reflns.pdbx_diffrn_id               1 
_reflns.pdbx_ordinal                 1 
# 
_reflns_shell.d_res_high             2.8 
_reflns_shell.d_res_low              2.97 
_reflns_shell.percent_possible_all   89.8 
_reflns_shell.Rmerge_I_obs           ? 
_reflns_shell.pdbx_Rsym_value        ? 
_reflns_shell.meanI_over_sigI_obs    ? 
_reflns_shell.pdbx_redundancy        ? 
_reflns_shell.percent_possible_obs   ? 
_reflns_shell.number_unique_all      ? 
_reflns_shell.pdbx_diffrn_id         ? 
_reflns_shell.pdbx_ordinal           1 
# 
_refine.entry_id                                 1QFP 
_refine.ls_number_reflns_obs                     3275 
_refine.ls_number_reflns_all                     3275 
_refine.pdbx_ls_sigma_I                          ? 
_refine.pdbx_ls_sigma_F                          0.0 
_refine.pdbx_data_cutoff_high_absF               ? 
_refine.pdbx_data_cutoff_low_absF                ? 
_refine.pdbx_data_cutoff_high_rms_absF           464034.24 
_refine.ls_d_res_low                             20.00 
_refine.ls_d_res_high                            2.80 
_refine.ls_percent_reflns_obs                    89.7 
_refine.ls_R_factor_obs                          ? 
_refine.ls_R_factor_all                          ? 
_refine.ls_R_factor_R_work                       0.198 
_refine.ls_R_factor_R_free                       0.276 
_refine.ls_R_factor_R_free_error                 0.015 
_refine.ls_R_factor_R_free_error_details         ? 
_refine.ls_percent_reflns_R_free                 10.7 
_refine.ls_number_reflns_R_free                  350 
_refine.ls_number_parameters                     ? 
_refine.ls_number_restraints                     ? 
_refine.occupancy_min                            ? 
_refine.occupancy_max                            ? 
_refine.B_iso_mean                               55.3 
_refine.aniso_B[1][1]                            6.72 
_refine.aniso_B[2][2]                            6.72 
_refine.aniso_B[3][3]                            -13.4 
_refine.aniso_B[1][2]                            10.75 
_refine.aniso_B[1][3]                            0.00 
_refine.aniso_B[2][3]                            0.00 
_refine.solvent_model_details                    'FLAT MODEL' 
_refine.solvent_model_param_ksol                 0.278 
_refine.solvent_model_param_bsol                 42.68 
_refine.pdbx_ls_cross_valid_method               THROUGHOUT 
_refine.details                                  ? 
_refine.pdbx_starting_model                      ? 
_refine.pdbx_method_to_determine_struct          MAD 
_refine.pdbx_isotropic_thermal_model             GROUP 
_refine.pdbx_stereochemistry_target_values       ? 
_refine.pdbx_stereochem_target_val_spec_case     ? 
_refine.pdbx_R_Free_selection_details            RANDOM 
_refine.pdbx_overall_ESU_R                       ? 
_refine.pdbx_overall_ESU_R_Free                  ? 
_refine.overall_SU_ML                            ? 
_refine.overall_SU_B                             ? 
_refine.ls_redundancy_reflns_obs                 ? 
_refine.B_iso_min                                ? 
_refine.B_iso_max                                ? 
_refine.pdbx_refine_id                           'X-RAY DIFFRACTION' 
_refine.pdbx_diffrn_id                           1 
_refine.pdbx_TLS_residual_ADP_flag               ? 
_refine.correlation_coeff_Fo_to_Fc               ? 
_refine.correlation_coeff_Fo_to_Fc_free          ? 
_refine.pdbx_solvent_vdw_probe_radii             ? 
_refine.pdbx_solvent_ion_probe_radii             ? 
_refine.pdbx_solvent_shrinkage_radii             ? 
_refine.pdbx_overall_phase_error                 ? 
_refine.overall_SU_R_Cruickshank_DPI             ? 
_refine.pdbx_overall_SU_R_free_Cruickshank_DPI   ? 
_refine.pdbx_overall_SU_R_Blow_DPI               ? 
_refine.pdbx_overall_SU_R_free_Blow_DPI          ? 
# 
_refine_analyze.entry_id                        1QFP 
_refine_analyze.Luzzati_coordinate_error_obs    0.30 
_refine_analyze.Luzzati_sigma_a_obs             0.35 
_refine_analyze.Luzzati_d_res_low_obs           5.00 
_refine_analyze.Luzzati_coordinate_error_free   0.46 
_refine_analyze.Luzzati_sigma_a_free            0.52 
_refine_analyze.Luzzati_d_res_low_free          ? 
_refine_analyze.number_disordered_residues      ? 
_refine_analyze.occupancy_sum_hydrogen          ? 
_refine_analyze.occupancy_sum_non_hydrogen      ? 
_refine_analyze.pdbx_Luzzati_d_res_high_obs     ? 
_refine_analyze.pdbx_refine_id                  'X-RAY DIFFRACTION' 
# 
_refine_hist.pdbx_refine_id                   'X-RAY DIFFRACTION' 
_refine_hist.cycle_id                         LAST 
_refine_hist.pdbx_number_atoms_protein        899 
_refine_hist.pdbx_number_atoms_nucleic_acid   0 
_refine_hist.pdbx_number_atoms_ligand         0 
_refine_hist.number_atoms_solvent             0 
_refine_hist.number_atoms_total               899 
_refine_hist.d_res_high                       2.80 
_refine_hist.d_res_low                        20.00 
# 
loop_
_refine_ls_restr.type 
_refine_ls_restr.dev_ideal 
_refine_ls_restr.dev_ideal_target 
_refine_ls_restr.weight 
_refine_ls_restr.number 
_refine_ls_restr.pdbx_refine_id 
_refine_ls_restr.pdbx_restraint_function 
c_bond_d                0.006 ? ? ? 'X-RAY DIFFRACTION' ? 
c_bond_d_na             ?     ? ? ? 'X-RAY DIFFRACTION' ? 
c_bond_d_prot           ?     ? ? ? 'X-RAY DIFFRACTION' ? 
c_angle_d               ?     ? ? ? 'X-RAY DIFFRACTION' ? 
c_angle_d_na            ?     ? ? ? 'X-RAY DIFFRACTION' ? 
c_angle_d_prot          ?     ? ? ? 'X-RAY DIFFRACTION' ? 
c_angle_deg             1.3   ? ? ? 'X-RAY DIFFRACTION' ? 
c_angle_deg_na          ?     ? ? ? 'X-RAY DIFFRACTION' ? 
c_angle_deg_prot        ?     ? ? ? 'X-RAY DIFFRACTION' ? 
c_dihedral_angle_d      25.7  ? ? ? 'X-RAY DIFFRACTION' ? 
c_dihedral_angle_d_na   ?     ? ? ? 'X-RAY DIFFRACTION' ? 
c_dihedral_angle_d_prot ?     ? ? ? 'X-RAY DIFFRACTION' ? 
c_improper_angle_d      0.85  ? ? ? 'X-RAY DIFFRACTION' ? 
c_improper_angle_d_na   ?     ? ? ? 'X-RAY DIFFRACTION' ? 
c_improper_angle_d_prot ?     ? ? ? 'X-RAY DIFFRACTION' ? 
c_mcbond_it             ?     ? ? ? 'X-RAY DIFFRACTION' ? 
c_mcangle_it            ?     ? ? ? 'X-RAY DIFFRACTION' ? 
c_scbond_it             ?     ? ? ? 'X-RAY DIFFRACTION' ? 
c_scangle_it            ?     ? ? ? 'X-RAY DIFFRACTION' ? 
# 
_refine_ls_shell.pdbx_total_number_of_bins_used   6 
_refine_ls_shell.d_res_high                       2.80 
_refine_ls_shell.d_res_low                        2.97 
_refine_ls_shell.number_reflns_R_work             468 
_refine_ls_shell.R_factor_R_work                  0.276 
_refine_ls_shell.percent_reflns_obs               89.8 
_refine_ls_shell.R_factor_R_free                  0.344 
_refine_ls_shell.R_factor_R_free_error            0.048 
_refine_ls_shell.percent_reflns_R_free            9.8 
_refine_ls_shell.number_reflns_R_free             51 
_refine_ls_shell.redundancy_reflns_obs            ? 
_refine_ls_shell.number_reflns_all                ? 
_refine_ls_shell.number_reflns_obs                ? 
_refine_ls_shell.pdbx_refine_id                   'X-RAY DIFFRACTION' 
_refine_ls_shell.R_factor_all                     ? 
# 
_pdbx_xplor_file.serial_no        1 
_pdbx_xplor_file.param_file       PROTEIN_REP.PARAM 
_pdbx_xplor_file.topol_file       PROTEIN.TOP 
_pdbx_xplor_file.pdbx_refine_id   'X-RAY DIFFRACTION' 
# 
_struct.entry_id                  1QFP 
_struct.title                     'N-TERMINAL DOMAIN OF SIALOADHESIN (MOUSE)' 
_struct.pdbx_model_details        ? 
_struct.pdbx_CASP_flag            ? 
_struct.pdbx_model_type_details   ? 
# 
_struct_keywords.entry_id        1QFP 
_struct_keywords.pdbx_keywords   IMMUNOGLOBULIN 
_struct_keywords.text            'IMMUNOGLOBULIN SUPERFAMILY, CARBOHYDRATE BINDING, IMMUNOGLOBULIN' 
# 
_struct_asym.id                            A 
_struct_asym.pdbx_blank_PDB_chainid_flag   N 
_struct_asym.pdbx_modified                 N 
_struct_asym.entity_id                     1 
_struct_asym.details                       ? 
# 
_struct_ref.id                         1 
_struct_ref.db_name                    UNP 
_struct_ref.db_code                    SN_MOUSE 
_struct_ref.entity_id                  1 
_struct_ref.pdbx_db_accession          Q62230 
_struct_ref.pdbx_align_begin           ? 
_struct_ref.pdbx_seq_one_letter_code   ? 
_struct_ref.pdbx_db_isoform            ? 
# 
_struct_ref_seq.align_id                      1 
_struct_ref_seq.ref_id                        1 
_struct_ref_seq.pdbx_PDB_id_code              1QFP 
_struct_ref_seq.pdbx_strand_id                A 
_struct_ref_seq.seq_align_beg                 1 
_struct_ref_seq.pdbx_seq_align_beg_ins_code   ? 
_struct_ref_seq.seq_align_end                 119 
_struct_ref_seq.pdbx_seq_align_end_ins_code   ? 
_struct_ref_seq.pdbx_db_accession             Q62230 
_struct_ref_seq.db_align_beg                  20 
_struct_ref_seq.pdbx_db_align_beg_ins_code    ? 
_struct_ref_seq.db_align_end                  138 
_struct_ref_seq.pdbx_db_align_end_ins_code    ? 
_struct_ref_seq.pdbx_auth_seq_align_beg       1 
_struct_ref_seq.pdbx_auth_seq_align_end       119 
# 
_pdbx_struct_assembly.id                   1 
_pdbx_struct_assembly.details              author_defined_assembly 
_pdbx_struct_assembly.method_details       ? 
_pdbx_struct_assembly.oligomeric_details   monomeric 
_pdbx_struct_assembly.oligomeric_count     1 
# 
_pdbx_struct_assembly_gen.assembly_id       1 
_pdbx_struct_assembly_gen.oper_expression   1 
_pdbx_struct_assembly_gen.asym_id_list      A 
# 
_pdbx_struct_oper_list.id                   1 
_pdbx_struct_oper_list.type                 'identity operation' 
_pdbx_struct_oper_list.name                 1_555 
_pdbx_struct_oper_list.symmetry_operation   x,y,z 
_pdbx_struct_oper_list.matrix[1][1]         1.0000000000 
_pdbx_struct_oper_list.matrix[1][2]         0.0000000000 
_pdbx_struct_oper_list.matrix[1][3]         0.0000000000 
_pdbx_struct_oper_list.vector[1]            0.0000000000 
_pdbx_struct_oper_list.matrix[2][1]         0.0000000000 
_pdbx_struct_oper_list.matrix[2][2]         1.0000000000 
_pdbx_struct_oper_list.matrix[2][3]         0.0000000000 
_pdbx_struct_oper_list.vector[2]            0.0000000000 
_pdbx_struct_oper_list.matrix[3][1]         0.0000000000 
_pdbx_struct_oper_list.matrix[3][2]         0.0000000000 
_pdbx_struct_oper_list.matrix[3][3]         1.0000000000 
_pdbx_struct_oper_list.vector[3]            0.0000000000 
# 
_struct_biol.id   1 
# 
loop_
_struct_conf.conf_type_id 
_struct_conf.id 
_struct_conf.pdbx_PDB_helix_id 
_struct_conf.beg_label_comp_id 
_struct_conf.beg_label_asym_id 
_struct_conf.beg_label_seq_id 
_struct_conf.pdbx_beg_PDB_ins_code 
_struct_conf.end_label_comp_id 
_struct_conf.end_label_asym_id 
_struct_conf.end_label_seq_id 
_struct_conf.pdbx_end_PDB_ins_code 
_struct_conf.beg_auth_comp_id 
_struct_conf.beg_auth_asym_id 
_struct_conf.beg_auth_seq_id 
_struct_conf.end_auth_comp_id 
_struct_conf.end_auth_asym_id 
_struct_conf.end_auth_seq_id 
_struct_conf.pdbx_PDB_helix_class 
_struct_conf.details 
_struct_conf.pdbx_PDB_helix_length 
HELX_P HELX_P1 1 PRO A 57 ? LEU A 59 ? PRO A 57 LEU A 59 5 ? 3 
HELX_P HELX_P2 2 LYS A 62 ? PHE A 64 ? LYS A 62 PHE A 64 5 ? 3 
HELX_P HELX_P3 3 MET A 74 ? HIS A 76 ? MET A 74 HIS A 76 5 ? 3 
# 
_struct_conf_type.id          HELX_P 
_struct_conf_type.criteria    ? 
_struct_conf_type.reference   ? 
# 
_struct_conn.id                            disulf1 
_struct_conn.conn_type_id                  disulf 
_struct_conn.pdbx_leaving_atom_flag        ? 
_struct_conn.pdbx_PDB_id                   ? 
_struct_conn.ptnr1_label_asym_id           A 
_struct_conn.ptnr1_label_comp_id           CYS 
_struct_conn.ptnr1_label_seq_id            22 
_struct_conn.ptnr1_label_atom_id           SG 
_struct_conn.pdbx_ptnr1_label_alt_id       ? 
_struct_conn.pdbx_ptnr1_PDB_ins_code       ? 
_struct_conn.pdbx_ptnr1_standard_comp_id   ? 
_struct_conn.ptnr1_symmetry                1_555 
_struct_conn.ptnr2_label_asym_id           A 
_struct_conn.ptnr2_label_comp_id           CYS 
_struct_conn.ptnr2_label_seq_id            79 
_struct_conn.ptnr2_label_atom_id           SG 
_struct_conn.pdbx_ptnr2_label_alt_id       ? 
_struct_conn.pdbx_ptnr2_PDB_ins_code       ? 
_struct_conn.ptnr1_auth_asym_id            A 
_struct_conn.ptnr1_auth_comp_id            CYS 
_struct_conn.ptnr1_auth_seq_id             22 
_struct_conn.ptnr2_auth_asym_id            A 
_struct_conn.ptnr2_auth_comp_id            CYS 
_struct_conn.ptnr2_auth_seq_id             79 
_struct_conn.ptnr2_symmetry                1_555 
_struct_conn.pdbx_ptnr3_label_atom_id      ? 
_struct_conn.pdbx_ptnr3_label_seq_id       ? 
_struct_conn.pdbx_ptnr3_label_comp_id      ? 
_struct_conn.pdbx_ptnr3_label_asym_id      ? 
_struct_conn.pdbx_ptnr3_label_alt_id       ? 
_struct_conn.pdbx_ptnr3_PDB_ins_code       ? 
_struct_conn.details                       ? 
_struct_conn.pdbx_dist_value               2.375 
_struct_conn.pdbx_value_order              ? 
_struct_conn.pdbx_role                     ? 
# 
_struct_conn_type.id          disulf 
_struct_conn_type.criteria    ? 
_struct_conn_type.reference   ? 
# 
_pdbx_modification_feature.ordinal                            1 
_pdbx_modification_feature.label_comp_id                      CYS 
_pdbx_modification_feature.label_asym_id                      A 
_pdbx_modification_feature.label_seq_id                       22 
_pdbx_modification_feature.label_alt_id                       ? 
_pdbx_modification_feature.modified_residue_label_comp_id     CYS 
_pdbx_modification_feature.modified_residue_label_asym_id     A 
_pdbx_modification_feature.modified_residue_label_seq_id      79 
_pdbx_modification_feature.modified_residue_label_alt_id      ? 
_pdbx_modification_feature.auth_comp_id                       CYS 
_pdbx_modification_feature.auth_asym_id                       A 
_pdbx_modification_feature.auth_seq_id                        22 
_pdbx_modification_feature.PDB_ins_code                       ? 
_pdbx_modification_feature.symmetry                           1_555 
_pdbx_modification_feature.modified_residue_auth_comp_id      CYS 
_pdbx_modification_feature.modified_residue_auth_asym_id      A 
_pdbx_modification_feature.modified_residue_auth_seq_id       79 
_pdbx_modification_feature.modified_residue_PDB_ins_code      ? 
_pdbx_modification_feature.modified_residue_symmetry          1_555 
_pdbx_modification_feature.comp_id_linking_atom               SG 
_pdbx_modification_feature.modified_residue_id_linking_atom   SG 
_pdbx_modification_feature.modified_residue_id                . 
_pdbx_modification_feature.ref_pcm_id                         . 
_pdbx_modification_feature.ref_comp_id                        . 
_pdbx_modification_feature.type                               None 
_pdbx_modification_feature.category                           'Disulfide bridge' 
# 
loop_
_struct_sheet.id 
_struct_sheet.type 
_struct_sheet.number_strands 
_struct_sheet.details 
A ? 2 ? 
B ? 5 ? 
C ? 3 ? 
D ? 2 ? 
# 
loop_
_struct_sheet_order.sheet_id 
_struct_sheet_order.range_id_1 
_struct_sheet_order.range_id_2 
_struct_sheet_order.offset 
_struct_sheet_order.sense 
A 1 2 ? anti-parallel 
B 1 2 ? parallel      
B 2 3 ? anti-parallel 
B 3 4 ? anti-parallel 
B 4 5 ? anti-parallel 
C 1 2 ? anti-parallel 
C 2 3 ? anti-parallel 
D 1 2 ? anti-parallel 
# 
loop_
_struct_sheet_range.sheet_id 
_struct_sheet_range.id 
_struct_sheet_range.beg_label_comp_id 
_struct_sheet_range.beg_label_asym_id 
_struct_sheet_range.beg_label_seq_id 
_struct_sheet_range.pdbx_beg_PDB_ins_code 
_struct_sheet_range.end_label_comp_id 
_struct_sheet_range.end_label_asym_id 
_struct_sheet_range.end_label_seq_id 
_struct_sheet_range.pdbx_end_PDB_ins_code 
_struct_sheet_range.beg_auth_comp_id 
_struct_sheet_range.beg_auth_asym_id 
_struct_sheet_range.beg_auth_seq_id 
_struct_sheet_range.end_auth_comp_id 
_struct_sheet_range.end_auth_asym_id 
_struct_sheet_range.end_auth_seq_id 
A 1 GLY A 3   ? SER A 6   ? GLY A 3   SER A 6   
A 2 CYS A 22  ? SER A 25  ? CYS A 22  SER A 25  
B 1 ASN A 9   ? LEU A 13  ? ASN A 9   LEU A 13  
B 2 THR A 112 ? THR A 117 ? THR A 112 THR A 117 
B 3 GLY A 92  ? GLU A 99  ? GLY A 92  GLU A 99  
B 4 THR A 37  ? TYR A 42  ? THR A 37  TYR A 42  
B 5 GLN A 49  ? HIS A 53  ? GLN A 49  HIS A 53  
C 1 LEU A 18  ? ILE A 20  ? LEU A 18  ILE A 20  
C 2 LEU A 81  ? LEU A 83  ? LEU A 81  LEU A 83  
C 3 ALA A 68  ? LEU A 70  ? ALA A 68  LEU A 70  
D 1 ARG A 97  ? SER A 101 ? ARG A 97  SER A 101 
D 2 ASN A 104 ? LEU A 107 ? ASN A 104 LEU A 107 
# 
loop_
_pdbx_struct_sheet_hbond.sheet_id 
_pdbx_struct_sheet_hbond.range_id_1 
_pdbx_struct_sheet_hbond.range_id_2 
_pdbx_struct_sheet_hbond.range_1_label_atom_id 
_pdbx_struct_sheet_hbond.range_1_label_comp_id 
_pdbx_struct_sheet_hbond.range_1_label_asym_id 
_pdbx_struct_sheet_hbond.range_1_label_seq_id 
_pdbx_struct_sheet_hbond.range_1_PDB_ins_code 
_pdbx_struct_sheet_hbond.range_1_auth_atom_id 
_pdbx_struct_sheet_hbond.range_1_auth_comp_id 
_pdbx_struct_sheet_hbond.range_1_auth_asym_id 
_pdbx_struct_sheet_hbond.range_1_auth_seq_id 
_pdbx_struct_sheet_hbond.range_2_label_atom_id 
_pdbx_struct_sheet_hbond.range_2_label_comp_id 
_pdbx_struct_sheet_hbond.range_2_label_asym_id 
_pdbx_struct_sheet_hbond.range_2_label_seq_id 
_pdbx_struct_sheet_hbond.range_2_PDB_ins_code 
_pdbx_struct_sheet_hbond.range_2_auth_atom_id 
_pdbx_struct_sheet_hbond.range_2_auth_comp_id 
_pdbx_struct_sheet_hbond.range_2_auth_asym_id 
_pdbx_struct_sheet_hbond.range_2_auth_seq_id 
A 1 2 O GLY A 3   ? O GLY A 3   N SER A 25  ? N SER A 25  
B 1 2 O VAL A 10  ? O VAL A 10  N THR A 113 ? N THR A 113 
B 2 3 O THR A 112 ? O THR A 112 N TYR A 94  ? N TYR A 94  
B 3 4 O ASN A 95  ? O ASN A 95  N TYR A 41  ? N TYR A 41  
B 4 5 O TRP A 40  ? O TRP A 40  N ILE A 52  ? N ILE A 52  
C 1 2 O LEU A 18  ? O LEU A 18  N LEU A 83  ? N LEU A 83  
C 2 3 O LEU A 82  ? O LEU A 82  N GLU A 69  ? N GLU A 69  
D 1 2 O PHE A 98  ? O PHE A 98  N TRP A 106 ? N TRP A 106 
# 
_pdbx_entry_details.entry_id                   1QFP 
_pdbx_entry_details.compound_details           ? 
_pdbx_entry_details.source_details             ? 
_pdbx_entry_details.nonpolymer_details         ? 
_pdbx_entry_details.sequence_details           ? 
_pdbx_entry_details.has_ligand_of_interest     ? 
_pdbx_entry_details.has_protein_modification   Y 
# 
loop_
_pdbx_validate_torsion.id 
_pdbx_validate_torsion.PDB_model_num 
_pdbx_validate_torsion.auth_comp_id 
_pdbx_validate_torsion.auth_asym_id 
_pdbx_validate_torsion.auth_seq_id 
_pdbx_validate_torsion.PDB_ins_code 
_pdbx_validate_torsion.label_alt_id 
_pdbx_validate_torsion.phi 
_pdbx_validate_torsion.psi 
1 1 TRP A 2   ? ? -44.36 107.23 
2 1 SER A 14  ? ? -46.86 154.94 
3 1 PRO A 57  ? ? -56.40 -0.70  
4 1 MET A 71  ? ? -95.84 58.29  
5 1 ASP A 85  ? ? 21.52  74.99  
6 1 SER A 101 ? ? 171.08 96.68  
7 1 ASP A 102 ? ? 35.09  -92.27 
8 1 THR A 118 ? ? -4.46  74.83  
# 
loop_
_chem_comp_atom.comp_id 
_chem_comp_atom.atom_id 
_chem_comp_atom.type_symbol 
_chem_comp_atom.pdbx_aromatic_flag 
_chem_comp_atom.pdbx_stereo_config 
_chem_comp_atom.pdbx_ordinal 
ALA N    N N N 1   
ALA CA   C N S 2   
ALA C    C N N 3   
ALA O    O N N 4   
ALA CB   C N N 5   
ALA OXT  O N N 6   
ALA H    H N N 7   
ALA H2   H N N 8   
ALA HA   H N N 9   
ALA HB1  H N N 10  
ALA HB2  H N N 11  
ALA HB3  H N N 12  
ALA HXT  H N N 13  
ARG N    N N N 14  
ARG CA   C N S 15  
ARG C    C N N 16  
ARG O    O N N 17  
ARG CB   C N N 18  
ARG CG   C N N 19  
ARG CD   C N N 20  
ARG NE   N N N 21  
ARG CZ   C N N 22  
ARG NH1  N N N 23  
ARG NH2  N N N 24  
ARG OXT  O N N 25  
ARG H    H N N 26  
ARG H2   H N N 27  
ARG HA   H N N 28  
ARG HB2  H N N 29  
ARG HB3  H N N 30  
ARG HG2  H N N 31  
ARG HG3  H N N 32  
ARG HD2  H N N 33  
ARG HD3  H N N 34  
ARG HE   H N N 35  
ARG HH11 H N N 36  
ARG HH12 H N N 37  
ARG HH21 H N N 38  
ARG HH22 H N N 39  
ARG HXT  H N N 40  
ASN N    N N N 41  
ASN CA   C N S 42  
ASN C    C N N 43  
ASN O    O N N 44  
ASN CB   C N N 45  
ASN CG   C N N 46  
ASN OD1  O N N 47  
ASN ND2  N N N 48  
ASN OXT  O N N 49  
ASN H    H N N 50  
ASN H2   H N N 51  
ASN HA   H N N 52  
ASN HB2  H N N 53  
ASN HB3  H N N 54  
ASN HD21 H N N 55  
ASN HD22 H N N 56  
ASN HXT  H N N 57  
ASP N    N N N 58  
ASP CA   C N S 59  
ASP C    C N N 60  
ASP O    O N N 61  
ASP CB   C N N 62  
ASP CG   C N N 63  
ASP OD1  O N N 64  
ASP OD2  O N N 65  
ASP OXT  O N N 66  
ASP H    H N N 67  
ASP H2   H N N 68  
ASP HA   H N N 69  
ASP HB2  H N N 70  
ASP HB3  H N N 71  
ASP HD2  H N N 72  
ASP HXT  H N N 73  
CYS N    N N N 74  
CYS CA   C N R 75  
CYS C    C N N 76  
CYS O    O N N 77  
CYS CB   C N N 78  
CYS SG   S N N 79  
CYS OXT  O N N 80  
CYS H    H N N 81  
CYS H2   H N N 82  
CYS HA   H N N 83  
CYS HB2  H N N 84  
CYS HB3  H N N 85  
CYS HG   H N N 86  
CYS HXT  H N N 87  
GLN N    N N N 88  
GLN CA   C N S 89  
GLN C    C N N 90  
GLN O    O N N 91  
GLN CB   C N N 92  
GLN CG   C N N 93  
GLN CD   C N N 94  
GLN OE1  O N N 95  
GLN NE2  N N N 96  
GLN OXT  O N N 97  
GLN H    H N N 98  
GLN H2   H N N 99  
GLN HA   H N N 100 
GLN HB2  H N N 101 
GLN HB3  H N N 102 
GLN HG2  H N N 103 
GLN HG3  H N N 104 
GLN HE21 H N N 105 
GLN HE22 H N N 106 
GLN HXT  H N N 107 
GLU N    N N N 108 
GLU CA   C N S 109 
GLU C    C N N 110 
GLU O    O N N 111 
GLU CB   C N N 112 
GLU CG   C N N 113 
GLU CD   C N N 114 
GLU OE1  O N N 115 
GLU OE2  O N N 116 
GLU OXT  O N N 117 
GLU H    H N N 118 
GLU H2   H N N 119 
GLU HA   H N N 120 
GLU HB2  H N N 121 
GLU HB3  H N N 122 
GLU HG2  H N N 123 
GLU HG3  H N N 124 
GLU HE2  H N N 125 
GLU HXT  H N N 126 
GLY N    N N N 127 
GLY CA   C N N 128 
GLY C    C N N 129 
GLY O    O N N 130 
GLY OXT  O N N 131 
GLY H    H N N 132 
GLY H2   H N N 133 
GLY HA2  H N N 134 
GLY HA3  H N N 135 
GLY HXT  H N N 136 
HIS N    N N N 137 
HIS CA   C N S 138 
HIS C    C N N 139 
HIS O    O N N 140 
HIS CB   C N N 141 
HIS CG   C Y N 142 
HIS ND1  N Y N 143 
HIS CD2  C Y N 144 
HIS CE1  C Y N 145 
HIS NE2  N Y N 146 
HIS OXT  O N N 147 
HIS H    H N N 148 
HIS H2   H N N 149 
HIS HA   H N N 150 
HIS HB2  H N N 151 
HIS HB3  H N N 152 
HIS HD1  H N N 153 
HIS HD2  H N N 154 
HIS HE1  H N N 155 
HIS HE2  H N N 156 
HIS HXT  H N N 157 
ILE N    N N N 158 
ILE CA   C N S 159 
ILE C    C N N 160 
ILE O    O N N 161 
ILE CB   C N S 162 
ILE CG1  C N N 163 
ILE CG2  C N N 164 
ILE CD1  C N N 165 
ILE OXT  O N N 166 
ILE H    H N N 167 
ILE H2   H N N 168 
ILE HA   H N N 169 
ILE HB   H N N 170 
ILE HG12 H N N 171 
ILE HG13 H N N 172 
ILE HG21 H N N 173 
ILE HG22 H N N 174 
ILE HG23 H N N 175 
ILE HD11 H N N 176 
ILE HD12 H N N 177 
ILE HD13 H N N 178 
ILE HXT  H N N 179 
LEU N    N N N 180 
LEU CA   C N S 181 
LEU C    C N N 182 
LEU O    O N N 183 
LEU CB   C N N 184 
LEU CG   C N N 185 
LEU CD1  C N N 186 
LEU CD2  C N N 187 
LEU OXT  O N N 188 
LEU H    H N N 189 
LEU H2   H N N 190 
LEU HA   H N N 191 
LEU HB2  H N N 192 
LEU HB3  H N N 193 
LEU HG   H N N 194 
LEU HD11 H N N 195 
LEU HD12 H N N 196 
LEU HD13 H N N 197 
LEU HD21 H N N 198 
LEU HD22 H N N 199 
LEU HD23 H N N 200 
LEU HXT  H N N 201 
LYS N    N N N 202 
LYS CA   C N S 203 
LYS C    C N N 204 
LYS O    O N N 205 
LYS CB   C N N 206 
LYS CG   C N N 207 
LYS CD   C N N 208 
LYS CE   C N N 209 
LYS NZ   N N N 210 
LYS OXT  O N N 211 
LYS H    H N N 212 
LYS H2   H N N 213 
LYS HA   H N N 214 
LYS HB2  H N N 215 
LYS HB3  H N N 216 
LYS HG2  H N N 217 
LYS HG3  H N N 218 
LYS HD2  H N N 219 
LYS HD3  H N N 220 
LYS HE2  H N N 221 
LYS HE3  H N N 222 
LYS HZ1  H N N 223 
LYS HZ2  H N N 224 
LYS HZ3  H N N 225 
LYS HXT  H N N 226 
MET N    N N N 227 
MET CA   C N S 228 
MET C    C N N 229 
MET O    O N N 230 
MET CB   C N N 231 
MET CG   C N N 232 
MET SD   S N N 233 
MET CE   C N N 234 
MET OXT  O N N 235 
MET H    H N N 236 
MET H2   H N N 237 
MET HA   H N N 238 
MET HB2  H N N 239 
MET HB3  H N N 240 
MET HG2  H N N 241 
MET HG3  H N N 242 
MET HE1  H N N 243 
MET HE2  H N N 244 
MET HE3  H N N 245 
MET HXT  H N N 246 
PHE N    N N N 247 
PHE CA   C N S 248 
PHE C    C N N 249 
PHE O    O N N 250 
PHE CB   C N N 251 
PHE CG   C Y N 252 
PHE CD1  C Y N 253 
PHE CD2  C Y N 254 
PHE CE1  C Y N 255 
PHE CE2  C Y N 256 
PHE CZ   C Y N 257 
PHE OXT  O N N 258 
PHE H    H N N 259 
PHE H2   H N N 260 
PHE HA   H N N 261 
PHE HB2  H N N 262 
PHE HB3  H N N 263 
PHE HD1  H N N 264 
PHE HD2  H N N 265 
PHE HE1  H N N 266 
PHE HE2  H N N 267 
PHE HZ   H N N 268 
PHE HXT  H N N 269 
PRO N    N N N 270 
PRO CA   C N S 271 
PRO C    C N N 272 
PRO O    O N N 273 
PRO CB   C N N 274 
PRO CG   C N N 275 
PRO CD   C N N 276 
PRO OXT  O N N 277 
PRO H    H N N 278 
PRO HA   H N N 279 
PRO HB2  H N N 280 
PRO HB3  H N N 281 
PRO HG2  H N N 282 
PRO HG3  H N N 283 
PRO HD2  H N N 284 
PRO HD3  H N N 285 
PRO HXT  H N N 286 
SER N    N N N 287 
SER CA   C N S 288 
SER C    C N N 289 
SER O    O N N 290 
SER CB   C N N 291 
SER OG   O N N 292 
SER OXT  O N N 293 
SER H    H N N 294 
SER H2   H N N 295 
SER HA   H N N 296 
SER HB2  H N N 297 
SER HB3  H N N 298 
SER HG   H N N 299 
SER HXT  H N N 300 
THR N    N N N 301 
THR CA   C N S 302 
THR C    C N N 303 
THR O    O N N 304 
THR CB   C N R 305 
THR OG1  O N N 306 
THR CG2  C N N 307 
THR OXT  O N N 308 
THR H    H N N 309 
THR H2   H N N 310 
THR HA   H N N 311 
THR HB   H N N 312 
THR HG1  H N N 313 
THR HG21 H N N 314 
THR HG22 H N N 315 
THR HG23 H N N 316 
THR HXT  H N N 317 
TRP N    N N N 318 
TRP CA   C N S 319 
TRP C    C N N 320 
TRP O    O N N 321 
TRP CB   C N N 322 
TRP CG   C Y N 323 
TRP CD1  C Y N 324 
TRP CD2  C Y N 325 
TRP NE1  N Y N 326 
TRP CE2  C Y N 327 
TRP CE3  C Y N 328 
TRP CZ2  C Y N 329 
TRP CZ3  C Y N 330 
TRP CH2  C Y N 331 
TRP OXT  O N N 332 
TRP H    H N N 333 
TRP H2   H N N 334 
TRP HA   H N N 335 
TRP HB2  H N N 336 
TRP HB3  H N N 337 
TRP HD1  H N N 338 
TRP HE1  H N N 339 
TRP HE3  H N N 340 
TRP HZ2  H N N 341 
TRP HZ3  H N N 342 
TRP HH2  H N N 343 
TRP HXT  H N N 344 
TYR N    N N N 345 
TYR CA   C N S 346 
TYR C    C N N 347 
TYR O    O N N 348 
TYR CB   C N N 349 
TYR CG   C Y N 350 
TYR CD1  C Y N 351 
TYR CD2  C Y N 352 
TYR CE1  C Y N 353 
TYR CE2  C Y N 354 
TYR CZ   C Y N 355 
TYR OH   O N N 356 
TYR OXT  O N N 357 
TYR H    H N N 358 
TYR H2   H N N 359 
TYR HA   H N N 360 
TYR HB2  H N N 361 
TYR HB3  H N N 362 
TYR HD1  H N N 363 
TYR HD2  H N N 364 
TYR HE1  H N N 365 
TYR HE2  H N N 366 
TYR HH   H N N 367 
TYR HXT  H N N 368 
VAL N    N N N 369 
VAL CA   C N S 370 
VAL C    C N N 371 
VAL O    O N N 372 
VAL CB   C N N 373 
VAL CG1  C N N 374 
VAL CG2  C N N 375 
VAL OXT  O N N 376 
VAL H    H N N 377 
VAL H2   H N N 378 
VAL HA   H N N 379 
VAL HB   H N N 380 
VAL HG11 H N N 381 
VAL HG12 H N N 382 
VAL HG13 H N N 383 
VAL HG21 H N N 384 
VAL HG22 H N N 385 
VAL HG23 H N N 386 
VAL HXT  H N N 387 
# 
loop_
_chem_comp_bond.comp_id 
_chem_comp_bond.atom_id_1 
_chem_comp_bond.atom_id_2 
_chem_comp_bond.value_order 
_chem_comp_bond.pdbx_aromatic_flag 
_chem_comp_bond.pdbx_stereo_config 
_chem_comp_bond.pdbx_ordinal 
ALA N   CA   sing N N 1   
ALA N   H    sing N N 2   
ALA N   H2   sing N N 3   
ALA CA  C    sing N N 4   
ALA CA  CB   sing N N 5   
ALA CA  HA   sing N N 6   
ALA C   O    doub N N 7   
ALA C   OXT  sing N N 8   
ALA CB  HB1  sing N N 9   
ALA CB  HB2  sing N N 10  
ALA CB  HB3  sing N N 11  
ALA OXT HXT  sing N N 12  
ARG N   CA   sing N N 13  
ARG N   H    sing N N 14  
ARG N   H2   sing N N 15  
ARG CA  C    sing N N 16  
ARG CA  CB   sing N N 17  
ARG CA  HA   sing N N 18  
ARG C   O    doub N N 19  
ARG C   OXT  sing N N 20  
ARG CB  CG   sing N N 21  
ARG CB  HB2  sing N N 22  
ARG CB  HB3  sing N N 23  
ARG CG  CD   sing N N 24  
ARG CG  HG2  sing N N 25  
ARG CG  HG3  sing N N 26  
ARG CD  NE   sing N N 27  
ARG CD  HD2  sing N N 28  
ARG CD  HD3  sing N N 29  
ARG NE  CZ   sing N N 30  
ARG NE  HE   sing N N 31  
ARG CZ  NH1  sing N N 32  
ARG CZ  NH2  doub N N 33  
ARG NH1 HH11 sing N N 34  
ARG NH1 HH12 sing N N 35  
ARG NH2 HH21 sing N N 36  
ARG NH2 HH22 sing N N 37  
ARG OXT HXT  sing N N 38  
ASN N   CA   sing N N 39  
ASN N   H    sing N N 40  
ASN N   H2   sing N N 41  
ASN CA  C    sing N N 42  
ASN CA  CB   sing N N 43  
ASN CA  HA   sing N N 44  
ASN C   O    doub N N 45  
ASN C   OXT  sing N N 46  
ASN CB  CG   sing N N 47  
ASN CB  HB2  sing N N 48  
ASN CB  HB3  sing N N 49  
ASN CG  OD1  doub N N 50  
ASN CG  ND2  sing N N 51  
ASN ND2 HD21 sing N N 52  
ASN ND2 HD22 sing N N 53  
ASN OXT HXT  sing N N 54  
ASP N   CA   sing N N 55  
ASP N   H    sing N N 56  
ASP N   H2   sing N N 57  
ASP CA  C    sing N N 58  
ASP CA  CB   sing N N 59  
ASP CA  HA   sing N N 60  
ASP C   O    doub N N 61  
ASP C   OXT  sing N N 62  
ASP CB  CG   sing N N 63  
ASP CB  HB2  sing N N 64  
ASP CB  HB3  sing N N 65  
ASP CG  OD1  doub N N 66  
ASP CG  OD2  sing N N 67  
ASP OD2 HD2  sing N N 68  
ASP OXT HXT  sing N N 69  
CYS N   CA   sing N N 70  
CYS N   H    sing N N 71  
CYS N   H2   sing N N 72  
CYS CA  C    sing N N 73  
CYS CA  CB   sing N N 74  
CYS CA  HA   sing N N 75  
CYS C   O    doub N N 76  
CYS C   OXT  sing N N 77  
CYS CB  SG   sing N N 78  
CYS CB  HB2  sing N N 79  
CYS CB  HB3  sing N N 80  
CYS SG  HG   sing N N 81  
CYS OXT HXT  sing N N 82  
GLN N   CA   sing N N 83  
GLN N   H    sing N N 84  
GLN N   H2   sing N N 85  
GLN CA  C    sing N N 86  
GLN CA  CB   sing N N 87  
GLN CA  HA   sing N N 88  
GLN C   O    doub N N 89  
GLN C   OXT  sing N N 90  
GLN CB  CG   sing N N 91  
GLN CB  HB2  sing N N 92  
GLN CB  HB3  sing N N 93  
GLN CG  CD   sing N N 94  
GLN CG  HG2  sing N N 95  
GLN CG  HG3  sing N N 96  
GLN CD  OE1  doub N N 97  
GLN CD  NE2  sing N N 98  
GLN NE2 HE21 sing N N 99  
GLN NE2 HE22 sing N N 100 
GLN OXT HXT  sing N N 101 
GLU N   CA   sing N N 102 
GLU N   H    sing N N 103 
GLU N   H2   sing N N 104 
GLU CA  C    sing N N 105 
GLU CA  CB   sing N N 106 
GLU CA  HA   sing N N 107 
GLU C   O    doub N N 108 
GLU C   OXT  sing N N 109 
GLU CB  CG   sing N N 110 
GLU CB  HB2  sing N N 111 
GLU CB  HB3  sing N N 112 
GLU CG  CD   sing N N 113 
GLU CG  HG2  sing N N 114 
GLU CG  HG3  sing N N 115 
GLU CD  OE1  doub N N 116 
GLU CD  OE2  sing N N 117 
GLU OE2 HE2  sing N N 118 
GLU OXT HXT  sing N N 119 
GLY N   CA   sing N N 120 
GLY N   H    sing N N 121 
GLY N   H2   sing N N 122 
GLY CA  C    sing N N 123 
GLY CA  HA2  sing N N 124 
GLY CA  HA3  sing N N 125 
GLY C   O    doub N N 126 
GLY C   OXT  sing N N 127 
GLY OXT HXT  sing N N 128 
HIS N   CA   sing N N 129 
HIS N   H    sing N N 130 
HIS N   H2   sing N N 131 
HIS CA  C    sing N N 132 
HIS CA  CB   sing N N 133 
HIS CA  HA   sing N N 134 
HIS C   O    doub N N 135 
HIS C   OXT  sing N N 136 
HIS CB  CG   sing N N 137 
HIS CB  HB2  sing N N 138 
HIS CB  HB3  sing N N 139 
HIS CG  ND1  sing Y N 140 
HIS CG  CD2  doub Y N 141 
HIS ND1 CE1  doub Y N 142 
HIS ND1 HD1  sing N N 143 
HIS CD2 NE2  sing Y N 144 
HIS CD2 HD2  sing N N 145 
HIS CE1 NE2  sing Y N 146 
HIS CE1 HE1  sing N N 147 
HIS NE2 HE2  sing N N 148 
HIS OXT HXT  sing N N 149 
ILE N   CA   sing N N 150 
ILE N   H    sing N N 151 
ILE N   H2   sing N N 152 
ILE CA  C    sing N N 153 
ILE CA  CB   sing N N 154 
ILE CA  HA   sing N N 155 
ILE C   O    doub N N 156 
ILE C   OXT  sing N N 157 
ILE CB  CG1  sing N N 158 
ILE CB  CG2  sing N N 159 
ILE CB  HB   sing N N 160 
ILE CG1 CD1  sing N N 161 
ILE CG1 HG12 sing N N 162 
ILE CG1 HG13 sing N N 163 
ILE CG2 HG21 sing N N 164 
ILE CG2 HG22 sing N N 165 
ILE CG2 HG23 sing N N 166 
ILE CD1 HD11 sing N N 167 
ILE CD1 HD12 sing N N 168 
ILE CD1 HD13 sing N N 169 
ILE OXT HXT  sing N N 170 
LEU N   CA   sing N N 171 
LEU N   H    sing N N 172 
LEU N   H2   sing N N 173 
LEU CA  C    sing N N 174 
LEU CA  CB   sing N N 175 
LEU CA  HA   sing N N 176 
LEU C   O    doub N N 177 
LEU C   OXT  sing N N 178 
LEU CB  CG   sing N N 179 
LEU CB  HB2  sing N N 180 
LEU CB  HB3  sing N N 181 
LEU CG  CD1  sing N N 182 
LEU CG  CD2  sing N N 183 
LEU CG  HG   sing N N 184 
LEU CD1 HD11 sing N N 185 
LEU CD1 HD12 sing N N 186 
LEU CD1 HD13 sing N N 187 
LEU CD2 HD21 sing N N 188 
LEU CD2 HD22 sing N N 189 
LEU CD2 HD23 sing N N 190 
LEU OXT HXT  sing N N 191 
LYS N   CA   sing N N 192 
LYS N   H    sing N N 193 
LYS N   H2   sing N N 194 
LYS CA  C    sing N N 195 
LYS CA  CB   sing N N 196 
LYS CA  HA   sing N N 197 
LYS C   O    doub N N 198 
LYS C   OXT  sing N N 199 
LYS CB  CG   sing N N 200 
LYS CB  HB2  sing N N 201 
LYS CB  HB3  sing N N 202 
LYS CG  CD   sing N N 203 
LYS CG  HG2  sing N N 204 
LYS CG  HG3  sing N N 205 
LYS CD  CE   sing N N 206 
LYS CD  HD2  sing N N 207 
LYS CD  HD3  sing N N 208 
LYS CE  NZ   sing N N 209 
LYS CE  HE2  sing N N 210 
LYS CE  HE3  sing N N 211 
LYS NZ  HZ1  sing N N 212 
LYS NZ  HZ2  sing N N 213 
LYS NZ  HZ3  sing N N 214 
LYS OXT HXT  sing N N 215 
MET N   CA   sing N N 216 
MET N   H    sing N N 217 
MET N   H2   sing N N 218 
MET CA  C    sing N N 219 
MET CA  CB   sing N N 220 
MET CA  HA   sing N N 221 
MET C   O    doub N N 222 
MET C   OXT  sing N N 223 
MET CB  CG   sing N N 224 
MET CB  HB2  sing N N 225 
MET CB  HB3  sing N N 226 
MET CG  SD   sing N N 227 
MET CG  HG2  sing N N 228 
MET CG  HG3  sing N N 229 
MET SD  CE   sing N N 230 
MET CE  HE1  sing N N 231 
MET CE  HE2  sing N N 232 
MET CE  HE3  sing N N 233 
MET OXT HXT  sing N N 234 
PHE N   CA   sing N N 235 
PHE N   H    sing N N 236 
PHE N   H2   sing N N 237 
PHE CA  C    sing N N 238 
PHE CA  CB   sing N N 239 
PHE CA  HA   sing N N 240 
PHE C   O    doub N N 241 
PHE C   OXT  sing N N 242 
PHE CB  CG   sing N N 243 
PHE CB  HB2  sing N N 244 
PHE CB  HB3  sing N N 245 
PHE CG  CD1  doub Y N 246 
PHE CG  CD2  sing Y N 247 
PHE CD1 CE1  sing Y N 248 
PHE CD1 HD1  sing N N 249 
PHE CD2 CE2  doub Y N 250 
PHE CD2 HD2  sing N N 251 
PHE CE1 CZ   doub Y N 252 
PHE CE1 HE1  sing N N 253 
PHE CE2 CZ   sing Y N 254 
PHE CE2 HE2  sing N N 255 
PHE CZ  HZ   sing N N 256 
PHE OXT HXT  sing N N 257 
PRO N   CA   sing N N 258 
PRO N   CD   sing N N 259 
PRO N   H    sing N N 260 
PRO CA  C    sing N N 261 
PRO CA  CB   sing N N 262 
PRO CA  HA   sing N N 263 
PRO C   O    doub N N 264 
PRO C   OXT  sing N N 265 
PRO CB  CG   sing N N 266 
PRO CB  HB2  sing N N 267 
PRO CB  HB3  sing N N 268 
PRO CG  CD   sing N N 269 
PRO CG  HG2  sing N N 270 
PRO CG  HG3  sing N N 271 
PRO CD  HD2  sing N N 272 
PRO CD  HD3  sing N N 273 
PRO OXT HXT  sing N N 274 
SER N   CA   sing N N 275 
SER N   H    sing N N 276 
SER N   H2   sing N N 277 
SER CA  C    sing N N 278 
SER CA  CB   sing N N 279 
SER CA  HA   sing N N 280 
SER C   O    doub N N 281 
SER C   OXT  sing N N 282 
SER CB  OG   sing N N 283 
SER CB  HB2  sing N N 284 
SER CB  HB3  sing N N 285 
SER OG  HG   sing N N 286 
SER OXT HXT  sing N N 287 
THR N   CA   sing N N 288 
THR N   H    sing N N 289 
THR N   H2   sing N N 290 
THR CA  C    sing N N 291 
THR CA  CB   sing N N 292 
THR CA  HA   sing N N 293 
THR C   O    doub N N 294 
THR C   OXT  sing N N 295 
THR CB  OG1  sing N N 296 
THR CB  CG2  sing N N 297 
THR CB  HB   sing N N 298 
THR OG1 HG1  sing N N 299 
THR CG2 HG21 sing N N 300 
THR CG2 HG22 sing N N 301 
THR CG2 HG23 sing N N 302 
THR OXT HXT  sing N N 303 
TRP N   CA   sing N N 304 
TRP N   H    sing N N 305 
TRP N   H2   sing N N 306 
TRP CA  C    sing N N 307 
TRP CA  CB   sing N N 308 
TRP CA  HA   sing N N 309 
TRP C   O    doub N N 310 
TRP C   OXT  sing N N 311 
TRP CB  CG   sing N N 312 
TRP CB  HB2  sing N N 313 
TRP CB  HB3  sing N N 314 
TRP CG  CD1  doub Y N 315 
TRP CG  CD2  sing Y N 316 
TRP CD1 NE1  sing Y N 317 
TRP CD1 HD1  sing N N 318 
TRP CD2 CE2  doub Y N 319 
TRP CD2 CE3  sing Y N 320 
TRP NE1 CE2  sing Y N 321 
TRP NE1 HE1  sing N N 322 
TRP CE2 CZ2  sing Y N 323 
TRP CE3 CZ3  doub Y N 324 
TRP CE3 HE3  sing N N 325 
TRP CZ2 CH2  doub Y N 326 
TRP CZ2 HZ2  sing N N 327 
TRP CZ3 CH2  sing Y N 328 
TRP CZ3 HZ3  sing N N 329 
TRP CH2 HH2  sing N N 330 
TRP OXT HXT  sing N N 331 
TYR N   CA   sing N N 332 
TYR N   H    sing N N 333 
TYR N   H2   sing N N 334 
TYR CA  C    sing N N 335 
TYR CA  CB   sing N N 336 
TYR CA  HA   sing N N 337 
TYR C   O    doub N N 338 
TYR C   OXT  sing N N 339 
TYR CB  CG   sing N N 340 
TYR CB  HB2  sing N N 341 
TYR CB  HB3  sing N N 342 
TYR CG  CD1  doub Y N 343 
TYR CG  CD2  sing Y N 344 
TYR CD1 CE1  sing Y N 345 
TYR CD1 HD1  sing N N 346 
TYR CD2 CE2  doub Y N 347 
TYR CD2 HD2  sing N N 348 
TYR CE1 CZ   doub Y N 349 
TYR CE1 HE1  sing N N 350 
TYR CE2 CZ   sing Y N 351 
TYR CE2 HE2  sing N N 352 
TYR CZ  OH   sing N N 353 
TYR OH  HH   sing N N 354 
TYR OXT HXT  sing N N 355 
VAL N   CA   sing N N 356 
VAL N   H    sing N N 357 
VAL N   H2   sing N N 358 
VAL CA  C    sing N N 359 
VAL CA  CB   sing N N 360 
VAL CA  HA   sing N N 361 
VAL C   O    doub N N 362 
VAL C   OXT  sing N N 363 
VAL CB  CG1  sing N N 364 
VAL CB  CG2  sing N N 365 
VAL CB  HB   sing N N 366 
VAL CG1 HG11 sing N N 367 
VAL CG1 HG12 sing N N 368 
VAL CG1 HG13 sing N N 369 
VAL CG2 HG21 sing N N 370 
VAL CG2 HG22 sing N N 371 
VAL CG2 HG23 sing N N 372 
VAL OXT HXT  sing N N 373 
# 
_atom_sites.entry_id                    1QFP 
_atom_sites.fract_transf_matrix[1][1]   -0.02206753 
_atom_sites.fract_transf_matrix[1][2]   -0.00400087 
_atom_sites.fract_transf_matrix[1][3]   0.01944613 
_atom_sites.fract_transf_matrix[2][1]   -0.01930991 
_atom_sites.fract_transf_matrix[2][2]   0.02192410 
_atom_sites.fract_transf_matrix[2][3]   0.00525366 
_atom_sites.fract_transf_matrix[3][1]   -0.00384403 
_atom_sites.fract_transf_matrix[3][2]   -0.00223040 
_atom_sites.fract_transf_matrix[3][3]   -0.00482110 
_atom_sites.fract_transf_vector[1]      0.650953 
_atom_sites.fract_transf_vector[2]      0.752786 
_atom_sites.fract_transf_vector[3]      -0.086325 
# 
loop_
_atom_type.symbol 
C 
N 
O 
S 
# 
loop_
_atom_site.group_PDB 
_atom_site.id 
_atom_site.type_symbol 
_atom_site.label_atom_id 
_atom_site.label_alt_id 
_atom_site.label_comp_id 
_atom_site.label_asym_id 
_atom_site.label_entity_id 
_atom_site.label_seq_id 
_atom_site.pdbx_PDB_ins_code 
_atom_site.Cartn_x 
_atom_site.Cartn_y 
_atom_site.Cartn_z 
_atom_site.occupancy 
_atom_site.B_iso_or_equiv 
_atom_site.pdbx_formal_charge 
_atom_site.auth_seq_id 
_atom_site.auth_comp_id 
_atom_site.auth_asym_id 
_atom_site.auth_atom_id 
_atom_site.pdbx_PDB_model_num 
ATOM 1   N N   . THR A 1 1   ? 16.769  -7.613  -2.972  1.00 100.42 ? 1   THR A N   1 
ATOM 2   C CA  . THR A 1 1   ? 16.952  -7.046  -1.606  1.00 100.42 ? 1   THR A CA  1 
ATOM 3   C C   . THR A 1 1   ? 15.990  -5.889  -1.354  1.00 100.42 ? 1   THR A C   1 
ATOM 4   O O   . THR A 1 1   ? 14.934  -5.802  -1.979  1.00 100.42 ? 1   THR A O   1 
ATOM 5   C CB  . THR A 1 1   ? 18.379  -6.530  -1.413  1.00 64.74  ? 1   THR A CB  1 
ATOM 6   O OG1 . THR A 1 1   ? 18.561  -5.333  -2.181  1.00 64.79  ? 1   THR A OG1 1 
ATOM 7   C CG2 . THR A 1 1   ? 19.378  -7.585  -1.860  1.00 65.62  ? 1   THR A CG2 1 
ATOM 8   N N   . TRP A 1 2   ? 16.373  -4.997  -0.442  1.00 66.56  ? 2   TRP A N   1 
ATOM 9   C CA  . TRP A 1 2   ? 15.556  -3.842  -0.083  1.00 68.34  ? 2   TRP A CA  1 
ATOM 10  C C   . TRP A 1 2   ? 14.941  -3.102  -1.262  1.00 66.27  ? 2   TRP A C   1 
ATOM 11  O O   . TRP A 1 2   ? 15.636  -2.402  -1.999  1.00 65.36  ? 2   TRP A O   1 
ATOM 12  C CB  . TRP A 1 2   ? 16.381  -2.864  0.746   1.00 62.15  ? 2   TRP A CB  1 
ATOM 13  C CG  . TRP A 1 2   ? 16.624  -3.331  2.139   1.00 62.19  ? 2   TRP A CG  1 
ATOM 14  C CD1 . TRP A 1 2   ? 17.822  -3.400  2.783   1.00 56.48  ? 2   TRP A CD1 1 
ATOM 15  C CD2 . TRP A 1 2   ? 15.635  -3.744  3.084   1.00 61.95  ? 2   TRP A CD2 1 
ATOM 16  N NE1 . TRP A 1 2   ? 17.642  -3.828  4.076   1.00 57.87  ? 2   TRP A NE1 1 
ATOM 17  C CE2 . TRP A 1 2   ? 16.308  -4.046  4.287   1.00 59.65  ? 2   TRP A CE2 1 
ATOM 18  C CE3 . TRP A 1 2   ? 14.244  -3.883  3.033   1.00 58.62  ? 2   TRP A CE3 1 
ATOM 19  C CZ2 . TRP A 1 2   ? 15.638  -4.479  5.431   1.00 59.50  ? 2   TRP A CZ2 1 
ATOM 20  C CZ3 . TRP A 1 2   ? 13.576  -4.312  4.169   1.00 61.53  ? 2   TRP A CZ3 1 
ATOM 21  C CH2 . TRP A 1 2   ? 14.275  -4.606  5.354   1.00 56.35  ? 2   TRP A CH2 1 
ATOM 22  N N   . GLY A 1 3   ? 13.632  -3.260  -1.430  1.00 40.56  ? 3   GLY A N   1 
ATOM 23  C CA  . GLY A 1 3   ? 12.938  -2.579  -2.508  1.00 40.70  ? 3   GLY A CA  1 
ATOM 24  C C   . GLY A 1 3   ? 11.462  -2.910  -2.614  1.00 42.61  ? 3   GLY A C   1 
ATOM 25  O O   . GLY A 1 3   ? 10.992  -3.909  -2.065  1.00 38.19  ? 3   GLY A O   1 
ATOM 26  N N   . VAL A 1 4   ? 10.731  -2.048  -3.317  1.00 40.41  ? 4   VAL A N   1 
ATOM 27  C CA  . VAL A 1 4   ? 9.292   -2.223  -3.553  1.00 36.98  ? 4   VAL A CA  1 
ATOM 28  C C   . VAL A 1 4   ? 9.037   -1.982  -5.036  1.00 38.73  ? 4   VAL A C   1 
ATOM 29  O O   . VAL A 1 4   ? 9.622   -1.078  -5.631  1.00 38.01  ? 4   VAL A O   1 
ATOM 30  C CB  . VAL A 1 4   ? 8.423   -1.197  -2.764  1.00 21.83  ? 4   VAL A CB  1 
ATOM 31  C CG1 . VAL A 1 4   ? 6.946   -1.347  -3.169  1.00 23.54  ? 4   VAL A CG1 1 
ATOM 32  C CG2 . VAL A 1 4   ? 8.600   -1.401  -1.252  1.00 24.69  ? 4   VAL A CG2 1 
ATOM 33  N N   . SER A 1 5   ? 8.156   -2.776  -5.633  1.00 38.82  ? 5   SER A N   1 
ATOM 34  C CA  . SER A 1 5   ? 7.850   -2.607  -7.045  1.00 38.53  ? 5   SER A CA  1 
ATOM 35  C C   . SER A 1 5   ? 6.364   -2.405  -7.319  1.00 39.27  ? 5   SER A C   1 
ATOM 36  O O   . SER A 1 5   ? 5.548   -3.287  -7.030  1.00 41.89  ? 5   SER A O   1 
ATOM 37  C CB  . SER A 1 5   ? 8.347   -3.817  -7.826  1.00 61.88  ? 5   SER A CB  1 
ATOM 38  O OG  . SER A 1 5   ? 8.135   -3.625  -9.212  1.00 61.88  ? 5   SER A OG  1 
ATOM 39  N N   . SER A 1 6   ? 6.020   -1.241  -7.863  1.00 53.86  ? 6   SER A N   1 
ATOM 40  C CA  . SER A 1 6   ? 4.637   -0.922  -8.217  1.00 49.63  ? 6   SER A CA  1 
ATOM 41  C C   . SER A 1 6   ? 4.635   0.135   -9.326  1.00 51.50  ? 6   SER A C   1 
ATOM 42  O O   . SER A 1 6   ? 5.520   0.990   -9.387  1.00 49.65  ? 6   SER A O   1 
ATOM 43  C CB  . SER A 1 6   ? 3.851   -0.413  -7.002  1.00 41.34  ? 6   SER A CB  1 
ATOM 44  O OG  . SER A 1 6   ? 4.101   0.957   -6.746  1.00 43.92  ? 6   SER A OG  1 
ATOM 45  N N   . PRO A 1 7   ? 3.630   0.096   -10.208 1.00 47.71  ? 7   PRO A N   1 
ATOM 46  C CA  . PRO A 1 7   ? 3.513   1.041   -11.323 1.00 45.63  ? 7   PRO A CA  1 
ATOM 47  C C   . PRO A 1 7   ? 3.506   2.506   -10.935 1.00 47.78  ? 7   PRO A C   1 
ATOM 48  O O   . PRO A 1 7   ? 2.881   2.894   -9.953  1.00 43.70  ? 7   PRO A O   1 
ATOM 49  C CB  . PRO A 1 7   ? 2.213   0.616   -11.997 1.00 48.76  ? 7   PRO A CB  1 
ATOM 50  C CG  . PRO A 1 7   ? 1.408   0.064   -10.861 1.00 51.40  ? 7   PRO A CG  1 
ATOM 51  C CD  . PRO A 1 7   ? 2.428   -0.752  -10.116 1.00 51.25  ? 7   PRO A CD  1 
ATOM 52  N N   . LYS A 1 8   ? 4.204   3.321   -11.720 1.00 40.73  ? 8   LYS A N   1 
ATOM 53  C CA  . LYS A 1 8   ? 4.264   4.753   -11.468 1.00 41.35  ? 8   LYS A CA  1 
ATOM 54  C C   . LYS A 1 8   ? 2.877   5.358   -11.633 1.00 46.89  ? 8   LYS A C   1 
ATOM 55  O O   . LYS A 1 8   ? 2.511   6.275   -10.903 1.00 44.41  ? 8   LYS A O   1 
ATOM 56  C CB  . LYS A 1 8   ? 5.252   5.426   -12.422 1.00 32.04  ? 8   LYS A CB  1 
ATOM 57  N N   . ASN A 1 9   ? 2.101   4.848   -12.586 1.00 63.58  ? 9   ASN A N   1 
ATOM 58  C CA  . ASN A 1 9   ? 0.758   5.369   -12.815 1.00 63.98  ? 9   ASN A CA  1 
ATOM 59  C C   . ASN A 1 9   ? -0.310  4.308   -12.965 1.00 61.60  ? 9   ASN A C   1 
ATOM 60  O O   . ASN A 1 9   ? -0.054  3.200   -13.433 1.00 65.87  ? 9   ASN A O   1 
ATOM 61  C CB  . ASN A 1 9   ? 0.728   6.267   -14.048 1.00 77.86  ? 9   ASN A CB  1 
ATOM 62  C CG  . ASN A 1 9   ? 1.372   7.607   -13.802 1.00 77.86  ? 9   ASN A CG  1 
ATOM 63  O OD1 . ASN A 1 9   ? 2.597   7.733   -13.808 1.00 77.86  ? 9   ASN A OD1 1 
ATOM 64  N ND2 . ASN A 1 9   ? 0.547   8.621   -13.570 1.00 77.86  ? 9   ASN A ND2 1 
ATOM 65  N N   . VAL A 1 10  ? -1.523  4.671   -12.568 1.00 47.85  ? 10  VAL A N   1 
ATOM 66  C CA  . VAL A 1 10  ? -2.670  3.781   -12.641 1.00 52.14  ? 10  VAL A CA  1 
ATOM 67  C C   . VAL A 1 10  ? -3.906  4.655   -12.837 1.00 48.17  ? 10  VAL A C   1 
ATOM 68  O O   . VAL A 1 10  ? -4.071  5.671   -12.154 1.00 48.08  ? 10  VAL A O   1 
ATOM 69  C CB  . VAL A 1 10  ? -2.832  2.955   -11.330 1.00 51.01  ? 10  VAL A CB  1 
ATOM 70  C CG1 . VAL A 1 10  ? -4.145  2.197   -11.338 1.00 49.25  ? 10  VAL A CG1 1 
ATOM 71  C CG2 . VAL A 1 10  ? -1.683  1.974   -11.185 1.00 47.95  ? 10  VAL A CG2 1 
ATOM 72  N N   . GLN A 1 11  ? -4.759  4.278   -13.787 1.00 61.29  ? 11  GLN A N   1 
ATOM 73  C CA  . GLN A 1 11  ? -5.983  5.024   -14.045 1.00 59.79  ? 11  GLN A CA  1 
ATOM 74  C C   . GLN A 1 11  ? -7.146  4.095   -13.729 1.00 58.44  ? 11  GLN A C   1 
ATOM 75  O O   . GLN A 1 11  ? -7.044  2.879   -13.890 1.00 62.36  ? 11  GLN A O   1 
ATOM 76  C CB  . GLN A 1 11  ? -6.036  5.488   -15.507 1.00 38.65  ? 11  GLN A CB  1 
ATOM 77  N N   . GLY A 1 12  ? -8.243  4.669   -13.255 1.00 67.23  ? 12  GLY A N   1 
ATOM 78  C CA  . GLY A 1 12  ? -9.408  3.876   -12.917 1.00 68.95  ? 12  GLY A CA  1 
ATOM 79  C C   . GLY A 1 12  ? -10.649 4.700   -13.173 1.00 67.78  ? 12  GLY A C   1 
ATOM 80  O O   . GLY A 1 12  ? -10.536 5.858   -13.569 1.00 68.34  ? 12  GLY A O   1 
ATOM 81  N N   . LEU A 1 13  ? -11.825 4.119   -12.948 1.00 47.14  ? 13  LEU A N   1 
ATOM 82  C CA  . LEU A 1 13  ? -13.080 4.828   -13.176 1.00 45.81  ? 13  LEU A CA  1 
ATOM 83  C C   . LEU A 1 13  ? -13.979 4.816   -11.948 1.00 45.34  ? 13  LEU A C   1 
ATOM 84  O O   . LEU A 1 13  ? -14.018 3.837   -11.201 1.00 49.75  ? 13  LEU A O   1 
ATOM 85  C CB  . LEU A 1 13  ? -13.814 4.214   -14.367 1.00 77.45  ? 13  LEU A CB  1 
ATOM 86  N N   . SER A 1 14  ? -14.709 5.908   -11.748 1.00 61.44  ? 14  SER A N   1 
ATOM 87  C CA  . SER A 1 14  ? -15.613 6.018   -10.609 1.00 60.83  ? 14  SER A CA  1 
ATOM 88  C C   . SER A 1 14  ? -16.460 4.765   -10.458 1.00 60.73  ? 14  SER A C   1 
ATOM 89  O O   . SER A 1 14  ? -16.686 4.040   -11.421 1.00 65.54  ? 14  SER A O   1 
ATOM 90  C CB  . SER A 1 14  ? -16.532 7.227   -10.775 1.00 72.72  ? 14  SER A CB  1 
ATOM 91  O OG  . SER A 1 14  ? -15.783 8.423   -10.873 1.00 73.38  ? 14  SER A OG  1 
ATOM 92  N N   . GLY A 1 15  ? -16.916 4.516   -9.236  1.00 73.63  ? 15  GLY A N   1 
ATOM 93  C CA  . GLY A 1 15  ? -17.749 3.360   -8.968  1.00 72.01  ? 15  GLY A CA  1 
ATOM 94  C C   . GLY A 1 15  ? -17.051 2.017   -9.035  1.00 71.06  ? 15  GLY A C   1 
ATOM 95  O O   . GLY A 1 15  ? -17.332 1.128   -8.223  1.00 73.26  ? 15  GLY A O   1 
ATOM 96  N N   . SER A 1 16  ? -16.145 1.855   -9.994  1.00 46.43  ? 16  SER A N   1 
ATOM 97  C CA  . SER A 1 16  ? -15.437 0.592   -10.142 1.00 46.78  ? 16  SER A CA  1 
ATOM 98  C C   . SER A 1 16  ? -14.308 0.444   -9.122  1.00 48.87  ? 16  SER A C   1 
ATOM 99  O O   . SER A 1 16  ? -13.944 1.403   -8.439  1.00 50.11  ? 16  SER A O   1 
ATOM 100 C CB  . SER A 1 16  ? -14.868 0.479   -11.556 1.00 89.76  ? 16  SER A CB  1 
ATOM 101 O OG  . SER A 1 16  ? -13.897 1.481   -11.788 1.00 88.19  ? 16  SER A OG  1 
ATOM 102 N N   . CYS A 1 17  ? -13.772 -0.770  -9.015  1.00 47.82  ? 17  CYS A N   1 
ATOM 103 C CA  . CYS A 1 17  ? -12.671 -1.056  -8.104  1.00 48.64  ? 17  CYS A CA  1 
ATOM 104 C C   . CYS A 1 17  ? -11.387 -0.869  -8.876  1.00 48.08  ? 17  CYS A C   1 
ATOM 105 O O   . CYS A 1 17  ? -11.420 -0.568  -10.062 1.00 45.72  ? 17  CYS A O   1 
ATOM 106 C CB  . CYS A 1 17  ? -12.757 -2.490  -7.592  1.00 45.72  ? 17  CYS A CB  1 
ATOM 107 S SG  . CYS A 1 17  ? -14.165 -2.749  -6.496  1.00 46.67  ? 17  CYS A SG  1 
ATOM 108 N N   . LEU A 1 18  ? -10.254 -1.039  -8.211  1.00 45.28  ? 18  LEU A N   1 
ATOM 109 C CA  . LEU A 1 18  ? -8.971  -0.879  -8.875  1.00 49.28  ? 18  LEU A CA  1 
ATOM 110 C C   . LEU A 1 18  ? -7.908  -1.675  -8.137  1.00 50.58  ? 18  LEU A C   1 
ATOM 111 O O   . LEU A 1 18  ? -7.955  -1.778  -6.909  1.00 51.05  ? 18  LEU A O   1 
ATOM 112 C CB  . LEU A 1 18  ? -8.587  0.601   -8.916  1.00 60.02  ? 18  LEU A CB  1 
ATOM 113 C CG  . LEU A 1 18  ? -7.153  0.932   -9.334  1.00 58.37  ? 18  LEU A CG  1 
ATOM 114 C CD1 . LEU A 1 18  ? -6.799  0.204   -10.611 1.00 58.62  ? 18  LEU A CD1 1 
ATOM 115 C CD2 . LEU A 1 18  ? -7.013  2.427   -9.516  1.00 55.79  ? 18  LEU A CD2 1 
ATOM 116 N N   . LEU A 1 19  ? -6.957  -2.235  -8.886  1.00 48.63  ? 19  LEU A N   1 
ATOM 117 C CA  . LEU A 1 19  ? -5.884  -3.036  -8.305  1.00 52.75  ? 19  LEU A CA  1 
ATOM 118 C C   . LEU A 1 19  ? -4.487  -2.527  -8.647  1.00 51.60  ? 19  LEU A C   1 
ATOM 119 O O   . LEU A 1 19  ? -4.076  -2.568  -9.801  1.00 49.28  ? 19  LEU A O   1 
ATOM 120 C CB  . LEU A 1 19  ? -6.006  -4.488  -8.771  1.00 35.85  ? 19  LEU A CB  1 
ATOM 121 C CG  . LEU A 1 19  ? -5.019  -5.495  -8.155  1.00 35.79  ? 19  LEU A CG  1 
ATOM 122 C CD1 . LEU A 1 19  ? -5.306  -5.679  -6.656  1.00 36.48  ? 19  LEU A CD1 1 
ATOM 123 C CD2 . LEU A 1 19  ? -5.132  -6.820  -8.871  1.00 38.49  ? 19  LEU A CD2 1 
ATOM 124 N N   . ILE A 1 20  ? -3.753  -2.056  -7.641  1.00 44.86  ? 20  ILE A N   1 
ATOM 125 C CA  . ILE A 1 20  ? -2.396  -1.567  -7.860  1.00 43.83  ? 20  ILE A CA  1 
ATOM 126 C C   . ILE A 1 20  ? -1.443  -2.724  -7.626  1.00 43.89  ? 20  ILE A C   1 
ATOM 127 O O   . ILE A 1 20  ? -1.149  -3.063  -6.485  1.00 42.13  ? 20  ILE A O   1 
ATOM 128 C CB  . ILE A 1 20  ? -1.987  -0.495  -6.858  1.00 35.62  ? 20  ILE A CB  1 
ATOM 129 C CG1 . ILE A 1 20  ? -3.026  0.614   -6.792  1.00 39.43  ? 20  ILE A CG1 1 
ATOM 130 C CG2 . ILE A 1 20  ? -0.635  0.074   -7.253  1.00 35.28  ? 20  ILE A CG2 1 
ATOM 131 C CD1 . ILE A 1 20  ? -2.677  1.699   -5.770  1.00 34.65  ? 20  ILE A CD1 1 
ATOM 132 N N   . PRO A 1 21  ? -0.940  -3.346  -8.698  1.00 48.99  ? 21  PRO A N   1 
ATOM 133 C CA  . PRO A 1 21  ? -0.017  -4.468  -8.489  1.00 49.71  ? 21  PRO A CA  1 
ATOM 134 C C   . PRO A 1 21  ? 1.157   -4.017  -7.638  1.00 50.88  ? 21  PRO A C   1 
ATOM 135 O O   . PRO A 1 21  ? 1.645   -2.908  -7.798  1.00 51.62  ? 21  PRO A O   1 
ATOM 136 C CB  . PRO A 1 21  ? 0.396   -4.840  -9.909  1.00 51.50  ? 21  PRO A CB  1 
ATOM 137 C CG  . PRO A 1 21  ? 0.349   -3.514  -10.620 1.00 54.70  ? 21  PRO A CG  1 
ATOM 138 C CD  . PRO A 1 21  ? -0.948  -2.922  -10.109 1.00 50.78  ? 21  PRO A CD  1 
ATOM 139 N N   . CYS A 1 22  ? 1.605   -4.874  -6.733  1.00 43.08  ? 22  CYS A N   1 
ATOM 140 C CA  . CYS A 1 22  ? 2.722   -4.530  -5.862  1.00 42.96  ? 22  CYS A CA  1 
ATOM 141 C C   . CYS A 1 22  ? 3.489   -5.767  -5.393  1.00 44.43  ? 22  CYS A C   1 
ATOM 142 O O   . CYS A 1 22  ? 2.894   -6.799  -5.079  1.00 45.24  ? 22  CYS A O   1 
ATOM 143 C CB  . CYS A 1 22  ? 2.206   -3.753  -4.640  1.00 31.48  ? 22  CYS A CB  1 
ATOM 144 S SG  . CYS A 1 22  ? 3.490   -3.064  -3.559  1.00 34.28  ? 22  CYS A SG  1 
ATOM 145 N N   . ILE A 1 23  ? 4.812   -5.643  -5.356  1.00 32.45  ? 23  ILE A N   1 
ATOM 146 C CA  . ILE A 1 23  ? 5.708   -6.703  -4.912  1.00 35.19  ? 23  ILE A CA  1 
ATOM 147 C C   . ILE A 1 23  ? 6.889   -6.038  -4.200  1.00 36.00  ? 23  ILE A C   1 
ATOM 148 O O   . ILE A 1 23  ? 7.414   -5.019  -4.666  1.00 34.61  ? 23  ILE A O   1 
ATOM 149 C CB  . ILE A 1 23  ? 6.235   -7.525  -6.105  1.00 62.86  ? 23  ILE A CB  1 
ATOM 150 C CG1 . ILE A 1 23  ? 5.145   -8.472  -6.602  1.00 65.16  ? 23  ILE A CG1 1 
ATOM 151 C CG2 . ILE A 1 23  ? 7.464   -8.305  -5.704  1.00 68.11  ? 23  ILE A CG2 1 
ATOM 152 C CD1 . ILE A 1 23  ? 5.609   -9.446  -7.655  1.00 63.20  ? 23  ILE A CD1 1 
ATOM 153 N N   . PHE A 1 24  ? 7.301   -6.588  -3.064  1.00 31.70  ? 24  PHE A N   1 
ATOM 154 C CA  . PHE A 1 24  ? 8.427   -6.002  -2.358  1.00 37.10  ? 24  PHE A CA  1 
ATOM 155 C C   . PHE A 1 24  ? 9.529   -7.024  -2.194  1.00 37.98  ? 24  PHE A C   1 
ATOM 156 O O   . PHE A 1 24  ? 9.306   -8.221  -2.366  1.00 38.10  ? 24  PHE A O   1 
ATOM 157 C CB  . PHE A 1 24  ? 7.996   -5.458  -0.995  1.00 40.47  ? 24  PHE A CB  1 
ATOM 158 C CG  . PHE A 1 24  ? 7.503   -6.507  -0.040  1.00 39.15  ? 24  PHE A CG  1 
ATOM 159 C CD1 . PHE A 1 24  ? 6.239   -7.078  -0.201  1.00 41.90  ? 24  PHE A CD1 1 
ATOM 160 C CD2 . PHE A 1 24  ? 8.280   -6.891  1.049   1.00 43.05  ? 24  PHE A CD2 1 
ATOM 161 C CE1 . PHE A 1 24  ? 5.753   -8.012  0.714   1.00 37.02  ? 24  PHE A CE1 1 
ATOM 162 C CE2 . PHE A 1 24  ? 7.803   -7.823  1.968   1.00 42.63  ? 24  PHE A CE2 1 
ATOM 163 C CZ  . PHE A 1 24  ? 6.534   -8.385  1.801   1.00 39.16  ? 24  PHE A CZ  1 
ATOM 164 N N   . SER A 1 25  ? 10.721  -6.549  -1.864  1.00 59.79  ? 25  SER A N   1 
ATOM 165 C CA  . SER A 1 25  ? 11.866  -7.430  -1.708  1.00 60.80  ? 25  SER A CA  1 
ATOM 166 C C   . SER A 1 25  ? 12.766  -6.972  -0.560  1.00 59.00  ? 25  SER A C   1 
ATOM 167 O O   . SER A 1 25  ? 12.783  -5.793  -0.211  1.00 61.38  ? 25  SER A O   1 
ATOM 168 C CB  . SER A 1 25  ? 12.642  -7.460  -3.029  1.00 53.55  ? 25  SER A CB  1 
ATOM 169 O OG  . SER A 1 25  ? 13.886  -8.116  -2.896  1.00 55.51  ? 25  SER A OG  1 
ATOM 170 N N   . TYR A 1 26  ? 13.502  -7.909  0.030   1.00 65.33  ? 26  TYR A N   1 
ATOM 171 C CA  . TYR A 1 26  ? 14.409  -7.593  1.127   1.00 63.17  ? 26  TYR A CA  1 
ATOM 172 C C   . TYR A 1 26  ? 15.435  -8.716  1.315   1.00 66.12  ? 26  TYR A C   1 
ATOM 173 O O   . TYR A 1 26  ? 15.188  -9.864  0.940   1.00 63.77  ? 26  TYR A O   1 
ATOM 174 C CB  . TYR A 1 26  ? 13.625  -7.383  2.423   1.00 48.22  ? 26  TYR A CB  1 
ATOM 175 C CG  . TYR A 1 26  ? 12.930  -8.623  2.915   1.00 50.24  ? 26  TYR A CG  1 
ATOM 176 C CD1 . TYR A 1 26  ? 11.659  -8.969  2.456   1.00 45.55  ? 26  TYR A CD1 1 
ATOM 177 C CD2 . TYR A 1 26  ? 13.561  -9.475  3.812   1.00 46.28  ? 26  TYR A CD2 1 
ATOM 178 C CE1 . TYR A 1 26  ? 11.032  -10.144 2.886   1.00 49.33  ? 26  TYR A CE1 1 
ATOM 179 C CE2 . TYR A 1 26  ? 12.952  -10.649 4.249   1.00 49.63  ? 26  TYR A CE2 1 
ATOM 180 C CZ  . TYR A 1 26  ? 11.690  -10.981 3.784   1.00 47.87  ? 26  TYR A CZ  1 
ATOM 181 O OH  . TYR A 1 26  ? 11.094  -12.146 4.226   1.00 47.48  ? 26  TYR A OH  1 
ATOM 182 N N   . PRO A 1 27  ? 16.598  -8.397  1.909   1.00 64.68  ? 27  PRO A N   1 
ATOM 183 C CA  . PRO A 1 27  ? 17.695  -9.334  2.169   1.00 65.20  ? 27  PRO A CA  1 
ATOM 184 C C   . PRO A 1 27  ? 17.278  -10.628 2.869   1.00 66.72  ? 27  PRO A C   1 
ATOM 185 O O   . PRO A 1 27  ? 16.686  -10.589 3.951   1.00 63.22  ? 27  PRO A O   1 
ATOM 186 C CB  . PRO A 1 27  ? 18.649  -8.509  3.025   1.00 75.99  ? 27  PRO A CB  1 
ATOM 187 C CG  . PRO A 1 27  ? 18.446  -7.132  2.512   1.00 75.49  ? 27  PRO A CG  1 
ATOM 188 C CD  . PRO A 1 27  ? 16.944  -7.054  2.409   1.00 71.77  ? 27  PRO A CD  1 
ATOM 189 N N   . ALA A 1 28  ? 17.607  -11.769 2.259   1.00 73.17  ? 28  ALA A N   1 
ATOM 190 C CA  . ALA A 1 28  ? 17.272  -13.077 2.821   1.00 74.30  ? 28  ALA A CA  1 
ATOM 191 C C   . ALA A 1 28  ? 17.873  -13.288 4.208   1.00 74.65  ? 28  ALA A C   1 
ATOM 192 O O   . ALA A 1 28  ? 17.298  -13.994 5.040   1.00 71.21  ? 28  ALA A O   1 
ATOM 193 C CB  . ALA A 1 28  ? 17.744  -14.180 1.892   1.00 40.88  ? 28  ALA A CB  1 
ATOM 194 N N   . ASP A 1 29  ? 19.029  -12.677 4.450   1.00 64.30  ? 29  ASP A N   1 
ATOM 195 C CA  . ASP A 1 29  ? 19.716  -12.797 5.733   1.00 67.31  ? 29  ASP A CA  1 
ATOM 196 C C   . ASP A 1 29  ? 19.022  -12.049 6.878   1.00 65.17  ? 29  ASP A C   1 
ATOM 197 O O   . ASP A 1 29  ? 19.500  -12.063 8.016   1.00 69.63  ? 29  ASP A O   1 
ATOM 198 C CB  . ASP A 1 29  ? 21.164  -12.310 5.601   1.00 98.05  ? 29  ASP A CB  1 
ATOM 199 C CG  . ASP A 1 29  ? 21.257  -10.827 5.293   1.00 99.18  ? 29  ASP A CG  1 
ATOM 200 O OD1 . ASP A 1 29  ? 20.801  -10.018 6.129   1.00 99.18  ? 29  ASP A OD1 1 
ATOM 201 O OD2 . ASP A 1 29  ? 21.787  -10.471 4.218   1.00 97.53  ? 29  ASP A OD2 1 
ATOM 202 N N   . VAL A 1 30  ? 17.904  -11.387 6.590   1.00 59.80  ? 30  VAL A N   1 
ATOM 203 C CA  . VAL A 1 30  ? 17.191  -10.679 7.645   1.00 58.82  ? 30  VAL A CA  1 
ATOM 204 C C   . VAL A 1 30  ? 16.166  -11.626 8.248   1.00 59.73  ? 30  VAL A C   1 
ATOM 205 O O   . VAL A 1 30  ? 15.431  -12.309 7.532   1.00 63.59  ? 30  VAL A O   1 
ATOM 206 C CB  . VAL A 1 30  ? 16.467  -9.425  7.119   1.00 83.26  ? 30  VAL A CB  1 
ATOM 207 C CG1 . VAL A 1 30  ? 17.392  -8.633  6.216   1.00 86.53  ? 30  VAL A CG1 1 
ATOM 208 C CG2 . VAL A 1 30  ? 15.207  -9.816  6.398   1.00 84.18  ? 30  VAL A CG2 1 
ATOM 209 N N   . PRO A 1 31  ? 16.127  -11.701 9.583   1.00 63.14  ? 31  PRO A N   1 
ATOM 210 C CA  . PRO A 1 31  ? 15.176  -12.582 10.266  1.00 65.98  ? 31  PRO A CA  1 
ATOM 211 C C   . PRO A 1 31  ? 13.770  -12.001 10.227  1.00 64.45  ? 31  PRO A C   1 
ATOM 212 O O   . PRO A 1 31  ? 13.578  -10.830 10.541  1.00 63.49  ? 31  PRO A O   1 
ATOM 213 C CB  . PRO A 1 31  ? 15.722  -12.643 11.696  1.00 89.20  ? 31  PRO A CB  1 
ATOM 214 C CG  . PRO A 1 31  ? 17.183  -12.301 11.537  1.00 91.22  ? 31  PRO A CG  1 
ATOM 215 C CD  . PRO A 1 31  ? 17.138  -11.197 10.524  1.00 90.75  ? 31  PRO A CD  1 
ATOM 216 N N   . VAL A 1 32  ? 12.792  -12.815 9.846   1.00 57.05  ? 32  VAL A N   1 
ATOM 217 C CA  . VAL A 1 32  ? 11.401  -12.371 9.787   1.00 59.22  ? 32  VAL A CA  1 
ATOM 218 C C   . VAL A 1 32  ? 10.564  -13.293 10.664  1.00 55.62  ? 32  VAL A C   1 
ATOM 219 O O   . VAL A 1 32  ? 9.471   -13.717 10.289  1.00 54.47  ? 32  VAL A O   1 
ATOM 220 C CB  . VAL A 1 32  ? 10.862  -12.417 8.339   1.00 62.18  ? 32  VAL A CB  1 
ATOM 221 C CG1 . VAL A 1 32  ? 9.480   -11.794 8.280   1.00 62.19  ? 32  VAL A CG1 1 
ATOM 222 C CG2 . VAL A 1 32  ? 11.820  -11.684 7.401   1.00 61.70  ? 32  VAL A CG2 1 
ATOM 223 N N   . SER A 1 33  ? 11.087  -13.587 11.847  1.00 67.79  ? 33  SER A N   1 
ATOM 224 C CA  . SER A 1 33  ? 10.431  -14.485 12.784  1.00 68.45  ? 33  SER A CA  1 
ATOM 225 C C   . SER A 1 33  ? 9.203   -13.929 13.482  1.00 68.20  ? 33  SER A C   1 
ATOM 226 O O   . SER A 1 33  ? 8.710   -14.528 14.437  1.00 66.57  ? 33  SER A O   1 
ATOM 227 C CB  . SER A 1 33  ? 11.435  -14.943 13.839  1.00 100.42 ? 33  SER A CB  1 
ATOM 228 O OG  . SER A 1 33  ? 11.991  -13.825 14.507  1.00 100.42 ? 33  SER A OG  1 
ATOM 229 N N   . ASN A 1 34  ? 8.693   -12.802 13.013  1.00 91.75  ? 34  ASN A N   1 
ATOM 230 C CA  . ASN A 1 34  ? 7.522   -12.226 13.648  1.00 91.93  ? 34  ASN A CA  1 
ATOM 231 C C   . ASN A 1 34  ? 6.535   -11.666 12.653  1.00 94.49  ? 34  ASN A C   1 
ATOM 232 O O   . ASN A 1 34  ? 5.702   -10.827 12.995  1.00 94.35  ? 34  ASN A O   1 
ATOM 233 C CB  . ASN A 1 34  ? 7.950   -11.131 14.602  1.00 40.92  ? 34  ASN A CB  1 
ATOM 234 C CG  . ASN A 1 34  ? 8.779   -11.655 15.742  1.00 38.83  ? 34  ASN A CG  1 
ATOM 235 O OD1 . ASN A 1 34  ? 8.320   -12.495 16.512  1.00 37.18  ? 34  ASN A OD1 1 
ATOM 236 N ND2 . ASN A 1 34  ? 10.007  -11.161 15.866  1.00 40.67  ? 34  ASN A ND2 1 
ATOM 237 N N   . GLY A 1 35  ? 6.623   -12.140 11.418  1.00 86.14  ? 35  GLY A N   1 
ATOM 238 C CA  . GLY A 1 35  ? 5.721   -11.657 10.398  1.00 86.14  ? 35  GLY A CA  1 
ATOM 239 C C   . GLY A 1 35  ? 6.149   -10.282 9.942   1.00 86.14  ? 35  GLY A C   1 
ATOM 240 O O   . GLY A 1 35  ? 7.063   -9.681  10.505  1.00 86.14  ? 35  GLY A O   1 
ATOM 241 N N   . ILE A 1 36  ? 5.479   -9.785  8.913   1.00 33.53  ? 36  ILE A N   1 
ATOM 242 C CA  . ILE A 1 36  ? 5.770   -8.479  8.349   1.00 34.23  ? 36  ILE A CA  1 
ATOM 243 C C   . ILE A 1 36  ? 4.530   -7.606  8.483   1.00 35.14  ? 36  ILE A C   1 
ATOM 244 O O   . ILE A 1 36  ? 3.407   -8.102  8.385   1.00 33.27  ? 36  ILE A O   1 
ATOM 245 C CB  . ILE A 1 36  ? 6.141   -8.616  6.856   1.00 44.17  ? 36  ILE A CB  1 
ATOM 246 C CG1 . ILE A 1 36  ? 7.422   -9.440  6.726   1.00 41.89  ? 36  ILE A CG1 1 
ATOM 247 C CG2 . ILE A 1 36  ? 6.288   -7.243  6.207   1.00 44.70  ? 36  ILE A CG2 1 
ATOM 248 C CD1 . ILE A 1 36  ? 7.876   -9.627  5.305   1.00 46.19  ? 36  ILE A CD1 1 
ATOM 249 N N   . THR A 1 37  ? 4.726   -6.318  8.737   1.00 39.56  ? 37  THR A N   1 
ATOM 250 C CA  . THR A 1 37  ? 3.597   -5.404  8.844   1.00 36.53  ? 37  THR A CA  1 
ATOM 251 C C   . THR A 1 37  ? 3.499   -4.652  7.517   1.00 34.64  ? 37  THR A C   1 
ATOM 252 O O   . THR A 1 37  ? 4.479   -4.060  7.069   1.00 34.80  ? 37  THR A O   1 
ATOM 253 C CB  . THR A 1 37  ? 3.790   -4.384  9.985   1.00 39.78  ? 37  THR A CB  1 
ATOM 254 O OG1 . THR A 1 37  ? 3.901   -5.079  11.229  1.00 41.72  ? 37  THR A OG1 1 
ATOM 255 C CG2 . THR A 1 37  ? 2.609   -3.432  10.063  1.00 44.72  ? 37  THR A CG2 1 
ATOM 256 N N   . ALA A 1 38  ? 2.331   -4.705  6.879   1.00 34.30  ? 38  ALA A N   1 
ATOM 257 C CA  . ALA A 1 38  ? 2.115   -4.010  5.612   1.00 33.21  ? 38  ALA A CA  1 
ATOM 258 C C   . ALA A 1 38  ? 1.372   -2.742  5.953   1.00 31.12  ? 38  ALA A C   1 
ATOM 259 O O   . ALA A 1 38  ? 0.494   -2.739  6.805   1.00 31.80  ? 38  ALA A O   1 
ATOM 260 C CB  . ALA A 1 38  ? 1.286   -4.860  4.669   1.00 40.49  ? 38  ALA A CB  1 
ATOM 261 N N   . ILE A 1 39  ? 1.736   -1.659  5.293   1.00 25.11  ? 39  ILE A N   1 
ATOM 262 C CA  . ILE A 1 39  ? 1.114   -0.375  5.535   1.00 24.29  ? 39  ILE A CA  1 
ATOM 263 C C   . ILE A 1 39  ? 1.047   0.380   4.234   1.00 24.63  ? 39  ILE A C   1 
ATOM 264 O O   . ILE A 1 39  ? 2.061   0.559   3.566   1.00 22.55  ? 39  ILE A O   1 
ATOM 265 C CB  . ILE A 1 39  ? 1.952   0.450   6.508   1.00 22.77  ? 39  ILE A CB  1 
ATOM 266 C CG1 . ILE A 1 39  ? 2.061   -0.288  7.840   1.00 28.60  ? 39  ILE A CG1 1 
ATOM 267 C CG2 . ILE A 1 39  ? 1.355   1.853   6.672   1.00 26.84  ? 39  ILE A CG2 1 
ATOM 268 C CD1 . ILE A 1 39  ? 2.896   0.441   8.846   1.00 31.49  ? 39  ILE A CD1 1 
ATOM 269 N N   . TRP A 1 40  ? -0.154  0.802   3.861   1.00 30.82  ? 40  TRP A N   1 
ATOM 270 C CA  . TRP A 1 40  ? -0.342  1.574   2.644   1.00 29.07  ? 40  TRP A CA  1 
ATOM 271 C C   . TRP A 1 40  ? -0.699  3.005   3.014   1.00 27.65  ? 40  TRP A C   1 
ATOM 272 O O   . TRP A 1 40  ? -1.659  3.243   3.738   1.00 28.29  ? 40  TRP A O   1 
ATOM 273 C CB  . TRP A 1 40  ? -1.453  0.970   1.789   1.00 27.87  ? 40  TRP A CB  1 
ATOM 274 C CG  . TRP A 1 40  ? -0.943  0.019   0.755   1.00 29.18  ? 40  TRP A CG  1 
ATOM 275 C CD1 . TRP A 1 40  ? -1.046  -1.348  0.762   1.00 31.88  ? 40  TRP A CD1 1 
ATOM 276 C CD2 . TRP A 1 40  ? -0.261  0.365   -0.454  1.00 28.29  ? 40  TRP A CD2 1 
ATOM 277 N NE1 . TRP A 1 40  ? -0.476  -1.869  -0.373  1.00 29.75  ? 40  TRP A NE1 1 
ATOM 278 C CE2 . TRP A 1 40  ? 0.014   -0.841  -1.138  1.00 28.03  ? 40  TRP A CE2 1 
ATOM 279 C CE3 . TRP A 1 40  ? 0.144   1.577   -1.027  1.00 28.36  ? 40  TRP A CE3 1 
ATOM 280 C CZ2 . TRP A 1 40  ? 0.676   -0.870  -2.369  1.00 29.42  ? 40  TRP A CZ2 1 
ATOM 281 C CZ3 . TRP A 1 40  ? 0.800   1.549   -2.250  1.00 30.02  ? 40  TRP A CZ3 1 
ATOM 282 C CH2 . TRP A 1 40  ? 1.060   0.330   -2.909  1.00 25.55  ? 40  TRP A CH2 1 
ATOM 283 N N   . TYR A 1 41  ? 0.082   3.961   2.537   1.00 32.02  ? 41  TYR A N   1 
ATOM 284 C CA  . TYR A 1 41  ? -0.182  5.361   2.830   1.00 30.70  ? 41  TYR A CA  1 
ATOM 285 C C   . TYR A 1 41  ? -0.768  6.060   1.629   1.00 32.20  ? 41  TYR A C   1 
ATOM 286 O O   . TYR A 1 41  ? -0.509  5.677   0.485   1.00 29.83  ? 41  TYR A O   1 
ATOM 287 C CB  . TYR A 1 41  ? 1.106   6.092   3.203   1.00 33.61  ? 41  TYR A CB  1 
ATOM 288 C CG  . TYR A 1 41  ? 1.678   5.707   4.534   1.00 33.94  ? 41  TYR A CG  1 
ATOM 289 C CD1 . TYR A 1 41  ? 1.092   6.154   5.713   1.00 35.24  ? 41  TYR A CD1 1 
ATOM 290 C CD2 . TYR A 1 41  ? 2.818   4.908   4.622   1.00 36.03  ? 41  TYR A CD2 1 
ATOM 291 C CE1 . TYR A 1 41  ? 1.624   5.818   6.947   1.00 34.50  ? 41  TYR A CE1 1 
ATOM 292 C CE2 . TYR A 1 41  ? 3.359   4.566   5.853   1.00 33.02  ? 41  TYR A CE2 1 
ATOM 293 C CZ  . TYR A 1 41  ? 2.757   5.025   7.010   1.00 32.90  ? 41  TYR A CZ  1 
ATOM 294 O OH  . TYR A 1 41  ? 3.263   4.688   8.242   1.00 30.66  ? 41  TYR A OH  1 
ATOM 295 N N   . TYR A 1 42  ? -1.561  7.090   1.907   1.00 35.12  ? 42  TYR A N   1 
ATOM 296 C CA  . TYR A 1 42  ? -2.156  7.921   0.871   1.00 34.38  ? 42  TYR A CA  1 
ATOM 297 C C   . TYR A 1 42  ? -1.547  9.293   1.139   1.00 34.10  ? 42  TYR A C   1 
ATOM 298 O O   . TYR A 1 42  ? -1.476  9.709   2.300   1.00 33.80  ? 42  TYR A O   1 
ATOM 299 C CB  . TYR A 1 42  ? -3.676  7.989   1.023   1.00 53.58  ? 42  TYR A CB  1 
ATOM 300 C CG  . TYR A 1 42  ? -4.296  9.058   0.160   1.00 52.23  ? 42  TYR A CG  1 
ATOM 301 C CD1 . TYR A 1 42  ? -4.215  8.994   -1.224  1.00 52.33  ? 42  TYR A CD1 1 
ATOM 302 C CD2 . TYR A 1 42  ? -4.923  10.158  0.731   1.00 57.80  ? 42  TYR A CD2 1 
ATOM 303 C CE1 . TYR A 1 42  ? -4.737  9.998   -2.017  1.00 49.07  ? 42  TYR A CE1 1 
ATOM 304 C CE2 . TYR A 1 42  ? -5.452  11.173  -0.055  1.00 55.12  ? 42  TYR A CE2 1 
ATOM 305 C CZ  . TYR A 1 42  ? -5.356  11.089  -1.426  1.00 58.51  ? 42  TYR A CZ  1 
ATOM 306 O OH  . TYR A 1 42  ? -5.877  12.094  -2.207  1.00 55.66  ? 42  TYR A OH  1 
ATOM 307 N N   . ASP A 1 43  ? -1.085  9.970   0.087   1.00 46.28  ? 43  ASP A N   1 
ATOM 308 C CA  . ASP A 1 43  ? -0.472  11.294  0.215   1.00 41.10  ? 43  ASP A CA  1 
ATOM 309 C C   . ASP A 1 43  ? 0.523   11.373  1.398   1.00 43.39  ? 43  ASP A C   1 
ATOM 310 O O   . ASP A 1 43  ? 0.356   12.161  2.333   1.00 42.26  ? 43  ASP A O   1 
ATOM 311 C CB  . ASP A 1 43  ? -1.566  12.352  0.386   1.00 34.69  ? 43  ASP A CB  1 
ATOM 312 C CG  . ASP A 1 43  ? -1.014  13.770  0.374   1.00 38.61  ? 43  ASP A CG  1 
ATOM 313 O OD1 . ASP A 1 43  ? 0.044   13.993  -0.262  1.00 38.62  ? 43  ASP A OD1 1 
ATOM 314 O OD2 . ASP A 1 43  ? -1.640  14.659  0.997   1.00 38.94  ? 43  ASP A OD2 1 
ATOM 315 N N   . TYR A 1 44  ? 1.569   10.560  1.345   1.00 43.01  ? 44  TYR A N   1 
ATOM 316 C CA  . TYR A 1 44  ? 2.541   10.528  2.422   1.00 41.91  ? 44  TYR A CA  1 
ATOM 317 C C   . TYR A 1 44  ? 3.164   11.876  2.794   1.00 41.80  ? 44  TYR A C   1 
ATOM 318 O O   . TYR A 1 44  ? 3.303   12.195  3.979   1.00 43.53  ? 44  TYR A O   1 
ATOM 319 C CB  . TYR A 1 44  ? 3.628   9.513   2.078   1.00 34.77  ? 44  TYR A CB  1 
ATOM 320 C CG  . TYR A 1 44  ? 4.614   9.233   3.193   1.00 33.91  ? 44  TYR A CG  1 
ATOM 321 C CD1 . TYR A 1 44  ? 5.740   10.033  3.362   1.00 31.47  ? 44  TYR A CD1 1 
ATOM 322 C CD2 . TYR A 1 44  ? 4.430   8.159   4.070   1.00 35.09  ? 44  TYR A CD2 1 
ATOM 323 C CE1 . TYR A 1 44  ? 6.657   9.774   4.365   1.00 34.41  ? 44  TYR A CE1 1 
ATOM 324 C CE2 . TYR A 1 44  ? 5.348   7.896   5.080   1.00 34.30  ? 44  TYR A CE2 1 
ATOM 325 C CZ  . TYR A 1 44  ? 6.458   8.714   5.218   1.00 36.57  ? 44  TYR A CZ  1 
ATOM 326 O OH  . TYR A 1 44  ? 7.374   8.504   6.216   1.00 34.14  ? 44  TYR A OH  1 
ATOM 327 N N   . SER A 1 45  ? 3.535   12.667  1.792   1.00 49.38  ? 45  SER A N   1 
ATOM 328 C CA  . SER A 1 45  ? 4.158   13.969  2.030   1.00 52.01  ? 45  SER A CA  1 
ATOM 329 C C   . SER A 1 45  ? 3.198   15.009  2.605   1.00 51.13  ? 45  SER A C   1 
ATOM 330 O O   . SER A 1 45  ? 3.609   15.929  3.301   1.00 48.54  ? 45  SER A O   1 
ATOM 331 C CB  . SER A 1 45  ? 4.755   14.495  0.733   1.00 64.11  ? 45  SER A CB  1 
ATOM 332 O OG  . SER A 1 45  ? 5.669   13.553  0.200   1.00 65.41  ? 45  SER A OG  1 
ATOM 333 N N   . GLY A 1 46  ? 1.915   14.864  2.316   1.00 37.47  ? 46  GLY A N   1 
ATOM 334 C CA  . GLY A 1 46  ? 0.954   15.810  2.833   1.00 36.72  ? 46  GLY A CA  1 
ATOM 335 C C   . GLY A 1 46  ? 0.222   15.275  4.045   1.00 36.83  ? 46  GLY A C   1 
ATOM 336 O O   . GLY A 1 46  ? 0.778   15.213  5.145   1.00 39.71  ? 46  GLY A O   1 
ATOM 337 N N   . LYS A 1 47  ? -1.028  14.871  3.847   1.00 41.90  ? 47  LYS A N   1 
ATOM 338 C CA  . LYS A 1 47  ? -1.838  14.355  4.943   1.00 36.72  ? 47  LYS A CA  1 
ATOM 339 C C   . LYS A 1 47  ? -1.287  13.055  5.530   1.00 42.89  ? 47  LYS A C   1 
ATOM 340 O O   . LYS A 1 47  ? -1.382  12.817  6.734   1.00 42.83  ? 47  LYS A O   1 
ATOM 341 C CB  . LYS A 1 47  ? -3.282  14.157  4.465   1.00 51.27  ? 47  LYS A CB  1 
ATOM 342 N N   . ARG A 1 48  ? -0.695  12.221  4.683   1.00 44.00  ? 48  ARG A N   1 
ATOM 343 C CA  . ARG A 1 48  ? -0.157  10.939  5.129   1.00 42.30  ? 48  ARG A CA  1 
ATOM 344 C C   . ARG A 1 48  ? -1.244  10.110  5.825   1.00 43.29  ? 48  ARG A C   1 
ATOM 345 O O   . ARG A 1 48  ? -1.126  9.760   6.994   1.00 40.58  ? 48  ARG A O   1 
ATOM 346 C CB  . ARG A 1 48  ? 1.023   11.140  6.086   1.00 34.62  ? 48  ARG A CB  1 
ATOM 347 C CG  . ARG A 1 48  ? 1.700   9.835   6.470   1.00 28.63  ? 48  ARG A CG  1 
ATOM 348 C CD  . ARG A 1 48  ? 2.938   10.069  7.280   1.00 36.20  ? 48  ARG A CD  1 
ATOM 349 N NE  . ARG A 1 48  ? 3.849   10.956  6.577   1.00 29.15  ? 48  ARG A NE  1 
ATOM 350 C CZ  . ARG A 1 48  ? 5.040   11.319  7.039   1.00 35.63  ? 48  ARG A CZ  1 
ATOM 351 N NH1 . ARG A 1 48  ? 5.471   10.863  8.211   1.00 31.55  ? 48  ARG A NH1 1 
ATOM 352 N NH2 . ARG A 1 48  ? 5.794   12.147  6.331   1.00 33.88  ? 48  ARG A NH2 1 
ATOM 353 N N   . GLN A 1 49  ? -2.300  9.789   5.091   1.00 52.39  ? 49  GLN A N   1 
ATOM 354 C CA  . GLN A 1 49  ? -3.391  9.025   5.652   1.00 52.16  ? 49  GLN A CA  1 
ATOM 355 C C   . GLN A 1 49  ? -3.162  7.546   5.426   1.00 53.45  ? 49  GLN A C   1 
ATOM 356 O O   . GLN A 1 49  ? -2.803  7.128   4.333   1.00 50.60  ? 49  GLN A O   1 
ATOM 357 C CB  . GLN A 1 49  ? -4.704  9.466   5.015   1.00 55.42  ? 49  GLN A CB  1 
ATOM 358 C CG  . GLN A 1 49  ? -4.891  10.974  5.002   1.00 59.04  ? 49  GLN A CG  1 
ATOM 359 C CD  . GLN A 1 49  ? -6.269  11.391  4.532   1.00 58.94  ? 49  GLN A CD  1 
ATOM 360 O OE1 . GLN A 1 49  ? -7.252  11.249  5.260   1.00 60.40  ? 49  GLN A OE1 1 
ATOM 361 N NE2 . GLN A 1 49  ? -6.349  11.898  3.306   1.00 58.24  ? 49  GLN A NE2 1 
ATOM 362 N N   . VAL A 1 50  ? -3.375  6.760   6.472   1.00 29.78  ? 50  VAL A N   1 
ATOM 363 C CA  . VAL A 1 50  ? -3.189  5.324   6.431   1.00 28.85  ? 50  VAL A CA  1 
ATOM 364 C C   . VAL A 1 50  ? -4.330  4.598   5.693   1.00 31.50  ? 50  VAL A C   1 
ATOM 365 O O   . VAL A 1 50  ? -5.469  4.579   6.168   1.00 27.75  ? 50  VAL A O   1 
ATOM 366 C CB  . VAL A 1 50  ? -3.070  4.782   7.882   1.00 15.16  ? 50  VAL A CB  1 
ATOM 367 C CG1 . VAL A 1 50  ? -3.060  3.258   7.890   1.00 16.77  ? 50  VAL A CG1 1 
ATOM 368 C CG2 . VAL A 1 50  ? -1.798  5.323   8.534   1.00 17.20  ? 50  VAL A CG2 1 
ATOM 369 N N   . VAL A 1 51  ? -4.024  3.991   4.542   1.00 38.52  ? 51  VAL A N   1 
ATOM 370 C CA  . VAL A 1 51  ? -5.027  3.264   3.756   1.00 37.48  ? 51  VAL A CA  1 
ATOM 371 C C   . VAL A 1 51  ? -5.177  1.819   4.198   1.00 36.58  ? 51  VAL A C   1 
ATOM 372 O O   . VAL A 1 51  ? -6.282  1.266   4.184   1.00 38.63  ? 51  VAL A O   1 
ATOM 373 C CB  . VAL A 1 51  ? -4.683  3.222   2.260   1.00 33.93  ? 51  VAL A CB  1 
ATOM 374 C CG1 . VAL A 1 51  ? -5.618  2.251   1.542   1.00 26.55  ? 51  VAL A CG1 1 
ATOM 375 C CG2 . VAL A 1 51  ? -4.813  4.612   1.649   1.00 33.20  ? 51  VAL A CG2 1 
ATOM 376 N N   . ILE A 1 52  ? -4.062  1.204   4.572   1.00 42.38  ? 52  ILE A N   1 
ATOM 377 C CA  . ILE A 1 52  ? -4.064  -0.183  4.993   1.00 42.40  ? 52  ILE A CA  1 
ATOM 378 C C   . ILE A 1 52  ? -3.039  -0.351  6.093   1.00 41.92  ? 52  ILE A C   1 
ATOM 379 O O   . ILE A 1 52  ? -1.995  0.300   6.067   1.00 39.98  ? 52  ILE A O   1 
ATOM 380 C CB  . ILE A 1 52  ? -3.665  -1.110  3.819   1.00 43.67  ? 52  ILE A CB  1 
ATOM 381 C CG1 . ILE A 1 52  ? -4.821  -1.232  2.827   1.00 44.07  ? 52  ILE A CG1 1 
ATOM 382 C CG2 . ILE A 1 52  ? -3.237  -2.486  4.345   1.00 38.21  ? 52  ILE A CG2 1 
ATOM 383 C CD1 . ILE A 1 52  ? -5.943  -2.153  3.277   1.00 42.77  ? 52  ILE A CD1 1 
ATOM 384 N N   . HIS A 1 53  ? -3.343  -1.218  7.057   1.00 32.63  ? 53  HIS A N   1 
ATOM 385 C CA  . HIS A 1 53  ? -2.420  -1.506  8.150   1.00 32.35  ? 53  HIS A CA  1 
ATOM 386 C C   . HIS A 1 53  ? -2.634  -2.907  8.693   1.00 32.06  ? 53  HIS A C   1 
ATOM 387 O O   . HIS A 1 53  ? -3.449  -3.116  9.578   1.00 32.22  ? 53  HIS A O   1 
ATOM 388 C CB  . HIS A 1 53  ? -2.575  -0.514  9.285   1.00 30.10  ? 53  HIS A CB  1 
ATOM 389 C CG  . HIS A 1 53  ? -1.436  -0.549  10.247  1.00 29.24  ? 53  HIS A CG  1 
ATOM 390 N ND1 . HIS A 1 53  ? -0.584  0.520   10.436  1.00 32.32  ? 53  HIS A ND1 1 
ATOM 391 C CD2 . HIS A 1 53  ? -0.972  -1.545  11.035  1.00 30.95  ? 53  HIS A CD2 1 
ATOM 392 C CE1 . HIS A 1 53  ? 0.358   0.182   11.301  1.00 29.92  ? 53  HIS A CE1 1 
ATOM 393 N NE2 . HIS A 1 53  ? 0.146   -1.066  11.678  1.00 31.92  ? 53  HIS A NE2 1 
ATOM 394 N N   . SER A 1 54  ? -1.897  -3.870  8.158   1.00 40.70  ? 54  SER A N   1 
ATOM 395 C CA  . SER A 1 54  ? -2.033  -5.248  8.595   1.00 39.81  ? 54  SER A CA  1 
ATOM 396 C C   . SER A 1 54  ? -1.815  -5.357  10.092  1.00 40.33  ? 54  SER A C   1 
ATOM 397 O O   . SER A 1 54  ? -2.431  -6.184  10.742  1.00 43.08  ? 54  SER A O   1 
ATOM 398 C CB  . SER A 1 54  ? -1.026  -6.141  7.880   1.00 48.34  ? 54  SER A CB  1 
ATOM 399 O OG  . SER A 1 54  ? 0.274   -5.942  8.404   1.00 47.46  ? 54  SER A OG  1 
ATOM 400 N N   . GLY A 1 55  ? -0.938  -4.523  10.638  1.00 59.28  ? 55  GLY A N   1 
ATOM 401 C CA  . GLY A 1 55  ? -0.658  -4.574  12.063  1.00 60.74  ? 55  GLY A CA  1 
ATOM 402 C C   . GLY A 1 55  ? -1.836  -4.261  12.975  1.00 57.87  ? 55  GLY A C   1 
ATOM 403 O O   . GLY A 1 55  ? -2.122  -5.022  13.908  1.00 58.97  ? 55  GLY A O   1 
ATOM 404 N N   . ASP A 1 56  ? -2.510  -3.139  12.721  1.00 58.08  ? 56  ASP A N   1 
ATOM 405 C CA  . ASP A 1 56  ? -3.659  -2.716  13.521  1.00 55.16  ? 56  ASP A CA  1 
ATOM 406 C C   . ASP A 1 56  ? -4.636  -1.916  12.674  1.00 55.30  ? 56  ASP A C   1 
ATOM 407 O O   . ASP A 1 56  ? -4.513  -0.693  12.545  1.00 54.65  ? 56  ASP A O   1 
ATOM 408 C CB  . ASP A 1 56  ? -3.205  -1.864  14.708  1.00 98.04  ? 56  ASP A CB  1 
ATOM 409 C CG  . ASP A 1 56  ? -4.370  -1.251  15.462  1.00 98.04  ? 56  ASP A CG  1 
ATOM 410 O OD1 . ASP A 1 56  ? -5.264  -2.005  15.899  1.00 98.04  ? 56  ASP A OD1 1 
ATOM 411 O OD2 . ASP A 1 56  ? -4.392  -0.014  15.617  1.00 98.04  ? 56  ASP A OD2 1 
ATOM 412 N N   . PRO A 1 57  ? -5.633  -2.601  12.094  1.00 60.00  ? 57  PRO A N   1 
ATOM 413 C CA  . PRO A 1 57  ? -6.655  -1.987  11.245  1.00 57.98  ? 57  PRO A CA  1 
ATOM 414 C C   . PRO A 1 57  ? -7.418  -0.864  11.920  1.00 58.43  ? 57  PRO A C   1 
ATOM 415 O O   . PRO A 1 57  ? -8.299  -0.253  11.317  1.00 58.03  ? 57  PRO A O   1 
ATOM 416 C CB  . PRO A 1 57  ? -7.549  -3.168  10.868  1.00 87.20  ? 57  PRO A CB  1 
ATOM 417 C CG  . PRO A 1 57  ? -7.398  -4.092  12.029  1.00 83.40  ? 57  PRO A CG  1 
ATOM 418 C CD  . PRO A 1 57  ? -5.915  -4.032  12.290  1.00 87.20  ? 57  PRO A CD  1 
ATOM 419 N N   . LYS A 1 58  ? -7.080  -0.594  13.174  1.00 73.72  ? 58  LYS A N   1 
ATOM 420 C CA  . LYS A 1 58  ? -7.732  0.476   13.908  1.00 71.74  ? 58  LYS A CA  1 
ATOM 421 C C   . LYS A 1 58  ? -7.074  1.798   13.515  1.00 73.22  ? 58  LYS A C   1 
ATOM 422 O O   . LYS A 1 58  ? -7.615  2.872   13.776  1.00 73.34  ? 58  LYS A O   1 
ATOM 423 C CB  . LYS A 1 58  ? -7.598  0.237   15.408  1.00 74.02  ? 58  LYS A CB  1 
ATOM 424 N N   . LEU A 1 59  ? -5.910  1.703   12.868  1.00 42.71  ? 59  LEU A N   1 
ATOM 425 C CA  . LEU A 1 59  ? -5.144  2.878   12.430  1.00 41.83  ? 59  LEU A CA  1 
ATOM 426 C C   . LEU A 1 59  ? -5.547  3.401   11.055  1.00 45.17  ? 59  LEU A C   1 
ATOM 427 O O   . LEU A 1 59  ? -5.050  4.430   10.606  1.00 40.07  ? 59  LEU A O   1 
ATOM 428 C CB  . LEU A 1 59  ? -3.655  2.540   12.405  1.00 73.42  ? 59  LEU A CB  1 
ATOM 429 C CG  . LEU A 1 59  ? -2.936  2.388   13.743  1.00 46.71  ? 59  LEU A CG  1 
ATOM 430 C CD1 . LEU A 1 59  ? -1.635  1.634   13.547  1.00 46.71  ? 59  LEU A CD1 1 
ATOM 431 C CD2 . LEU A 1 59  ? -2.687  3.763   14.336  1.00 46.71  ? 59  LEU A CD2 1 
ATOM 432 N N   . VAL A 1 60  ? -6.440  2.692   10.379  1.00 32.50  ? 60  VAL A N   1 
ATOM 433 C CA  . VAL A 1 60  ? -6.877  3.109   9.047   1.00 31.80  ? 60  VAL A CA  1 
ATOM 434 C C   . VAL A 1 60  ? -7.686  4.393   9.088   1.00 34.23  ? 60  VAL A C   1 
ATOM 435 O O   . VAL A 1 60  ? -8.534  4.570   9.944   1.00 32.79  ? 60  VAL A O   1 
ATOM 436 C CB  . VAL A 1 60  ? -7.750  2.020   8.375   1.00 37.04  ? 60  VAL A CB  1 
ATOM 437 C CG1 . VAL A 1 60  ? -8.226  2.500   7.015   1.00 35.33  ? 60  VAL A CG1 1 
ATOM 438 C CG2 . VAL A 1 60  ? -6.966  0.724   8.247   1.00 33.46  ? 60  VAL A CG2 1 
ATOM 439 N N   . ASP A 1 61  ? -7.429  5.298   8.165   1.00 48.68  ? 61  ASP A N   1 
ATOM 440 C CA  . ASP A 1 61  ? -8.197  6.527   8.147   1.00 47.86  ? 61  ASP A CA  1 
ATOM 441 C C   . ASP A 1 61  ? -9.648  6.136   7.817   1.00 48.86  ? 61  ASP A C   1 
ATOM 442 O O   . ASP A 1 61  ? -9.892  5.097   7.197   1.00 44.16  ? 61  ASP A O   1 
ATOM 443 C CB  . ASP A 1 61  ? -7.633  7.467   7.091   1.00 72.08  ? 61  ASP A CB  1 
ATOM 444 C CG  . ASP A 1 61  ? -8.217  8.847   7.179   1.00 75.69  ? 61  ASP A CG  1 
ATOM 445 O OD1 . ASP A 1 61  ? -9.417  9.003   6.884   1.00 76.88  ? 61  ASP A OD1 1 
ATOM 446 O OD2 . ASP A 1 61  ? -7.473  9.776   7.551   1.00 79.06  ? 61  ASP A OD2 1 
ATOM 447 N N   . LYS A 1 62  ? -10.611 6.947   8.247   1.00 71.41  ? 62  LYS A N   1 
ATOM 448 C CA  . LYS A 1 62  ? -12.018 6.653   7.981   1.00 72.15  ? 62  LYS A CA  1 
ATOM 449 C C   . LYS A 1 62  ? -12.295 6.812   6.495   1.00 72.98  ? 62  LYS A C   1 
ATOM 450 O O   . LYS A 1 62  ? -13.066 6.055   5.903   1.00 70.74  ? 62  LYS A O   1 
ATOM 451 C CB  . LYS A 1 62  ? -12.913 7.595   8.787   1.00 100.42 ? 62  LYS A CB  1 
ATOM 452 C CG  . LYS A 1 62  ? -12.567 9.058   8.621   1.00 100.42 ? 62  LYS A CG  1 
ATOM 453 C CD  . LYS A 1 62  ? -13.377 9.926   9.560   1.00 100.42 ? 62  LYS A CD  1 
ATOM 454 C CE  . LYS A 1 62  ? -13.000 11.381  9.387   1.00 100.42 ? 62  LYS A CE  1 
ATOM 455 N NZ  . LYS A 1 62  ? -13.176 11.801  7.970   1.00 100.42 ? 62  LYS A NZ  1 
ATOM 456 N N   . ARG A 1 63  ? -11.654 7.815   5.908   1.00 44.04  ? 63  ARG A N   1 
ATOM 457 C CA  . ARG A 1 63  ? -11.769 8.104   4.490   1.00 43.00  ? 63  ARG A CA  1 
ATOM 458 C C   . ARG A 1 63  ? -11.660 6.793   3.714   1.00 39.68  ? 63  ARG A C   1 
ATOM 459 O O   . ARG A 1 63  ? -12.322 6.604   2.689   1.00 43.95  ? 63  ARG A O   1 
ATOM 460 C CB  . ARG A 1 63  ? -10.635 9.037   4.094   1.00 61.65  ? 63  ARG A CB  1 
ATOM 461 C CG  . ARG A 1 63  ? -10.638 9.520   2.677   1.00 60.06  ? 63  ARG A CG  1 
ATOM 462 C CD  . ARG A 1 63  ? -9.318  10.230  2.424   1.00 57.20  ? 63  ARG A CD  1 
ATOM 463 N NE  . ARG A 1 63  ? -9.177  10.832  1.099   1.00 61.69  ? 63  ARG A NE  1 
ATOM 464 C CZ  . ARG A 1 63  ? -9.567  10.270  -0.041  1.00 59.21  ? 63  ARG A CZ  1 
ATOM 465 N NH1 . ARG A 1 63  ? -10.147 9.075   -0.048  1.00 59.52  ? 63  ARG A NH1 1 
ATOM 466 N NH2 . ARG A 1 63  ? -9.351  10.899  -1.188  1.00 60.72  ? 63  ARG A NH2 1 
ATOM 467 N N   . PHE A 1 64  ? -10.839 5.875   4.220   1.00 60.65  ? 64  PHE A N   1 
ATOM 468 C CA  . PHE A 1 64  ? -10.625 4.594   3.555   1.00 58.97  ? 64  PHE A CA  1 
ATOM 469 C C   . PHE A 1 64  ? -11.190 3.368   4.248   1.00 60.40  ? 64  PHE A C   1 
ATOM 470 O O   . PHE A 1 64  ? -11.117 2.270   3.702   1.00 58.45  ? 64  PHE A O   1 
ATOM 471 C CB  . PHE A 1 64  ? -9.132  4.369   3.326   1.00 49.23  ? 64  PHE A CB  1 
ATOM 472 C CG  . PHE A 1 64  ? -8.496  5.395   2.445   1.00 47.19  ? 64  PHE A CG  1 
ATOM 473 C CD1 . PHE A 1 64  ? -8.121  6.628   2.952   1.00 47.66  ? 64  PHE A CD1 1 
ATOM 474 C CD2 . PHE A 1 64  ? -8.286  5.136   1.101   1.00 45.97  ? 64  PHE A CD2 1 
ATOM 475 C CE1 . PHE A 1 64  ? -7.548  7.588   2.129   1.00 44.91  ? 64  PHE A CE1 1 
ATOM 476 C CE2 . PHE A 1 64  ? -7.714  6.091   0.268   1.00 47.85  ? 64  PHE A CE2 1 
ATOM 477 C CZ  . PHE A 1 64  ? -7.343  7.318   0.781   1.00 46.39  ? 64  PHE A CZ  1 
ATOM 478 N N   . ARG A 1 65  ? -11.741 3.531   5.444   1.00 62.51  ? 65  ARG A N   1 
ATOM 479 C CA  . ARG A 1 65  ? -12.295 2.384   6.153   1.00 61.02  ? 65  ARG A CA  1 
ATOM 480 C C   . ARG A 1 65  ? -13.297 1.625   5.270   1.00 62.83  ? 65  ARG A C   1 
ATOM 481 O O   . ARG A 1 65  ? -14.188 2.226   4.663   1.00 61.13  ? 65  ARG A O   1 
ATOM 482 C CB  . ARG A 1 65  ? -12.970 2.845   7.450   1.00 51.49  ? 65  ARG A CB  1 
ATOM 483 N N   . GLY A 1 66  ? -13.129 0.308   5.179   1.00 50.58  ? 66  GLY A N   1 
ATOM 484 C CA  . GLY A 1 66  ? -14.038 -0.505  4.389   1.00 49.96  ? 66  GLY A CA  1 
ATOM 485 C C   . GLY A 1 66  ? -13.910 -0.490  2.871   1.00 52.07  ? 66  GLY A C   1 
ATOM 486 O O   . GLY A 1 66  ? -14.445 -1.381  2.206   1.00 46.45  ? 66  GLY A O   1 
ATOM 487 N N   . ARG A 1 67  ? -13.224 0.498   2.302   1.00 46.36  ? 67  ARG A N   1 
ATOM 488 C CA  . ARG A 1 67  ? -13.084 0.544   0.856   1.00 51.32  ? 67  ARG A CA  1 
ATOM 489 C C   . ARG A 1 67  ? -11.681 0.272   0.299   1.00 48.42  ? 67  ARG A C   1 
ATOM 490 O O   . ARG A 1 67  ? -11.354 0.657   -0.827  1.00 47.81  ? 67  ARG A O   1 
ATOM 491 C CB  . ARG A 1 67  ? -13.632 1.867   0.326   1.00 59.92  ? 67  ARG A CB  1 
ATOM 492 C CG  . ARG A 1 67  ? -13.416 3.050   1.219   1.00 60.38  ? 67  ARG A CG  1 
ATOM 493 C CD  . ARG A 1 67  ? -14.321 4.172   0.762   1.00 56.41  ? 67  ARG A CD  1 
ATOM 494 N NE  . ARG A 1 67  ? -14.095 4.493   -0.643  1.00 60.98  ? 67  ARG A NE  1 
ATOM 495 C CZ  . ARG A 1 67  ? -13.094 5.250   -1.081  1.00 59.16  ? 67  ARG A CZ  1 
ATOM 496 N NH1 . ARG A 1 67  ? -12.227 5.771   -0.223  1.00 54.35  ? 67  ARG A NH1 1 
ATOM 497 N NH2 . ARG A 1 67  ? -12.957 5.479   -2.377  1.00 56.02  ? 67  ARG A NH2 1 
ATOM 498 N N   . ALA A 1 68  ? -10.865 -0.414  1.091   1.00 42.16  ? 68  ALA A N   1 
ATOM 499 C CA  . ALA A 1 68  ? -9.512  -0.769  0.686   1.00 42.63  ? 68  ALA A CA  1 
ATOM 500 C C   . ALA A 1 68  ? -9.246  -2.171  1.190   1.00 41.46  ? 68  ALA A C   1 
ATOM 501 O O   . ALA A 1 68  ? -9.736  -2.551  2.246   1.00 43.30  ? 68  ALA A O   1 
ATOM 502 C CB  . ALA A 1 68  ? -8.513  0.184   1.292   1.00 42.65  ? 68  ALA A CB  1 
ATOM 503 N N   . GLU A 1 69  ? -8.480  -2.952  0.445   1.00 42.48  ? 69  GLU A N   1 
ATOM 504 C CA  . GLU A 1 69  ? -8.173  -4.302  0.889   1.00 42.17  ? 69  GLU A CA  1 
ATOM 505 C C   . GLU A 1 69  ? -6.779  -4.658  0.388   1.00 39.26  ? 69  GLU A C   1 
ATOM 506 O O   . GLU A 1 69  ? -6.354  -4.189  -0.659  1.00 42.23  ? 69  GLU A O   1 
ATOM 507 C CB  . GLU A 1 69  ? -9.220  -5.274  0.348   1.00 72.28  ? 69  GLU A CB  1 
ATOM 508 C CG  . GLU A 1 69  ? -9.426  -6.511  1.192   1.00 66.32  ? 69  GLU A CG  1 
ATOM 509 C CD  . GLU A 1 69  ? -10.658 -7.298  0.761   1.00 67.78  ? 69  GLU A CD  1 
ATOM 510 O OE1 . GLU A 1 69  ? -11.782 -6.747  0.837   1.00 68.98  ? 69  GLU A OE1 1 
ATOM 511 O OE2 . GLU A 1 69  ? -10.500 -8.466  0.340   1.00 69.87  ? 69  GLU A OE2 1 
ATOM 512 N N   . LEU A 1 70  ? -6.058  -5.465  1.150   1.00 48.83  ? 70  LEU A N   1 
ATOM 513 C CA  . LEU A 1 70  ? -4.716  -5.858  0.756   1.00 48.33  ? 70  LEU A CA  1 
ATOM 514 C C   . LEU A 1 70  ? -4.806  -7.262  0.202   1.00 49.60  ? 70  LEU A C   1 
ATOM 515 O O   . LEU A 1 70  ? -4.937  -8.217  0.951   1.00 50.79  ? 70  LEU A O   1 
ATOM 516 C CB  . LEU A 1 70  ? -3.786  -5.830  1.972   1.00 36.76  ? 70  LEU A CB  1 
ATOM 517 C CG  . LEU A 1 70  ? -2.313  -6.186  1.781   1.00 35.78  ? 70  LEU A CG  1 
ATOM 518 C CD1 . LEU A 1 70  ? -1.610  -5.096  1.003   1.00 35.71  ? 70  LEU A CD1 1 
ATOM 519 C CD2 . LEU A 1 70  ? -1.654  -6.345  3.132   1.00 34.90  ? 70  LEU A CD2 1 
ATOM 520 N N   . MET A 1 71  ? -4.756  -7.394  -1.114  1.00 50.52  ? 71  MET A N   1 
ATOM 521 C CA  . MET A 1 71  ? -4.836  -8.706  -1.738  1.00 50.92  ? 71  MET A CA  1 
ATOM 522 C C   . MET A 1 71  ? -3.443  -9.220  -2.024  1.00 48.56  ? 71  MET A C   1 
ATOM 523 O O   . MET A 1 71  ? -3.087  -9.498  -3.167  1.00 52.08  ? 71  MET A O   1 
ATOM 524 C CB  . MET A 1 71  ? -5.616  -8.623  -3.038  1.00 75.57  ? 71  MET A CB  1 
ATOM 525 C CG  . MET A 1 71  ? -7.070  -8.325  -2.850  1.00 74.65  ? 71  MET A CG  1 
ATOM 526 S SD  . MET A 1 71  ? -7.846  -8.258  -4.447  1.00 78.33  ? 71  MET A SD  1 
ATOM 527 C CE  . MET A 1 71  ? -7.909  -10.001 -4.866  1.00 74.92  ? 71  MET A CE  1 
ATOM 528 N N   . GLY A 1 72  ? -2.644  -9.329  -0.977  1.00 69.64  ? 72  GLY A N   1 
ATOM 529 C CA  . GLY A 1 72  ? -1.297  -9.809  -1.158  1.00 72.34  ? 72  GLY A CA  1 
ATOM 530 C C   . GLY A 1 72  ? -1.092  -11.044 -0.323  1.00 71.35  ? 72  GLY A C   1 
ATOM 531 O O   . GLY A 1 72  ? -1.957  -11.412 0.473   1.00 71.39  ? 72  GLY A O   1 
ATOM 532 N N   . ASN A 1 73  ? 0.050   -11.692 -0.528  1.00 89.14  ? 73  ASN A N   1 
ATOM 533 C CA  . ASN A 1 73  ? 0.422   -12.887 0.212   1.00 90.51  ? 73  ASN A CA  1 
ATOM 534 C C   . ASN A 1 73  ? 1.786   -12.540 0.765   1.00 90.22  ? 73  ASN A C   1 
ATOM 535 O O   . ASN A 1 73  ? 2.801   -12.893 0.181   1.00 89.09  ? 73  ASN A O   1 
ATOM 536 C CB  . ASN A 1 73  ? 0.549   -14.093 -0.719  1.00 100.42 ? 73  ASN A CB  1 
ATOM 537 C CG  . ASN A 1 73  ? -0.550  -14.148 -1.759  1.00 100.42 ? 73  ASN A CG  1 
ATOM 538 O OD1 . ASN A 1 73  ? -1.734  -14.085 -1.432  1.00 100.42 ? 73  ASN A OD1 1 
ATOM 539 N ND2 . ASN A 1 73  ? -0.161  -14.272 -3.025  1.00 100.42 ? 73  ASN A ND2 1 
ATOM 540 N N   . MET A 1 74  ? 1.803   -11.820 1.877   1.00 69.44  ? 74  MET A N   1 
ATOM 541 C CA  . MET A 1 74  ? 3.054   -11.407 2.496   1.00 69.44  ? 74  MET A CA  1 
ATOM 542 C C   . MET A 1 74  ? 4.184   -12.432 2.344   1.00 69.44  ? 74  MET A C   1 
ATOM 543 O O   . MET A 1 74  ? 5.320   -12.068 2.041   1.00 69.44  ? 74  MET A O   1 
ATOM 544 C CB  . MET A 1 74  ? 2.826   -11.099 3.980   1.00 61.11  ? 74  MET A CB  1 
ATOM 545 C CG  . MET A 1 74  ? 1.950   -9.883  4.235   1.00 64.52  ? 74  MET A CG  1 
ATOM 546 S SD  . MET A 1 74  ? 2.690   -8.364  3.602   1.00 63.24  ? 74  MET A SD  1 
ATOM 547 C CE  . MET A 1 74  ? 1.854   -8.220  2.032   1.00 64.27  ? 74  MET A CE  1 
ATOM 548 N N   . ASP A 1 75  ? 3.872   -13.709 2.544   1.00 91.04  ? 75  ASP A N   1 
ATOM 549 C CA  . ASP A 1 75  ? 4.883   -14.755 2.430   1.00 91.57  ? 75  ASP A CA  1 
ATOM 550 C C   . ASP A 1 75  ? 5.213   -15.077 0.974   1.00 92.00  ? 75  ASP A C   1 
ATOM 551 O O   . ASP A 1 75  ? 5.754   -16.140 0.670   1.00 89.97  ? 75  ASP A O   1 
ATOM 552 C CB  . ASP A 1 75  ? 4.426   -16.027 3.161   1.00 100.42 ? 75  ASP A CB  1 
ATOM 553 C CG  . ASP A 1 75  ? 4.259   -15.818 4.667   1.00 100.42 ? 75  ASP A CG  1 
ATOM 554 O OD1 . ASP A 1 75  ? 5.169   -15.235 5.301   1.00 100.42 ? 75  ASP A OD1 1 
ATOM 555 O OD2 . ASP A 1 75  ? 3.222   -16.249 5.217   1.00 100.42 ? 75  ASP A OD2 1 
ATOM 556 N N   . HIS A 1 76  ? 4.888   -14.149 0.082   1.00 80.27  ? 76  HIS A N   1 
ATOM 557 C CA  . HIS A 1 76  ? 5.151   -14.305 -1.348  1.00 82.93  ? 76  HIS A CA  1 
ATOM 558 C C   . HIS A 1 76  ? 5.691   -13.011 -1.939  1.00 81.80  ? 76  HIS A C   1 
ATOM 559 O O   . HIS A 1 76  ? 5.865   -12.905 -3.153  1.00 83.47  ? 76  HIS A O   1 
ATOM 560 C CB  . HIS A 1 76  ? 3.877   -14.705 -2.091  1.00 100.42 ? 76  HIS A CB  1 
ATOM 561 C CG  . HIS A 1 76  ? 3.479   -16.128 -1.878  1.00 100.42 ? 76  HIS A CG  1 
ATOM 562 N ND1 . HIS A 1 76  ? 4.252   -17.186 -2.311  1.00 100.42 ? 76  HIS A ND1 1 
ATOM 563 C CD2 . HIS A 1 76  ? 2.406   -16.673 -1.260  1.00 100.42 ? 76  HIS A CD2 1 
ATOM 564 C CE1 . HIS A 1 76  ? 3.670   -18.321 -1.965  1.00 100.42 ? 76  HIS A CE1 1 
ATOM 565 N NE2 . HIS A 1 76  ? 2.549   -18.039 -1.327  1.00 100.42 ? 76  HIS A NE2 1 
ATOM 566 N N   . LYS A 1 77  ? 5.946   -12.031 -1.074  1.00 58.99  ? 77  LYS A N   1 
ATOM 567 C CA  . LYS A 1 77  ? 6.475   -10.737 -1.489  1.00 59.89  ? 77  LYS A CA  1 
ATOM 568 C C   . LYS A 1 77  ? 5.426   -9.888  -2.217  1.00 58.87  ? 77  LYS A C   1 
ATOM 569 O O   . LYS A 1 77  ? 5.761   -8.864  -2.820  1.00 61.58  ? 77  LYS A O   1 
ATOM 570 C CB  . LYS A 1 77  ? 7.687   -10.937 -2.404  1.00 100.42 ? 77  LYS A CB  1 
ATOM 571 C CG  . LYS A 1 77  ? 8.689   -11.960 -1.893  1.00 98.98  ? 77  LYS A CG  1 
ATOM 572 C CD  . LYS A 1 77  ? 9.597   -12.454 -3.017  1.00 100.42 ? 77  LYS A CD  1 
ATOM 573 C CE  . LYS A 1 77  ? 10.411  -13.669 -2.580  1.00 100.42 ? 77  LYS A CE  1 
ATOM 574 N NZ  . LYS A 1 77  ? 11.198  -14.263 -3.700  1.00 100.42 ? 77  LYS A NZ  1 
ATOM 575 N N   . VAL A 1 78  ? 4.164   -10.310 -2.156  1.00 42.55  ? 78  VAL A N   1 
ATOM 576 C CA  . VAL A 1 78  ? 3.073   -9.587  -2.815  1.00 41.42  ? 78  VAL A CA  1 
ATOM 577 C C   . VAL A 1 78  ? 2.332   -8.591  -1.907  1.00 43.04  ? 78  VAL A C   1 
ATOM 578 O O   . VAL A 1 78  ? 1.862   -8.948  -0.825  1.00 42.41  ? 78  VAL A O   1 
ATOM 579 C CB  . VAL A 1 78  ? 2.017   -10.567 -3.398  1.00 53.67  ? 78  VAL A CB  1 
ATOM 580 C CG1 . VAL A 1 78  ? 0.854   -9.775  -4.012  1.00 49.32  ? 78  VAL A CG1 1 
ATOM 581 C CG2 . VAL A 1 78  ? 2.657   -11.471 -4.441  1.00 50.75  ? 78  VAL A CG2 1 
ATOM 582 N N   . CYS A 1 79  ? 2.205   -7.350  -2.368  1.00 45.19  ? 79  CYS A N   1 
ATOM 583 C CA  . CYS A 1 79  ? 1.515   -6.317  -1.599  1.00 44.10  ? 79  CYS A CA  1 
ATOM 584 C C   . CYS A 1 79  ? 0.460   -5.587  -2.415  1.00 46.17  ? 79  CYS A C   1 
ATOM 585 O O   . CYS A 1 79  ? 0.321   -4.377  -2.298  1.00 42.94  ? 79  CYS A O   1 
ATOM 586 C CB  . CYS A 1 79  ? 2.526   -5.310  -1.037  1.00 35.16  ? 79  CYS A CB  1 
ATOM 587 S SG  . CYS A 1 79  ? 3.932   -4.925  -2.151  1.00 32.11  ? 79  CYS A SG  1 
ATOM 588 N N   . ASN A 1 80  ? -0.290  -6.328  -3.232  1.00 36.82  ? 80  ASN A N   1 
ATOM 589 C CA  . ASN A 1 80  ? -1.336  -5.734  -4.078  1.00 39.65  ? 80  ASN A CA  1 
ATOM 590 C C   . ASN A 1 80  ? -2.403  -5.009  -3.282  1.00 38.55  ? 80  ASN A C   1 
ATOM 591 O O   . ASN A 1 80  ? -2.940  -5.558  -2.319  1.00 38.25  ? 80  ASN A O   1 
ATOM 592 C CB  . ASN A 1 80  ? -2.040  -6.798  -4.928  1.00 51.98  ? 80  ASN A CB  1 
ATOM 593 C CG  . ASN A 1 80  ? -1.111  -7.484  -5.901  1.00 46.18  ? 80  ASN A CG  1 
ATOM 594 O OD1 . ASN A 1 80  ? -0.131  -6.903  -6.359  1.00 50.07  ? 80  ASN A OD1 1 
ATOM 595 N ND2 . ASN A 1 80  ? -1.430  -8.724  -6.237  1.00 50.47  ? 80  ASN A ND2 1 
ATOM 596 N N   . LEU A 1 81  ? -2.712  -3.780  -3.692  1.00 50.55  ? 81  LEU A N   1 
ATOM 597 C CA  . LEU A 1 81  ? -3.757  -2.998  -3.034  1.00 49.92  ? 81  LEU A CA  1 
ATOM 598 C C   . LEU A 1 81  ? -4.991  -2.935  -3.915  1.00 51.01  ? 81  LEU A C   1 
ATOM 599 O O   . LEU A 1 81  ? -4.894  -2.721  -5.122  1.00 51.06  ? 81  LEU A O   1 
ATOM 600 C CB  . LEU A 1 81  ? -3.304  -1.564  -2.760  1.00 35.99  ? 81  LEU A CB  1 
ATOM 601 C CG  . LEU A 1 81  ? -4.354  -0.690  -2.054  1.00 31.96  ? 81  LEU A CG  1 
ATOM 602 C CD1 . LEU A 1 81  ? -4.606  -1.201  -0.640  1.00 33.75  ? 81  LEU A CD1 1 
ATOM 603 C CD2 . LEU A 1 81  ? -3.866  0.748   -2.015  1.00 35.92  ? 81  LEU A CD2 1 
ATOM 604 N N   . LEU A 1 82  ? -6.149  -3.132  -3.304  1.00 33.97  ? 82  LEU A N   1 
ATOM 605 C CA  . LEU A 1 82  ? -7.413  -3.063  -4.016  1.00 35.98  ? 82  LEU A CA  1 
ATOM 606 C C   . LEU A 1 82  ? -8.272  -1.973  -3.370  1.00 34.75  ? 82  LEU A C   1 
ATOM 607 O O   . LEU A 1 82  ? -8.601  -2.046  -2.181  1.00 35.85  ? 82  LEU A O   1 
ATOM 608 C CB  . LEU A 1 82  ? -8.135  -4.414  -3.952  1.00 54.05  ? 82  LEU A CB  1 
ATOM 609 C CG  . LEU A 1 82  ? -9.588  -4.440  -4.445  1.00 49.49  ? 82  LEU A CG  1 
ATOM 610 C CD1 . LEU A 1 82  ? -9.668  -3.991  -5.882  1.00 48.44  ? 82  LEU A CD1 1 
ATOM 611 C CD2 . LEU A 1 82  ? -10.130 -5.833  -4.313  1.00 52.96  ? 82  LEU A CD2 1 
ATOM 612 N N   . LEU A 1 83  ? -8.604  -0.950  -4.152  1.00 47.45  ? 83  LEU A N   1 
ATOM 613 C CA  . LEU A 1 83  ? -9.439  0.143   -3.678  1.00 49.15  ? 83  LEU A CA  1 
ATOM 614 C C   . LEU A 1 83  ? -10.820 -0.105  -4.253  1.00 48.75  ? 83  LEU A C   1 
ATOM 615 O O   . LEU A 1 83  ? -10.978 -0.205  -5.468  1.00 45.14  ? 83  LEU A O   1 
ATOM 616 C CB  . LEU A 1 83  ? -8.922  1.486   -4.189  1.00 45.43  ? 83  LEU A CB  1 
ATOM 617 C CG  . LEU A 1 83  ? -7.488  1.865   -3.827  1.00 49.79  ? 83  LEU A CG  1 
ATOM 618 C CD1 . LEU A 1 83  ? -7.031  3.003   -4.708  1.00 46.36  ? 83  LEU A CD1 1 
ATOM 619 C CD2 . LEU A 1 83  ? -7.415  2.238   -2.368  1.00 45.35  ? 83  LEU A CD2 1 
ATOM 620 N N   . LYS A 1 84  ? -11.818 -0.214  -3.391  1.00 48.72  ? 84  LYS A N   1 
ATOM 621 C CA  . LYS A 1 84  ? -13.169 -0.459  -3.857  1.00 47.86  ? 84  LYS A CA  1 
ATOM 622 C C   . LYS A 1 84  ? -13.814 0.870   -4.248  1.00 48.17  ? 84  LYS A C   1 
ATOM 623 O O   . LYS A 1 84  ? -13.287 1.935   -3.926  1.00 45.68  ? 84  LYS A O   1 
ATOM 624 C CB  . LYS A 1 84  ? -13.957 -1.161  -2.753  1.00 66.50  ? 84  LYS A CB  1 
ATOM 625 C CG  . LYS A 1 84  ? -13.211 -2.349  -2.151  1.00 66.94  ? 84  LYS A CG  1 
ATOM 626 C CD  . LYS A 1 84  ? -14.088 -3.153  -1.201  1.00 70.94  ? 84  LYS A CD  1 
ATOM 627 C CE  . LYS A 1 84  ? -13.327 -4.345  -0.619  1.00 73.34  ? 84  LYS A CE  1 
ATOM 628 N NZ  . LYS A 1 84  ? -14.187 -5.251  0.208   1.00 71.46  ? 84  LYS A NZ  1 
ATOM 629 N N   . ASP A 1 85  ? -14.944 0.793   -4.951  1.00 54.32  ? 85  ASP A N   1 
ATOM 630 C CA  . ASP A 1 85  ? -15.694 1.956   -5.442  1.00 54.28  ? 85  ASP A CA  1 
ATOM 631 C C   . ASP A 1 85  ? -14.910 3.266   -5.572  1.00 54.69  ? 85  ASP A C   1 
ATOM 632 O O   . ASP A 1 85  ? -15.063 4.195   -4.777  1.00 56.06  ? 85  ASP A O   1 
ATOM 633 C CB  . ASP A 1 85  ? -16.959 2.173   -4.595  1.00 100.42 ? 85  ASP A CB  1 
ATOM 634 C CG  . ASP A 1 85  ? -16.654 2.481   -3.139  1.00 100.42 ? 85  ASP A CG  1 
ATOM 635 O OD1 . ASP A 1 85  ? -16.202 3.611   -2.827  1.00 100.42 ? 85  ASP A OD1 1 
ATOM 636 O OD2 . ASP A 1 85  ? -16.875 1.590   -2.293  1.00 100.42 ? 85  ASP A OD2 1 
ATOM 637 N N   . LEU A 1 86  ? -14.078 3.345   -6.601  1.00 47.47  ? 86  LEU A N   1 
ATOM 638 C CA  . LEU A 1 86  ? -13.274 4.543   -6.817  1.00 46.41  ? 86  LEU A CA  1 
ATOM 639 C C   . LEU A 1 86  ? -14.053 5.859   -6.808  1.00 51.22  ? 86  LEU A C   1 
ATOM 640 O O   . LEU A 1 86  ? -15.242 5.901   -7.108  1.00 49.98  ? 86  LEU A O   1 
ATOM 641 C CB  . LEU A 1 86  ? -12.493 4.424   -8.128  1.00 61.83  ? 86  LEU A CB  1 
ATOM 642 C CG  . LEU A 1 86  ? -11.242 3.538   -8.097  1.00 57.15  ? 86  LEU A CG  1 
ATOM 643 C CD1 . LEU A 1 86  ? -10.580 3.523   -9.472  1.00 58.04  ? 86  LEU A CD1 1 
ATOM 644 C CD2 . LEU A 1 86  ? -10.269 4.066   -7.044  1.00 62.12  ? 86  LEU A CD2 1 
ATOM 645 N N   . LYS A 1 87  ? -13.357 6.931   -6.453  1.00 61.92  ? 87  LYS A N   1 
ATOM 646 C CA  . LYS A 1 87  ? -13.927 8.274   -6.400  1.00 57.58  ? 87  LYS A CA  1 
ATOM 647 C C   . LYS A 1 87  ? -12.871 9.251   -6.899  1.00 57.31  ? 87  LYS A C   1 
ATOM 648 O O   . LYS A 1 87  ? -11.688 8.937   -6.918  1.00 57.41  ? 87  LYS A O   1 
ATOM 649 C CB  . LYS A 1 87  ? -14.300 8.639   -4.962  1.00 47.31  ? 87  LYS A CB  1 
ATOM 650 C CG  . LYS A 1 87  ? -15.453 7.852   -4.409  1.00 49.42  ? 87  LYS A CG  1 
ATOM 651 C CD  . LYS A 1 87  ? -15.574 8.038   -2.907  1.00 49.42  ? 87  LYS A CD  1 
ATOM 652 C CE  . LYS A 1 87  ? -16.840 7.361   -2.387  1.00 49.42  ? 87  LYS A CE  1 
ATOM 653 N NZ  . LYS A 1 87  ? -16.959 7.461   -0.907  1.00 49.42  ? 87  LYS A NZ  1 
ATOM 654 N N   . PRO A 1 88  ? -13.289 10.450  -7.319  1.00 64.98  ? 88  PRO A N   1 
ATOM 655 C CA  . PRO A 1 88  ? -12.332 11.445  -7.808  1.00 62.76  ? 88  PRO A CA  1 
ATOM 656 C C   . PRO A 1 88  ? -11.336 11.874  -6.728  1.00 62.92  ? 88  PRO A C   1 
ATOM 657 O O   . PRO A 1 88  ? -10.158 12.106  -7.012  1.00 63.51  ? 88  PRO A O   1 
ATOM 658 C CB  . PRO A 1 88  ? -13.235 12.588  -8.252  1.00 62.98  ? 88  PRO A CB  1 
ATOM 659 C CG  . PRO A 1 88  ? -14.451 11.867  -8.733  1.00 61.33  ? 88  PRO A CG  1 
ATOM 660 C CD  . PRO A 1 88  ? -14.670 10.852  -7.640  1.00 67.79  ? 88  PRO A CD  1 
ATOM 661 N N   . GLU A 1 89  ? -11.810 11.976  -5.488  1.00 64.75  ? 89  GLU A N   1 
ATOM 662 C CA  . GLU A 1 89  ? -10.944 12.372  -4.384  1.00 63.94  ? 89  GLU A CA  1 
ATOM 663 C C   . GLU A 1 89  ? -9.837  11.351  -4.129  1.00 65.34  ? 89  GLU A C   1 
ATOM 664 O O   . GLU A 1 89  ? -8.742  11.709  -3.683  1.00 61.25  ? 89  GLU A O   1 
ATOM 665 C CB  . GLU A 1 89  ? -11.758 12.580  -3.102  1.00 100.42 ? 89  GLU A CB  1 
ATOM 666 C CG  . GLU A 1 89  ? -12.913 11.613  -2.928  1.00 85.98  ? 89  GLU A CG  1 
ATOM 667 C CD  . GLU A 1 89  ? -14.166 12.092  -3.628  1.00 85.98  ? 89  GLU A CD  1 
ATOM 668 O OE1 . GLU A 1 89  ? -14.843 12.990  -3.085  1.00 85.98  ? 89  GLU A OE1 1 
ATOM 669 O OE2 . GLU A 1 89  ? -14.469 11.582  -4.727  1.00 85.98  ? 89  GLU A OE2 1 
ATOM 670 N N   . ASP A 1 90  ? -10.122 10.083  -4.422  1.00 54.67  ? 90  ASP A N   1 
ATOM 671 C CA  . ASP A 1 90  ? -9.150  9.013   -4.219  1.00 54.34  ? 90  ASP A CA  1 
ATOM 672 C C   . ASP A 1 90  ? -7.905  9.168   -5.091  1.00 52.99  ? 90  ASP A C   1 
ATOM 673 O O   . ASP A 1 90  ? -6.970  8.380   -4.983  1.00 53.98  ? 90  ASP A O   1 
ATOM 674 C CB  . ASP A 1 90  ? -9.780  7.644   -4.488  1.00 55.93  ? 90  ASP A CB  1 
ATOM 675 C CG  . ASP A 1 90  ? -10.955 7.343   -3.575  1.00 58.44  ? 90  ASP A CG  1 
ATOM 676 O OD1 . ASP A 1 90  ? -10.867 7.606   -2.353  1.00 60.00  ? 90  ASP A OD1 1 
ATOM 677 O OD2 . ASP A 1 90  ? -11.971 6.822   -4.088  1.00 58.33  ? 90  ASP A OD2 1 
ATOM 678 N N   . SER A 1 91  ? -7.901  10.169  -5.967  1.00 43.11  ? 91  SER A N   1 
ATOM 679 C CA  . SER A 1 91  ? -6.740  10.408  -6.817  1.00 41.91  ? 91  SER A CA  1 
ATOM 680 C C   . SER A 1 91  ? -5.591  10.891  -5.932  1.00 41.30  ? 91  SER A C   1 
ATOM 681 O O   . SER A 1 91  ? -5.803  11.569  -4.920  1.00 40.44  ? 91  SER A O   1 
ATOM 682 C CB  . SER A 1 91  ? -7.052  11.460  -7.885  1.00 55.66  ? 91  SER A CB  1 
ATOM 683 O OG  . SER A 1 91  ? -7.909  10.943  -8.888  1.00 60.63  ? 91  SER A OG  1 
ATOM 684 N N   . GLY A 1 92  ? -4.373  10.536  -6.314  1.00 56.95  ? 92  GLY A N   1 
ATOM 685 C CA  . GLY A 1 92  ? -3.229  10.940  -5.531  1.00 58.14  ? 92  GLY A CA  1 
ATOM 686 C C   . GLY A 1 92  ? -2.160  9.874   -5.568  1.00 57.41  ? 92  GLY A C   1 
ATOM 687 O O   . GLY A 1 92  ? -2.178  8.981   -6.420  1.00 56.94  ? 92  GLY A O   1 
ATOM 688 N N   . THR A 1 93  ? -1.226  9.961   -4.631  1.00 46.78  ? 93  THR A N   1 
ATOM 689 C CA  . THR A 1 93  ? -0.132  9.015   -4.567  1.00 46.42  ? 93  THR A CA  1 
ATOM 690 C C   . THR A 1 93  ? -0.311  8.060   -3.410  1.00 48.42  ? 93  THR A C   1 
ATOM 691 O O   . THR A 1 93  ? -0.653  8.460   -2.295  1.00 45.70  ? 93  THR A O   1 
ATOM 692 C CB  . THR A 1 93  ? 1.201   9.741   -4.386  1.00 49.68  ? 93  THR A CB  1 
ATOM 693 O OG1 . THR A 1 93  ? 1.295   10.799  -5.343  1.00 47.61  ? 93  THR A OG1 1 
ATOM 694 C CG2 . THR A 1 93  ? 2.361   8.788   -4.593  1.00 50.16  ? 93  THR A CG2 1 
ATOM 695 N N   . TYR A 1 94  ? -0.085  6.786   -3.684  1.00 35.13  ? 94  TYR A N   1 
ATOM 696 C CA  . TYR A 1 94  ? -0.185  5.773   -2.660  1.00 36.20  ? 94  TYR A CA  1 
ATOM 697 C C   . TYR A 1 94  ? 1.197   5.177   -2.505  1.00 37.21  ? 94  TYR A C   1 
ATOM 698 O O   . TYR A 1 94  ? 1.818   4.811   -3.487  1.00 33.83  ? 94  TYR A O   1 
ATOM 699 C CB  . TYR A 1 94  ? -1.196  4.714   -3.065  1.00 28.26  ? 94  TYR A CB  1 
ATOM 700 C CG  . TYR A 1 94  ? -2.611  5.232   -3.060  1.00 32.63  ? 94  TYR A CG  1 
ATOM 701 C CD1 . TYR A 1 94  ? -3.078  6.058   -4.078  1.00 32.23  ? 94  TYR A CD1 1 
ATOM 702 C CD2 . TYR A 1 94  ? -3.486  4.903   -2.026  1.00 34.10  ? 94  TYR A CD2 1 
ATOM 703 C CE1 . TYR A 1 94  ? -4.382  6.539   -4.073  1.00 29.17  ? 94  TYR A CE1 1 
ATOM 704 C CE2 . TYR A 1 94  ? -4.796  5.379   -2.010  1.00 29.90  ? 94  TYR A CE2 1 
ATOM 705 C CZ  . TYR A 1 94  ? -5.234  6.194   -3.041  1.00 31.42  ? 94  TYR A CZ  1 
ATOM 706 O OH  . TYR A 1 94  ? -6.539  6.621   -3.049  1.00 36.20  ? 94  TYR A OH  1 
ATOM 707 N N   . ASN A 1 95  ? 1.683   5.112   -1.270  1.00 31.68  ? 95  ASN A N   1 
ATOM 708 C CA  . ASN A 1 95  ? 3.007   4.575   -0.982  1.00 32.13  ? 95  ASN A CA  1 
ATOM 709 C C   . ASN A 1 95  ? 2.910   3.374   -0.074  1.00 30.09  ? 95  ASN A C   1 
ATOM 710 O O   . ASN A 1 95  ? 2.156   3.377   0.890   1.00 33.15  ? 95  ASN A O   1 
ATOM 711 C CB  . ASN A 1 95  ? 3.861   5.635   -0.306  1.00 51.23  ? 95  ASN A CB  1 
ATOM 712 C CG  . ASN A 1 95  ? 4.205   6.767   -1.229  1.00 52.68  ? 95  ASN A CG  1 
ATOM 713 O OD1 . ASN A 1 95  ? 5.269   6.772   -1.856  1.00 50.56  ? 95  ASN A OD1 1 
ATOM 714 N ND2 . ASN A 1 95  ? 3.300   7.734   -1.338  1.00 50.82  ? 95  ASN A ND2 1 
ATOM 715 N N   . PHE A 1 96  ? 3.678   2.341   -0.381  1.00 29.98  ? 96  PHE A N   1 
ATOM 716 C CA  . PHE A 1 96  ? 3.669   1.141   0.437   1.00 30.90  ? 96  PHE A CA  1 
ATOM 717 C C   . PHE A 1 96  ? 4.895   1.119   1.341   1.00 33.26  ? 96  PHE A C   1 
ATOM 718 O O   . PHE A 1 96  ? 5.955   1.642   0.989   1.00 34.90  ? 96  PHE A O   1 
ATOM 719 C CB  . PHE A 1 96  ? 3.677   -0.106  -0.446  1.00 31.62  ? 96  PHE A CB  1 
ATOM 720 C CG  . PHE A 1 96  ? 3.714   -1.395  0.329   1.00 31.62  ? 96  PHE A CG  1 
ATOM 721 C CD1 . PHE A 1 96  ? 2.613   -1.806  1.073   1.00 31.62  ? 96  PHE A CD1 1 
ATOM 722 C CD2 . PHE A 1 96  ? 4.865   -2.175  0.345   1.00 31.82  ? 96  PHE A CD2 1 
ATOM 723 C CE1 . PHE A 1 96  ? 2.659   -2.963  1.817   1.00 31.62  ? 96  PHE A CE1 1 
ATOM 724 C CE2 . PHE A 1 96  ? 4.919   -3.337  1.088   1.00 31.62  ? 96  PHE A CE2 1 
ATOM 725 C CZ  . PHE A 1 96  ? 3.814   -3.733  1.827   1.00 31.62  ? 96  PHE A CZ  1 
ATOM 726 N N   . ARG A 1 97  ? 4.727   0.523   2.515   1.00 38.95  ? 97  ARG A N   1 
ATOM 727 C CA  . ARG A 1 97  ? 5.795   0.377   3.488   1.00 41.33  ? 97  ARG A CA  1 
ATOM 728 C C   . ARG A 1 97  ? 5.556   -0.931  4.233   1.00 38.54  ? 97  ARG A C   1 
ATOM 729 O O   . ARG A 1 97  ? 4.417   -1.283  4.530   1.00 38.90  ? 97  ARG A O   1 
ATOM 730 C CB  . ARG A 1 97  ? 5.794   1.541   4.479   1.00 72.48  ? 97  ARG A CB  1 
ATOM 731 C CG  . ARG A 1 97  ? 6.276   1.151   5.865   1.00 72.42  ? 97  ARG A CG  1 
ATOM 732 C CD  . ARG A 1 97  ? 6.419   2.342   6.781   1.00 71.15  ? 97  ARG A CD  1 
ATOM 733 N NE  . ARG A 1 97  ? 7.672   3.055   6.548   1.00 69.14  ? 97  ARG A NE  1 
ATOM 734 C CZ  . ARG A 1 97  ? 8.019   4.176   7.177   1.00 71.40  ? 97  ARG A CZ  1 
ATOM 735 N NH1 . ARG A 1 97  ? 7.202   4.710   8.075   1.00 70.50  ? 97  ARG A NH1 1 
ATOM 736 N NH2 . ARG A 1 97  ? 9.185   4.763   6.913   1.00 70.09  ? 97  ARG A NH2 1 
ATOM 737 N N   . PHE A 1 98  ? 6.628   -1.669  4.500   1.00 33.63  ? 98  PHE A N   1 
ATOM 738 C CA  . PHE A 1 98  ? 6.522   -2.911  5.251   1.00 32.44  ? 98  PHE A CA  1 
ATOM 739 C C   . PHE A 1 98  ? 7.585   -2.871  6.358   1.00 29.50  ? 98  PHE A C   1 
ATOM 740 O O   . PHE A 1 98  ? 8.633   -2.241  6.200   1.00 33.57  ? 98  PHE A O   1 
ATOM 741 C CB  . PHE A 1 98  ? 6.705   -4.119  4.331   1.00 46.84  ? 98  PHE A CB  1 
ATOM 742 C CG  . PHE A 1 98  ? 8.032   -4.166  3.648   1.00 47.30  ? 98  PHE A CG  1 
ATOM 743 C CD1 . PHE A 1 98  ? 8.326   -3.284  2.615   1.00 49.63  ? 98  PHE A CD1 1 
ATOM 744 C CD2 . PHE A 1 98  ? 8.999   -5.088  4.045   1.00 44.94  ? 98  PHE A CD2 1 
ATOM 745 C CE1 . PHE A 1 98  ? 9.569   -3.317  1.982   1.00 46.44  ? 98  PHE A CE1 1 
ATOM 746 C CE2 . PHE A 1 98  ? 10.245  -5.131  3.422   1.00 46.98  ? 98  PHE A CE2 1 
ATOM 747 C CZ  . PHE A 1 98  ? 10.533  -4.243  2.386   1.00 49.14  ? 98  PHE A CZ  1 
ATOM 748 N N   . GLU A 1 99  ? 7.276   -3.498  7.494   1.00 49.71  ? 99  GLU A N   1 
ATOM 749 C CA  . GLU A 1 99  ? 8.179   -3.543  8.643   1.00 48.07  ? 99  GLU A CA  1 
ATOM 750 C C   . GLU A 1 99  ? 8.425   -4.986  9.042   1.00 47.83  ? 99  GLU A C   1 
ATOM 751 O O   . GLU A 1 99  ? 7.485   -5.767  9.187   1.00 49.74  ? 99  GLU A O   1 
ATOM 752 C CB  . GLU A 1 99  ? 7.581   -2.795  9.835   1.00 62.28  ? 99  GLU A CB  1 
ATOM 753 C CG  . GLU A 1 99  ? 7.371   -1.315  9.597   1.00 58.91  ? 99  GLU A CG  1 
ATOM 754 C CD  . GLU A 1 99  ? 6.658   -0.626  10.746  1.00 62.03  ? 99  GLU A CD  1 
ATOM 755 O OE1 . GLU A 1 99  ? 6.372   -1.300  11.762  1.00 62.05  ? 99  GLU A OE1 1 
ATOM 756 O OE2 . GLU A 1 99  ? 6.386   0.590   10.630  1.00 62.00  ? 99  GLU A OE2 1 
ATOM 757 N N   . ILE A 1 100 ? 9.697   -5.332  9.217   1.00 73.24  ? 100 ILE A N   1 
ATOM 758 C CA  . ILE A 1 100 ? 10.078  -6.679  9.605   1.00 69.57  ? 100 ILE A CA  1 
ATOM 759 C C   . ILE A 1 100 ? 10.485  -6.712  11.073  1.00 67.52  ? 100 ILE A C   1 
ATOM 760 O O   . ILE A 1 100 ? 10.283  -7.721  11.747  1.00 66.11  ? 100 ILE A O   1 
ATOM 761 C CB  . ILE A 1 100 ? 11.247  -7.199  8.748   1.00 46.60  ? 100 ILE A CB  1 
ATOM 762 C CG1 . ILE A 1 100 ? 10.807  -7.328  7.290   1.00 48.13  ? 100 ILE A CG1 1 
ATOM 763 C CG2 . ILE A 1 100 ? 11.706  -8.551  9.260   1.00 49.08  ? 100 ILE A CG2 1 
ATOM 764 C CD1 . ILE A 1 100 ? 11.953  -7.643  6.332   1.00 45.67  ? 100 ILE A CD1 1 
ATOM 765 N N   . SER A 1 101 ? 11.057  -5.611  11.555  1.00 70.34  ? 101 SER A N   1 
ATOM 766 C CA  . SER A 1 101 ? 11.491  -5.485  12.951  1.00 69.91  ? 101 SER A CA  1 
ATOM 767 C C   . SER A 1 101 ? 12.303  -4.216  13.171  1.00 74.42  ? 101 SER A C   1 
ATOM 768 O O   . SER A 1 101 ? 13.506  -4.200  12.921  1.00 56.79  ? 101 SER A O   1 
ATOM 769 C CB  . SER A 1 101 ? 12.331  -6.695  13.383  1.00 100.42 ? 101 SER A CB  1 
ATOM 770 O OG  . SER A 1 101 ? 11.519  -7.765  13.843  1.00 100.42 ? 101 SER A OG  1 
ATOM 771 N N   . ASP A 1 102 ? 11.639  -3.163  13.646  1.00 94.35  ? 102 ASP A N   1 
ATOM 772 C CA  . ASP A 1 102 ? 12.268  -1.868  13.915  1.00 92.84  ? 102 ASP A CA  1 
ATOM 773 C C   . ASP A 1 102 ? 13.374  -1.462  12.961  1.00 91.09  ? 102 ASP A C   1 
ATOM 774 O O   . ASP A 1 102 ? 13.118  -0.836  11.936  1.00 93.01  ? 102 ASP A O   1 
ATOM 775 C CB  . ASP A 1 102 ? 12.817  -1.819  15.337  1.00 100.42 ? 102 ASP A CB  1 
ATOM 776 C CG  . ASP A 1 102 ? 11.782  -1.368  16.335  1.00 81.85  ? 102 ASP A CG  1 
ATOM 777 O OD1 . ASP A 1 102 ? 11.128  -0.332  16.078  1.00 81.85  ? 102 ASP A OD1 1 
ATOM 778 O OD2 . ASP A 1 102 ? 11.627  -2.044  17.377  1.00 81.85  ? 102 ASP A OD2 1 
ATOM 779 N N   . SER A 1 103 ? 14.608  -1.800  13.316  1.00 83.70  ? 103 SER A N   1 
ATOM 780 C CA  . SER A 1 103 ? 15.754  -1.465  12.483  1.00 78.49  ? 103 SER A CA  1 
ATOM 781 C C   . SER A 1 103 ? 15.561  -1.983  11.059  1.00 73.59  ? 103 SER A C   1 
ATOM 782 O O   . SER A 1 103 ? 16.303  -1.614  10.148  1.00 73.93  ? 103 SER A O   1 
ATOM 783 C CB  . SER A 1 103 ? 17.038  -2.044  13.087  1.00 87.41  ? 103 SER A CB  1 
ATOM 784 O OG  . SER A 1 103 ? 16.928  -3.441  13.299  1.00 92.01  ? 103 SER A OG  1 
ATOM 785 N N   . ASN A 1 104 ? 14.561  -2.833  10.867  1.00 87.43  ? 104 ASN A N   1 
ATOM 786 C CA  . ASN A 1 104 ? 14.284  -3.375  9.547   1.00 84.58  ? 104 ASN A CA  1 
ATOM 787 C C   . ASN A 1 104 ? 12.903  -2.971  9.057   1.00 82.11  ? 104 ASN A C   1 
ATOM 788 O O   . ASN A 1 104 ? 11.914  -3.670  9.275   1.00 81.38  ? 104 ASN A O   1 
ATOM 789 C CB  . ASN A 1 104 ? 14.413  -4.893  9.563   1.00 67.83  ? 104 ASN A CB  1 
ATOM 790 C CG  . ASN A 1 104 ? 15.820  -5.343  9.865   1.00 72.48  ? 104 ASN A CG  1 
ATOM 791 O OD1 . ASN A 1 104 ? 16.753  -5.023  9.131   1.00 71.12  ? 104 ASN A OD1 1 
ATOM 792 N ND2 . ASN A 1 104 ? 15.984  -6.086  10.955  1.00 75.99  ? 104 ASN A ND2 1 
ATOM 793 N N   . ARG A 1 105 ? 12.856  -1.818  8.403   1.00 55.98  ? 105 ARG A N   1 
ATOM 794 C CA  . ARG A 1 105 ? 11.630  -1.270  7.850   1.00 56.86  ? 105 ARG A CA  1 
ATOM 795 C C   . ARG A 1 105 ? 11.973  -0.662  6.498   1.00 54.21  ? 105 ARG A C   1 
ATOM 796 O O   . ARG A 1 105 ? 13.124  -0.303  6.248   1.00 57.98  ? 105 ARG A O   1 
ATOM 797 C CB  . ARG A 1 105 ? 11.056  -0.198  8.774   1.00 100.42 ? 105 ARG A CB  1 
ATOM 798 C CG  . ARG A 1 105 ? 12.091  0.740   9.362   1.00 100.11 ? 105 ARG A CG  1 
ATOM 799 C CD  . ARG A 1 105 ? 11.503  2.119   9.594   1.00 100.42 ? 105 ARG A CD  1 
ATOM 800 N NE  . ARG A 1 105 ? 10.187  2.060   10.222  1.00 100.42 ? 105 ARG A NE  1 
ATOM 801 C CZ  . ARG A 1 105 ? 9.410   3.119   10.424  1.00 100.42 ? 105 ARG A CZ  1 
ATOM 802 N NH1 . ARG A 1 105 ? 9.819   4.325   10.050  1.00 100.42 ? 105 ARG A NH1 1 
ATOM 803 N NH2 . ARG A 1 105 ? 8.219   2.972   10.987  1.00 100.42 ? 105 ARG A NH2 1 
ATOM 804 N N   . TRP A 1 106 ? 10.979  -0.544  5.627   1.00 45.53  ? 106 TRP A N   1 
ATOM 805 C CA  . TRP A 1 106 ? 11.225  0.007   4.310   1.00 45.53  ? 106 TRP A CA  1 
ATOM 806 C C   . TRP A 1 106 ? 10.020  0.707   3.698   1.00 46.09  ? 106 TRP A C   1 
ATOM 807 O O   . TRP A 1 106 ? 8.924   0.141   3.610   1.00 46.50  ? 106 TRP A O   1 
ATOM 808 C CB  . TRP A 1 106 ? 11.708  -1.101  3.376   1.00 50.41  ? 106 TRP A CB  1 
ATOM 809 C CG  . TRP A 1 106 ? 12.100  -0.603  2.030   1.00 48.79  ? 106 TRP A CG  1 
ATOM 810 C CD1 . TRP A 1 106 ? 11.302  -0.492  0.921   1.00 45.59  ? 106 TRP A CD1 1 
ATOM 811 C CD2 . TRP A 1 106 ? 13.381  -0.095  1.656   1.00 46.67  ? 106 TRP A CD2 1 
ATOM 812 N NE1 . TRP A 1 106 ? 12.016  0.056   -0.122  1.00 46.89  ? 106 TRP A NE1 1 
ATOM 813 C CE2 . TRP A 1 106 ? 13.293  0.308   0.304   1.00 49.46  ? 106 TRP A CE2 1 
ATOM 814 C CE3 . TRP A 1 106 ? 14.596  0.060   2.331   1.00 48.37  ? 106 TRP A CE3 1 
ATOM 815 C CZ2 . TRP A 1 106 ? 14.375  0.856   -0.381  1.00 44.72  ? 106 TRP A CZ2 1 
ATOM 816 C CZ3 . TRP A 1 106 ? 15.671  0.604   1.651   1.00 46.40  ? 106 TRP A CZ3 1 
ATOM 817 C CH2 . TRP A 1 106 ? 15.555  0.996   0.307   1.00 46.31  ? 106 TRP A CH2 1 
ATOM 818 N N   . LEU A 1 107 ? 10.239  1.949   3.279   1.00 50.97  ? 107 LEU A N   1 
ATOM 819 C CA  . LEU A 1 107 ? 9.204   2.738   2.638   1.00 51.56  ? 107 LEU A CA  1 
ATOM 820 C C   . LEU A 1 107 ? 9.588   2.956   1.193   1.00 48.82  ? 107 LEU A C   1 
ATOM 821 O O   . LEU A 1 107 ? 10.747  3.200   0.881   1.00 50.49  ? 107 LEU A O   1 
ATOM 822 C CB  . LEU A 1 107 ? 9.052   4.107   3.297   1.00 33.57  ? 107 LEU A CB  1 
ATOM 823 C CG  . LEU A 1 107 ? 8.151   5.103   2.539   1.00 36.49  ? 107 LEU A CG  1 
ATOM 824 C CD1 . LEU A 1 107 ? 6.710   4.601   2.511   1.00 32.19  ? 107 LEU A CD1 1 
ATOM 825 C CD2 . LEU A 1 107 ? 8.208   6.467   3.211   1.00 31.04  ? 107 LEU A CD2 1 
ATOM 826 N N   . ASP A 1 108 ? 8.611   2.843   0.308   1.00 40.96  ? 108 ASP A N   1 
ATOM 827 C CA  . ASP A 1 108 ? 8.851   3.087   -1.098  1.00 40.72  ? 108 ASP A CA  1 
ATOM 828 C C   . ASP A 1 108 ? 8.597   4.579   -1.273  1.00 40.95  ? 108 ASP A C   1 
ATOM 829 O O   . ASP A 1 108 ? 7.476   5.056   -1.076  1.00 42.93  ? 108 ASP A O   1 
ATOM 830 C CB  . ASP A 1 108 ? 7.887   2.268   -1.957  1.00 56.00  ? 108 ASP A CB  1 
ATOM 831 C CG  . ASP A 1 108 ? 7.937   2.662   -3.414  1.00 54.99  ? 108 ASP A CG  1 
ATOM 832 O OD1 . ASP A 1 108 ? 9.038   3.030   -3.881  1.00 55.92  ? 108 ASP A OD1 1 
ATOM 833 O OD2 . ASP A 1 108 ? 6.891   2.600   -4.093  1.00 55.35  ? 108 ASP A OD2 1 
ATOM 834 N N   . VAL A 1 109 ? 9.640   5.320   -1.627  1.00 51.89  ? 109 VAL A N   1 
ATOM 835 C CA  . VAL A 1 109 ? 9.509   6.765   -1.790  1.00 50.98  ? 109 VAL A CA  1 
ATOM 836 C C   . VAL A 1 109 ? 8.968   7.236   -3.143  1.00 51.51  ? 109 VAL A C   1 
ATOM 837 O O   . VAL A 1 109 ? 8.661   8.414   -3.309  1.00 50.57  ? 109 VAL A O   1 
ATOM 838 C CB  . VAL A 1 109 ? 10.849  7.457   -1.523  1.00 46.53  ? 109 VAL A CB  1 
ATOM 839 C CG1 . VAL A 1 109 ? 11.317  7.125   -0.117  1.00 44.95  ? 109 VAL A CG1 1 
ATOM 840 C CG2 . VAL A 1 109 ? 11.881  7.015   -2.561  1.00 42.69  ? 109 VAL A CG2 1 
ATOM 841 N N   . LYS A 1 110 ? 8.848   6.321   -4.101  1.00 63.80  ? 110 LYS A N   1 
ATOM 842 C CA  . LYS A 1 110 ? 8.322   6.669   -5.418  1.00 67.06  ? 110 LYS A CA  1 
ATOM 843 C C   . LYS A 1 110 ? 6.795   6.542   -5.410  1.00 63.48  ? 110 LYS A C   1 
ATOM 844 O O   . LYS A 1 110 ? 6.089   7.480   -5.769  1.00 65.56  ? 110 LYS A O   1 
ATOM 845 C CB  . LYS A 1 110 ? 8.938   5.766   -6.491  1.00 29.65  ? 110 LYS A CB  1 
ATOM 846 N N   . GLY A 1 111 ? 6.287   5.384   -4.998  1.00 50.29  ? 111 GLY A N   1 
ATOM 847 C CA  . GLY A 1 111 ? 4.847   5.182   -4.926  1.00 51.79  ? 111 GLY A CA  1 
ATOM 848 C C   . GLY A 1 111 ? 4.104   5.103   -6.244  1.00 51.42  ? 111 GLY A C   1 
ATOM 849 O O   . GLY A 1 111 ? 4.705   5.197   -7.314  1.00 48.83  ? 111 GLY A O   1 
ATOM 850 N N   . THR A 1 112 ? 2.787   4.920   -6.165  1.00 39.16  ? 112 THR A N   1 
ATOM 851 C CA  . THR A 1 112 ? 1.940   4.829   -7.351  1.00 41.17  ? 112 THR A CA  1 
ATOM 852 C C   . THR A 1 112 ? 0.967   5.991   -7.349  1.00 37.63  ? 112 THR A C   1 
ATOM 853 O O   . THR A 1 112 ? 0.428   6.343   -6.303  1.00 37.00  ? 112 THR A O   1 
ATOM 854 C CB  . THR A 1 112 ? 1.111   3.528   -7.377  1.00 46.13  ? 112 THR A CB  1 
ATOM 855 O OG1 . THR A 1 112 ? 1.984   2.401   -7.471  1.00 41.91  ? 112 THR A OG1 1 
ATOM 856 C CG2 . THR A 1 112 ? 0.181   3.517   -8.571  1.00 44.45  ? 112 THR A CG2 1 
ATOM 857 N N   . THR A 1 113 ? 0.758   6.592   -8.520  1.00 50.55  ? 113 THR A N   1 
ATOM 858 C CA  . THR A 1 113 ? -0.173  7.709   -8.651  1.00 49.15  ? 113 THR A CA  1 
ATOM 859 C C   . THR A 1 113 ? -1.456  7.204   -9.282  1.00 51.98  ? 113 THR A C   1 
ATOM 860 O O   . THR A 1 113 ? -1.451  6.640   -10.372 1.00 49.06  ? 113 THR A O   1 
ATOM 861 C CB  . THR A 1 113 ? 0.400   8.862   -9.517  1.00 48.93  ? 113 THR A CB  1 
ATOM 862 O OG1 . THR A 1 113 ? 1.414   9.557   -8.780  1.00 46.38  ? 113 THR A OG1 1 
ATOM 863 C CG2 . THR A 1 113 ? -0.696  9.853   -9.882  1.00 46.70  ? 113 THR A CG2 1 
ATOM 864 N N   . VAL A 1 114 ? -2.553  7.410   -8.574  1.00 54.13  ? 114 VAL A N   1 
ATOM 865 C CA  . VAL A 1 114 ? -3.848  6.970   -9.038  1.00 51.48  ? 114 VAL A CA  1 
ATOM 866 C C   . VAL A 1 114 ? -4.622  8.156   -9.576  1.00 53.92  ? 114 VAL A C   1 
ATOM 867 O O   . VAL A 1 114 ? -4.761  9.180   -8.907  1.00 56.76  ? 114 VAL A O   1 
ATOM 868 C CB  . VAL A 1 114 ? -4.643  6.318   -7.879  1.00 36.75  ? 114 VAL A CB  1 
ATOM 869 C CG1 . VAL A 1 114 ? -6.013  5.905   -8.329  1.00 32.55  ? 114 VAL A CG1 1 
ATOM 870 C CG2 . VAL A 1 114 ? -3.915  5.105   -7.393  1.00 33.08  ? 114 VAL A CG2 1 
ATOM 871 N N   . THR A 1 115 ? -5.113  8.022   -10.800 1.00 71.90  ? 115 THR A N   1 
ATOM 872 C CA  . THR A 1 115 ? -5.900  9.074   -11.409 1.00 71.79  ? 115 THR A CA  1 
ATOM 873 C C   . THR A 1 115 ? -7.273  8.496   -11.678 1.00 71.94  ? 115 THR A C   1 
ATOM 874 O O   . THR A 1 115 ? -7.422  7.587   -12.496 1.00 70.70  ? 115 THR A O   1 
ATOM 875 C CB  . THR A 1 115 ? -5.292  9.550   -12.729 1.00 78.96  ? 115 THR A CB  1 
ATOM 876 O OG1 . THR A 1 115 ? -3.989  10.089  -12.485 1.00 81.61  ? 115 THR A OG1 1 
ATOM 877 C CG2 . THR A 1 115 ? -6.173  10.618  -13.352 1.00 77.01  ? 115 THR A CG2 1 
ATOM 878 N N   . VAL A 1 116 ? -8.268  9.020   -10.973 1.00 86.39  ? 116 VAL A N   1 
ATOM 879 C CA  . VAL A 1 116 ? -9.637  8.554   -11.122 1.00 85.83  ? 116 VAL A CA  1 
ATOM 880 C C   . VAL A 1 116 ? -10.366 9.340   -12.199 1.00 88.81  ? 116 VAL A C   1 
ATOM 881 O O   . VAL A 1 116 ? -10.851 10.444  -11.949 1.00 71.70  ? 116 VAL A O   1 
ATOM 882 C CB  . VAL A 1 116 ? -10.399 8.683   -9.798  1.00 66.42  ? 116 VAL A CB  1 
ATOM 883 C CG1 . VAL A 1 116 ? -11.821 8.163   -9.961  1.00 65.41  ? 116 VAL A CG1 1 
ATOM 884 C CG2 . VAL A 1 116 ? -9.664  7.919   -8.714  1.00 66.89  ? 116 VAL A CG2 1 
ATOM 885 N N   . THR A 1 117 ? -10.447 8.749   -13.390 1.00 100.42 ? 117 THR A N   1 
ATOM 886 C CA  . THR A 1 117 ? -11.093 9.358   -14.555 1.00 100.42 ? 117 THR A CA  1 
ATOM 887 C C   . THR A 1 117 ? -12.618 9.459   -14.453 1.00 100.42 ? 117 THR A C   1 
ATOM 888 O O   . THR A 1 117 ? -13.262 8.648   -13.783 1.00 95.74  ? 117 THR A O   1 
ATOM 889 C CB  . THR A 1 117 ? -10.742 8.572   -15.837 1.00 95.62  ? 117 THR A CB  1 
ATOM 890 O OG1 . THR A 1 117 ? -9.318  8.461   -15.955 1.00 99.72  ? 117 THR A OG1 1 
ATOM 891 C CG2 . THR A 1 117 ? -11.284 9.279   -17.067 1.00 99.14  ? 117 THR A CG2 1 
ATOM 892 N N   . THR A 1 118 ? -13.170 10.464  -15.142 1.00 100.42 ? 118 THR A N   1 
ATOM 893 C CA  . THR A 1 118 ? -14.609 10.770  -15.199 1.00 100.42 ? 118 THR A CA  1 
ATOM 894 C C   . THR A 1 118 ? -15.555 9.800   -14.490 1.00 100.42 ? 118 THR A C   1 
ATOM 895 O O   . THR A 1 118 ? -16.238 9.018   -15.191 1.00 100.42 ? 118 THR A O   1 
ATOM 896 C CB  . THR A 1 118 ? -15.096 10.937  -16.673 1.00 59.73  ? 118 THR A CB  1 
ATOM 897 O OG1 . THR A 1 118 ? -15.008 9.685   -17.376 1.00 62.07  ? 118 THR A OG1 1 
ATOM 898 C CG2 . THR A 1 118 ? -14.246 11.986  -17.387 1.00 60.40  ? 118 THR A CG2 1 
ATOM 899 N N   . ASP A 1 119 ? -15.604 9.839   -13.239 1.00 100.42 ? 119 ASP A N   1 
# 
